data_6D9Z
#
_entry.id   6D9Z
#
_cell.length_a   225.130
_cell.length_b   225.130
_cell.length_c   96.620
_cell.angle_alpha   90.000
_cell.angle_beta   90.000
_cell.angle_gamma   120.000
#
_symmetry.space_group_name_H-M   'P 63'
#
loop_
_entity.id
_entity.type
_entity.pdbx_description
1 polymer 'Sulfate transporter CysZ'
2 non-polymer 'octyl beta-D-glucopyranoside'
#
_entity_poly.entity_id   1
_entity_poly.type   'polypeptide(L)'
_entity_poly.pdbx_seq_one_letter_code
;MSTLSGPQYLGEGLKLMMRPGLRLFVLLPLSINLILFIGLIGFAINQFSHWVDWLMPSLPEWLSFLQFILWPLFVTLVLL
IVFFTFTLIANLIAAPFNGFLAEKVEVVVRGTDDFPAFSWAELMAMVPRTIGRELRKLGYFLPRAIALFILSLIPGLNLI
AAPLWLLFGVWMMAVQYIDYPADNHKLGWNEMLAWLRSKRWACMGFGGITYLVLLIPLVNLVAMPAAVAGAVLFWVREGG
DQALVK
;
_entity_poly.pdbx_strand_id   F,A,B,C,D,E
#
loop_
_chem_comp.id
_chem_comp.type
_chem_comp.name
_chem_comp.formula
BOG D-saccharide 'octyl beta-D-glucopyranoside' 'C14 H28 O6'
#
# COMPACT_ATOMS: atom_id res chain seq x y z
N THR A 3 19.75 -38.91 2.78
CA THR A 3 18.53 -39.11 3.54
C THR A 3 17.77 -37.80 3.85
N LEU A 4 18.48 -36.74 4.19
CA LEU A 4 17.88 -35.55 4.80
C LEU A 4 17.56 -34.40 3.85
N SER A 5 17.88 -34.48 2.56
CA SER A 5 17.89 -33.29 1.71
C SER A 5 16.82 -32.22 2.00
N GLY A 6 17.16 -30.97 1.71
CA GLY A 6 16.29 -29.84 1.97
C GLY A 6 16.63 -29.18 3.30
N PRO A 7 15.63 -28.52 3.91
CA PRO A 7 15.86 -27.83 5.20
C PRO A 7 16.09 -28.72 6.42
N GLN A 8 15.83 -30.04 6.31
CA GLN A 8 15.82 -30.91 7.47
C GLN A 8 17.07 -30.82 8.32
N TYR A 9 18.19 -30.50 7.69
CA TYR A 9 19.47 -30.36 8.41
C TYR A 9 19.33 -29.47 9.64
N LEU A 10 18.68 -28.32 9.49
CA LEU A 10 18.55 -27.43 10.65
C LEU A 10 17.99 -28.19 11.84
N GLY A 11 16.85 -28.85 11.64
CA GLY A 11 16.30 -29.67 12.69
C GLY A 11 17.33 -30.62 13.28
N GLU A 12 17.99 -31.36 12.41
CA GLU A 12 18.96 -32.32 12.91
C GLU A 12 20.05 -31.60 13.69
N GLY A 13 20.48 -30.43 13.21
CA GLY A 13 21.43 -29.63 13.97
C GLY A 13 20.97 -29.38 15.39
N LEU A 14 19.68 -29.02 15.55
CA LEU A 14 19.13 -28.89 16.89
C LEU A 14 19.34 -30.17 17.69
N LYS A 15 18.94 -31.32 17.13
CA LYS A 15 19.16 -32.57 17.84
C LYS A 15 20.59 -32.65 18.34
N LEU A 16 21.55 -32.40 17.45
CA LEU A 16 22.95 -32.57 17.82
C LEU A 16 23.32 -31.68 18.99
N MET A 17 22.78 -30.46 19.02
CA MET A 17 23.14 -29.52 20.06
C MET A 17 22.48 -29.86 21.38
N MET A 18 21.42 -30.69 21.35
CA MET A 18 20.72 -31.05 22.57
C MET A 18 21.49 -32.07 23.40
N ARG A 19 22.36 -32.86 22.80
CA ARG A 19 22.94 -33.94 23.56
C ARG A 19 24.03 -33.42 24.51
N PRO A 20 24.22 -34.07 25.65
CA PRO A 20 25.24 -33.61 26.61
C PRO A 20 26.61 -33.51 25.98
N GLY A 21 27.38 -32.53 26.44
CA GLY A 21 28.74 -32.33 25.97
C GLY A 21 28.83 -31.35 24.83
N LEU A 22 27.78 -31.25 24.03
CA LEU A 22 27.59 -30.16 23.09
C LEU A 22 26.55 -29.16 23.60
N ARG A 23 26.02 -29.38 24.81
CA ARG A 23 24.84 -28.67 25.26
C ARG A 23 25.16 -27.26 25.72
N LEU A 24 26.36 -27.04 26.27
CA LEU A 24 26.70 -25.71 26.78
C LEU A 24 27.08 -24.72 25.68
N PHE A 25 27.59 -25.19 24.54
CA PHE A 25 28.02 -24.23 23.51
C PHE A 25 26.84 -23.44 22.94
N VAL A 26 25.60 -23.89 23.18
CA VAL A 26 24.46 -23.09 22.74
C VAL A 26 24.48 -21.72 23.42
N LEU A 27 25.07 -21.65 24.61
CA LEU A 27 25.19 -20.39 25.34
C LEU A 27 26.29 -19.45 24.81
N LEU A 28 27.15 -19.88 23.87
CA LEU A 28 28.22 -18.99 23.41
C LEU A 28 27.73 -17.76 22.66
N PRO A 29 26.84 -17.86 21.67
CA PRO A 29 26.42 -16.62 21.01
C PRO A 29 25.69 -15.70 21.98
N LEU A 30 24.67 -16.21 22.67
CA LEU A 30 23.92 -15.38 23.61
C LEU A 30 24.88 -14.68 24.57
N SER A 31 25.73 -15.44 25.24
CA SER A 31 26.67 -14.86 26.20
C SER A 31 27.54 -13.79 25.54
N ILE A 32 28.03 -14.03 24.33
CA ILE A 32 28.80 -12.99 23.64
C ILE A 32 27.99 -11.69 23.58
N ASN A 33 26.82 -11.73 22.92
CA ASN A 33 26.02 -10.51 22.80
C ASN A 33 25.66 -9.89 24.13
N LEU A 34 25.56 -10.69 25.20
CA LEU A 34 25.39 -10.10 26.52
C LEU A 34 26.61 -9.26 26.86
N ILE A 35 27.76 -9.92 26.95
CA ILE A 35 28.97 -9.25 27.38
C ILE A 35 29.21 -8.03 26.52
N LEU A 36 29.24 -8.22 25.20
CA LEU A 36 29.46 -7.12 24.28
C LEU A 36 28.54 -5.95 24.61
N PHE A 37 27.23 -6.20 24.68
CA PHE A 37 26.31 -5.11 25.01
C PHE A 37 26.68 -4.51 26.35
N ILE A 38 26.81 -5.34 27.39
CA ILE A 38 27.08 -4.80 28.71
C ILE A 38 28.28 -3.85 28.66
N GLY A 39 29.33 -4.21 27.91
CA GLY A 39 30.50 -3.34 27.88
C GLY A 39 30.23 -2.07 27.09
N LEU A 40 29.66 -2.22 25.91
CA LEU A 40 29.55 -1.10 24.98
C LEU A 40 28.52 -0.07 25.42
N ILE A 41 27.34 -0.52 25.90
CA ILE A 41 26.18 0.32 26.12
C ILE A 41 26.61 1.59 26.81
N GLY A 42 27.36 1.44 27.90
CA GLY A 42 27.83 2.58 28.66
C GLY A 42 28.40 3.67 27.78
N PHE A 43 29.55 3.36 27.17
CA PHE A 43 30.18 4.30 26.24
C PHE A 43 29.17 4.84 25.23
N ALA A 44 28.40 3.96 24.62
CA ALA A 44 27.43 4.38 23.59
C ALA A 44 26.53 5.48 24.10
N ILE A 45 26.00 5.32 25.31
CA ILE A 45 25.06 6.29 25.88
C ILE A 45 25.69 7.66 25.87
N ASN A 46 26.93 7.75 26.34
CA ASN A 46 27.58 9.05 26.40
C ASN A 46 27.89 9.60 25.02
N GLN A 47 28.29 8.74 24.08
CA GLN A 47 28.76 9.24 22.80
C GLN A 47 27.61 9.54 21.85
N PHE A 48 26.47 8.86 22.02
CA PHE A 48 25.39 8.96 21.06
C PHE A 48 25.04 10.41 20.76
N SER A 49 24.80 11.18 21.82
CA SER A 49 24.41 12.59 21.71
C SER A 49 25.37 13.36 20.82
N HIS A 50 26.68 13.13 21.00
CA HIS A 50 27.70 13.84 20.24
C HIS A 50 27.70 13.42 18.77
N TRP A 51 27.52 12.14 18.50
CA TRP A 51 27.67 11.63 17.13
C TRP A 51 26.66 12.28 16.19
N VAL A 52 25.41 12.41 16.62
CA VAL A 52 24.40 13.05 15.78
C VAL A 52 24.77 14.50 15.57
N ASP A 53 25.25 15.19 16.61
CA ASP A 53 25.59 16.60 16.43
C ASP A 53 26.67 16.72 15.36
N TRP A 54 27.54 15.71 15.24
CA TRP A 54 28.59 15.78 14.24
C TRP A 54 28.01 15.64 12.84
N LEU A 55 27.12 14.67 12.64
CA LEU A 55 26.50 14.49 11.33
C LEU A 55 25.58 15.63 10.98
N MET A 56 25.08 16.35 11.94
CA MET A 56 24.13 17.38 11.59
C MET A 56 24.87 18.60 11.06
N PRO A 57 24.49 19.13 9.90
CA PRO A 57 25.23 20.25 9.32
C PRO A 57 25.07 21.51 10.14
N SER A 58 26.10 22.36 10.07
CA SER A 58 26.05 23.67 10.69
C SER A 58 25.23 24.61 9.81
N LEU A 59 24.15 25.15 10.36
CA LEU A 59 23.23 25.91 9.53
C LEU A 59 23.11 27.37 9.95
N PRO A 60 22.76 28.25 8.99
CA PRO A 60 22.52 29.67 9.31
C PRO A 60 21.20 29.90 10.05
N GLU A 61 20.89 31.17 10.33
CA GLU A 61 19.71 31.47 11.15
C GLU A 61 18.41 31.07 10.43
N TRP A 62 18.22 31.48 9.16
CA TRP A 62 16.91 31.31 8.55
C TRP A 62 16.56 29.84 8.36
N LEU A 63 17.56 29.01 8.10
CA LEU A 63 17.36 27.58 7.93
C LEU A 63 17.39 26.80 9.25
N SER A 64 17.49 27.50 10.39
CA SER A 64 17.65 26.82 11.68
C SER A 64 16.47 25.90 12.00
N PHE A 65 15.27 26.26 11.51
CA PHE A 65 14.11 25.40 11.69
C PHE A 65 14.33 24.01 11.10
N LEU A 66 15.18 23.90 10.09
CA LEU A 66 15.50 22.61 9.52
C LEU A 66 16.07 21.67 10.57
N GLN A 67 16.80 22.19 11.57
CA GLN A 67 17.32 21.29 12.59
C GLN A 67 16.19 20.51 13.23
N PHE A 68 15.03 21.16 13.45
CA PHE A 68 13.91 20.46 14.07
C PHE A 68 13.48 19.26 13.24
N ILE A 69 13.59 19.35 11.91
CA ILE A 69 13.26 18.20 11.07
C ILE A 69 14.48 17.31 10.81
N LEU A 70 15.70 17.87 10.81
CA LEU A 70 16.89 17.01 10.59
C LEU A 70 17.25 16.18 11.82
N TRP A 71 16.85 16.59 13.02
CA TRP A 71 17.18 15.85 14.23
C TRP A 71 16.72 14.40 14.16
N PRO A 72 15.44 14.11 13.95
CA PRO A 72 15.05 12.70 13.86
C PRO A 72 15.86 11.89 12.85
N LEU A 73 16.03 12.38 11.64
CA LEU A 73 16.74 11.63 10.62
C LEU A 73 18.11 11.22 11.12
N PHE A 74 18.97 12.19 11.42
CA PHE A 74 20.29 11.84 11.93
C PHE A 74 20.18 10.97 13.16
N VAL A 75 19.27 11.27 14.09
CA VAL A 75 19.14 10.39 15.26
C VAL A 75 18.82 8.97 14.80
N THR A 76 17.90 8.83 13.86
CA THR A 76 17.69 7.52 13.23
C THR A 76 18.99 6.97 12.65
N LEU A 77 19.61 7.72 11.74
CA LEU A 77 20.76 7.17 11.04
C LEU A 77 21.79 6.62 12.01
N VAL A 78 22.21 7.42 12.98
CA VAL A 78 23.21 6.98 13.94
C VAL A 78 22.77 5.68 14.58
N LEU A 79 21.53 5.63 15.06
CA LEU A 79 21.00 4.39 15.62
C LEU A 79 21.25 3.22 14.68
N LEU A 80 20.81 3.34 13.43
CA LEU A 80 21.07 2.27 12.46
C LEU A 80 22.53 1.87 12.47
N ILE A 81 23.41 2.85 12.24
CA ILE A 81 24.85 2.58 12.23
C ILE A 81 25.25 1.90 13.53
N VAL A 82 24.85 2.50 14.65
CA VAL A 82 25.18 1.95 15.97
C VAL A 82 24.71 0.52 16.10
N PHE A 83 23.54 0.22 15.55
CA PHE A 83 23.05 -1.14 15.49
C PHE A 83 23.96 -2.03 14.63
N PHE A 84 24.16 -1.68 13.35
CA PHE A 84 24.93 -2.56 12.46
C PHE A 84 26.30 -2.84 13.04
N THR A 85 27.04 -1.79 13.38
CA THR A 85 28.32 -1.96 14.04
C THR A 85 28.24 -3.05 15.10
N PHE A 86 27.28 -2.92 16.01
CA PHE A 86 27.13 -3.91 17.08
C PHE A 86 27.09 -5.30 16.48
N THR A 87 26.06 -5.59 15.67
CA THR A 87 25.96 -6.87 15.01
C THR A 87 27.26 -7.23 14.30
N LEU A 88 27.80 -6.28 13.52
CA LEU A 88 29.06 -6.51 12.80
C LEU A 88 30.16 -6.97 13.73
N ILE A 89 30.33 -6.29 14.86
CA ILE A 89 31.35 -6.67 15.82
C ILE A 89 31.01 -8.03 16.43
N ALA A 90 29.74 -8.21 16.80
CA ALA A 90 29.30 -9.45 17.44
C ALA A 90 29.59 -10.67 16.58
N ASN A 91 29.08 -10.66 15.34
CA ASN A 91 29.40 -11.73 14.38
C ASN A 91 30.91 -11.97 14.29
N LEU A 92 31.72 -10.90 14.19
CA LEU A 92 33.16 -11.09 14.16
C LEU A 92 33.62 -11.89 15.38
N ILE A 93 33.22 -11.46 16.57
CA ILE A 93 33.62 -12.17 17.78
C ILE A 93 33.00 -13.57 17.82
N ALA A 94 31.82 -13.74 17.23
CA ALA A 94 31.21 -15.07 17.14
C ALA A 94 31.87 -15.94 16.08
N ALA A 95 32.70 -15.36 15.22
CA ALA A 95 33.24 -16.15 14.11
C ALA A 95 34.04 -17.32 14.63
N PRO A 96 35.10 -17.14 15.42
CA PRO A 96 35.93 -18.30 15.80
C PRO A 96 35.15 -19.36 16.58
N PHE A 97 34.37 -18.93 17.58
CA PHE A 97 33.58 -19.85 18.38
C PHE A 97 32.71 -20.75 17.50
N ASN A 98 32.11 -20.19 16.45
CA ASN A 98 31.37 -21.00 15.47
C ASN A 98 32.28 -21.99 14.77
N GLY A 99 33.39 -21.52 14.21
CA GLY A 99 34.30 -22.42 13.54
C GLY A 99 34.74 -23.53 14.47
N PHE A 100 35.23 -23.15 15.66
CA PHE A 100 35.60 -24.14 16.66
C PHE A 100 34.45 -25.12 16.94
N LEU A 101 33.21 -24.66 16.90
CA LEU A 101 32.09 -25.59 17.07
C LEU A 101 31.94 -26.50 15.86
N ALA A 102 32.01 -25.94 14.65
CA ALA A 102 31.77 -26.75 13.46
C ALA A 102 32.73 -27.94 13.42
N GLU A 103 33.99 -27.70 13.79
CA GLU A 103 34.95 -28.79 13.97
C GLU A 103 34.48 -29.76 15.06
N LYS A 104 34.24 -29.24 16.26
CA LYS A 104 33.94 -30.13 17.39
C LYS A 104 32.61 -30.83 17.18
N VAL A 105 31.66 -30.21 16.48
CA VAL A 105 30.44 -30.95 16.12
C VAL A 105 30.79 -32.07 15.18
N GLU A 106 31.68 -31.80 14.21
CA GLU A 106 31.98 -32.80 13.19
C GLU A 106 32.50 -34.09 13.83
N VAL A 107 33.44 -33.99 14.78
CA VAL A 107 33.98 -35.20 15.39
C VAL A 107 32.87 -35.98 16.07
N VAL A 108 31.84 -35.28 16.56
CA VAL A 108 30.72 -35.99 17.17
C VAL A 108 29.84 -36.62 16.10
N VAL A 109 29.70 -35.95 14.95
CA VAL A 109 28.88 -36.49 13.86
C VAL A 109 29.49 -37.77 13.30
N ARG A 110 30.82 -37.80 13.23
CA ARG A 110 31.55 -38.96 12.72
C ARG A 110 31.97 -39.92 13.81
N GLY A 111 31.66 -39.61 15.07
CA GLY A 111 31.80 -40.55 16.17
C GLY A 111 33.16 -40.63 16.84
N THR A 112 34.12 -39.81 16.44
CA THR A 112 35.49 -39.91 16.98
C THR A 112 35.50 -39.78 18.50
N ASP A 113 34.88 -38.70 19.01
CA ASP A 113 34.80 -38.42 20.45
C ASP A 113 33.37 -38.00 20.74
N ASP A 114 32.67 -38.78 21.57
CA ASP A 114 31.28 -38.47 21.90
C ASP A 114 31.15 -37.26 22.84
N PHE A 115 32.22 -36.91 23.54
CA PHE A 115 32.25 -35.76 24.45
C PHE A 115 33.47 -34.90 24.10
N PRO A 116 33.33 -33.97 23.16
CA PRO A 116 34.43 -33.05 22.86
C PRO A 116 34.61 -32.02 23.97
N ALA A 117 35.84 -31.58 24.15
CA ALA A 117 36.19 -30.63 25.20
C ALA A 117 36.42 -29.24 24.62
N PHE A 118 36.27 -28.22 25.45
CA PHE A 118 36.58 -26.84 25.07
C PHE A 118 37.96 -26.47 25.60
N SER A 119 38.84 -26.01 24.71
CA SER A 119 40.15 -25.51 25.11
C SER A 119 40.41 -24.20 24.35
N TRP A 120 40.76 -23.16 25.11
CA TRP A 120 41.05 -21.87 24.51
C TRP A 120 42.23 -21.92 23.55
N ALA A 121 43.11 -22.91 23.70
CA ALA A 121 44.31 -22.96 22.87
C ALA A 121 43.97 -23.02 21.38
N GLU A 122 43.28 -24.06 20.95
CA GLU A 122 43.01 -24.18 19.52
C GLU A 122 41.98 -23.15 19.05
N LEU A 123 41.17 -22.59 19.95
CA LEU A 123 40.30 -21.47 19.58
C LEU A 123 41.13 -20.26 19.18
N MET A 124 41.94 -19.74 20.11
CA MET A 124 42.82 -18.63 19.78
C MET A 124 43.67 -18.96 18.57
N ALA A 125 44.08 -20.21 18.40
CA ALA A 125 44.79 -20.57 17.18
C ALA A 125 43.92 -20.39 15.96
N MET A 126 42.61 -20.57 16.12
CA MET A 126 41.68 -20.41 15.00
C MET A 126 41.45 -18.94 14.66
N VAL A 127 41.47 -18.07 15.66
CA VAL A 127 40.97 -16.70 15.54
C VAL A 127 41.33 -16.02 14.24
N PRO A 128 42.62 -15.87 13.88
CA PRO A 128 42.92 -15.03 12.71
C PRO A 128 42.31 -15.54 11.42
N ARG A 129 42.36 -16.84 11.17
CA ARG A 129 41.83 -17.38 9.91
C ARG A 129 40.33 -17.18 9.83
N THR A 130 39.63 -17.48 10.94
CA THR A 130 38.17 -17.46 10.97
C THR A 130 37.63 -16.03 10.90
N ILE A 131 38.31 -15.09 11.57
CA ILE A 131 38.01 -13.66 11.39
C ILE A 131 38.25 -13.24 9.95
N GLY A 132 39.36 -13.69 9.36
CA GLY A 132 39.61 -13.45 7.96
C GLY A 132 38.51 -13.96 7.04
N ARG A 133 37.94 -15.13 7.35
CA ARG A 133 36.89 -15.69 6.52
C ARG A 133 35.58 -14.94 6.73
N GLU A 134 35.25 -14.59 7.98
CA GLU A 134 34.07 -13.74 8.20
C GLU A 134 34.19 -12.44 7.43
N LEU A 135 35.42 -11.95 7.28
CA LEU A 135 35.65 -10.79 6.44
C LEU A 135 35.44 -11.11 4.98
N ARG A 136 35.89 -12.27 4.51
CA ARG A 136 35.62 -12.66 3.13
C ARG A 136 34.12 -12.77 2.87
N LYS A 137 33.36 -13.24 3.88
CA LYS A 137 31.90 -13.35 3.76
C LYS A 137 31.24 -11.99 3.69
N LEU A 138 31.56 -11.10 4.65
CA LEU A 138 31.08 -9.72 4.59
C LEU A 138 31.45 -9.05 3.27
N GLY A 139 32.65 -9.32 2.76
CA GLY A 139 33.05 -8.80 1.47
C GLY A 139 32.22 -9.36 0.32
N TYR A 140 31.76 -10.61 0.45
CA TYR A 140 30.85 -11.16 -0.55
C TYR A 140 29.48 -10.53 -0.43
N PHE A 141 29.00 -10.37 0.80
CA PHE A 141 27.61 -10.03 1.07
C PHE A 141 27.33 -8.53 0.92
N LEU A 142 28.07 -7.70 1.63
CA LEU A 142 27.79 -6.27 1.73
C LEU A 142 27.69 -5.56 0.38
N PRO A 143 28.49 -5.90 -0.64
CA PRO A 143 28.34 -5.22 -1.95
C PRO A 143 27.07 -5.59 -2.69
N ARG A 144 26.75 -6.88 -2.72
CA ARG A 144 25.50 -7.33 -3.32
C ARG A 144 24.28 -6.84 -2.52
N ALA A 145 24.39 -6.80 -1.19
CA ALA A 145 23.33 -6.22 -0.37
C ALA A 145 23.08 -4.76 -0.74
N ILE A 146 24.11 -3.92 -0.63
CA ILE A 146 23.99 -2.53 -1.06
C ILE A 146 23.41 -2.44 -2.48
N ALA A 147 23.93 -3.22 -3.43
CA ALA A 147 23.40 -3.19 -4.78
C ALA A 147 21.88 -3.35 -4.79
N LEU A 148 21.40 -4.37 -4.08
CA LEU A 148 19.96 -4.60 -4.00
C LEU A 148 19.24 -3.42 -3.38
N PHE A 149 19.84 -2.80 -2.38
CA PHE A 149 19.18 -1.70 -1.69
C PHE A 149 19.03 -0.47 -2.60
N ILE A 150 20.12 -0.06 -3.24
CA ILE A 150 20.07 0.98 -4.26
C ILE A 150 19.01 0.63 -5.29
N LEU A 151 18.95 -0.65 -5.68
CA LEU A 151 17.93 -1.11 -6.63
C LEU A 151 16.52 -0.91 -6.08
N SER A 152 16.37 -0.96 -4.75
CA SER A 152 15.07 -0.76 -4.11
C SER A 152 14.66 0.70 -4.08
N LEU A 153 15.63 1.61 -3.99
CA LEU A 153 15.32 3.03 -3.96
C LEU A 153 14.91 3.56 -5.32
N ILE A 154 15.14 2.79 -6.37
CA ILE A 154 14.68 3.13 -7.73
C ILE A 154 13.17 2.87 -7.83
N PRO A 155 12.37 3.86 -8.23
CA PRO A 155 10.92 3.68 -8.19
C PRO A 155 10.42 2.52 -9.01
N GLY A 156 10.97 2.31 -10.21
CA GLY A 156 10.46 1.24 -11.05
C GLY A 156 10.95 -0.13 -10.61
N LEU A 157 12.23 -0.19 -10.21
CA LEU A 157 12.92 -1.46 -9.97
C LEU A 157 12.78 -2.01 -8.56
N ASN A 158 12.22 -1.23 -7.62
CA ASN A 158 12.07 -1.68 -6.22
C ASN A 158 11.24 -2.97 -6.11
N LEU A 159 10.22 -3.07 -6.96
CA LEU A 159 9.36 -4.23 -6.96
C LEU A 159 10.16 -5.49 -7.29
N ILE A 160 11.17 -5.38 -8.16
CA ILE A 160 12.08 -6.51 -8.40
C ILE A 160 13.18 -6.60 -7.36
N ALA A 161 13.28 -5.61 -6.47
CA ALA A 161 14.36 -5.64 -5.49
C ALA A 161 14.00 -6.52 -4.30
N ALA A 162 12.74 -6.43 -3.81
CA ALA A 162 12.38 -7.22 -2.62
C ALA A 162 12.62 -8.74 -2.75
N PRO A 163 12.13 -9.38 -3.84
CA PRO A 163 12.34 -10.83 -3.97
C PRO A 163 13.80 -11.21 -4.04
N LEU A 164 14.58 -10.46 -4.83
CA LEU A 164 16.01 -10.69 -4.91
C LEU A 164 16.67 -10.58 -3.53
N TRP A 165 16.28 -9.59 -2.72
CA TRP A 165 16.84 -9.50 -1.38
C TRP A 165 16.59 -10.76 -0.59
N LEU A 166 15.32 -11.20 -0.53
CA LEU A 166 15.04 -12.44 0.21
C LEU A 166 15.88 -13.61 -0.29
N LEU A 167 15.81 -13.90 -1.59
CA LEU A 167 16.54 -15.02 -2.17
C LEU A 167 18.04 -14.94 -1.89
N PHE A 168 18.63 -13.74 -1.98
CA PHE A 168 20.06 -13.63 -1.71
C PHE A 168 20.37 -13.85 -0.23
N GLY A 169 19.55 -13.28 0.67
CA GLY A 169 19.75 -13.50 2.10
C GLY A 169 19.68 -14.96 2.48
N VAL A 170 18.87 -15.74 1.75
CA VAL A 170 18.81 -17.19 1.96
C VAL A 170 20.10 -17.86 1.48
N TRP A 171 20.45 -17.62 0.22
CA TRP A 171 21.71 -18.16 -0.31
C TRP A 171 22.86 -17.83 0.65
N MET A 172 22.87 -16.59 1.17
CA MET A 172 23.87 -16.19 2.15
C MET A 172 23.78 -17.05 3.41
N MET A 173 22.58 -17.43 3.84
CA MET A 173 22.52 -18.31 5.00
C MET A 173 23.16 -19.65 4.72
N ALA A 174 23.08 -20.14 3.47
CA ALA A 174 23.84 -21.34 3.14
C ALA A 174 25.33 -21.07 3.24
N VAL A 175 25.82 -20.01 2.59
CA VAL A 175 27.27 -19.83 2.47
C VAL A 175 27.90 -19.51 3.83
N GLN A 176 27.18 -18.82 4.72
CA GLN A 176 27.74 -18.45 6.01
C GLN A 176 28.03 -19.67 6.88
N TYR A 177 27.11 -20.62 6.88
CA TYR A 177 27.21 -21.74 7.81
C TYR A 177 27.83 -22.98 7.19
N ILE A 178 27.53 -23.30 5.93
CA ILE A 178 28.19 -24.45 5.32
C ILE A 178 29.69 -24.20 5.17
N ASP A 179 30.13 -22.93 5.16
CA ASP A 179 31.55 -22.60 5.05
C ASP A 179 32.35 -23.03 6.27
N TYR A 180 31.77 -22.87 7.48
CA TYR A 180 32.49 -23.12 8.72
C TYR A 180 33.24 -24.45 8.65
N PRO A 181 32.55 -25.55 8.34
CA PRO A 181 33.29 -26.81 8.16
C PRO A 181 34.16 -26.83 6.92
N ALA A 182 33.71 -26.22 5.83
CA ALA A 182 34.50 -26.18 4.61
C ALA A 182 35.82 -25.47 4.84
N ASP A 183 35.76 -24.29 5.48
CA ASP A 183 36.98 -23.58 5.82
C ASP A 183 37.81 -24.35 6.83
N ASN A 184 37.17 -25.08 7.76
CA ASN A 184 37.95 -25.95 8.64
C ASN A 184 38.71 -26.99 7.83
N HIS A 185 38.18 -27.36 6.66
CA HIS A 185 38.83 -28.33 5.78
C HIS A 185 39.71 -27.66 4.71
N LYS A 186 40.06 -26.39 4.88
CA LYS A 186 40.97 -25.67 3.98
C LYS A 186 40.50 -25.73 2.53
N LEU A 187 39.26 -25.31 2.31
CA LEU A 187 38.70 -25.33 0.97
C LEU A 187 38.59 -23.92 0.43
N GLY A 188 38.87 -23.77 -0.86
CA GLY A 188 38.90 -22.45 -1.46
C GLY A 188 37.54 -21.79 -1.43
N TRP A 189 37.55 -20.47 -1.27
CA TRP A 189 36.29 -19.73 -1.23
C TRP A 189 35.47 -20.01 -2.50
N ASN A 190 36.04 -19.74 -3.66
CA ASN A 190 35.31 -19.99 -4.90
C ASN A 190 34.89 -21.43 -5.03
N GLU A 191 35.72 -22.35 -4.52
CA GLU A 191 35.39 -23.77 -4.61
C GLU A 191 34.13 -24.09 -3.81
N MET A 192 33.96 -23.46 -2.64
CA MET A 192 32.75 -23.70 -1.87
C MET A 192 31.55 -23.00 -2.47
N LEU A 193 31.75 -21.83 -3.08
CA LEU A 193 30.61 -21.16 -3.69
C LEU A 193 30.09 -21.97 -4.88
N ALA A 194 30.99 -22.57 -5.67
CA ALA A 194 30.57 -23.46 -6.76
C ALA A 194 30.01 -24.77 -6.23
N TRP A 195 30.59 -25.24 -5.13
CA TRP A 195 30.05 -26.40 -4.43
C TRP A 195 28.59 -26.21 -4.09
N LEU A 196 28.27 -25.11 -3.40
CA LEU A 196 26.90 -24.82 -3.02
C LEU A 196 26.04 -24.49 -4.24
N ARG A 197 26.63 -23.93 -5.29
CA ARG A 197 25.87 -23.64 -6.50
C ARG A 197 25.40 -24.91 -7.19
N SER A 198 26.18 -26.00 -7.06
CA SER A 198 25.73 -27.32 -7.53
C SER A 198 24.72 -27.96 -6.59
N LYS A 199 24.80 -27.66 -5.29
CA LYS A 199 23.85 -28.11 -4.28
C LYS A 199 22.75 -27.07 -4.04
N ARG A 200 22.51 -26.21 -5.04
CA ARG A 200 21.71 -25.01 -4.88
C ARG A 200 20.46 -25.27 -4.06
N TRP A 201 19.67 -26.26 -4.48
CA TRP A 201 18.39 -26.54 -3.85
C TRP A 201 18.55 -26.99 -2.41
N ALA A 202 19.41 -27.98 -2.16
CA ALA A 202 19.57 -28.47 -0.79
C ALA A 202 19.96 -27.32 0.13
N CYS A 203 21.14 -26.74 -0.10
CA CYS A 203 21.54 -25.63 0.77
C CYS A 203 20.67 -24.40 0.60
N MET A 204 19.89 -24.26 -0.47
CA MET A 204 18.90 -23.18 -0.49
C MET A 204 17.71 -23.48 0.44
N GLY A 205 17.34 -24.75 0.63
CA GLY A 205 16.35 -25.09 1.64
C GLY A 205 16.86 -24.95 3.07
N PHE A 206 18.05 -25.48 3.34
CA PHE A 206 18.74 -25.24 4.62
C PHE A 206 18.85 -23.75 4.93
N GLY A 207 19.37 -22.99 3.96
CA GLY A 207 19.43 -21.57 4.15
C GLY A 207 18.06 -21.00 4.42
N GLY A 208 17.04 -21.51 3.75
CA GLY A 208 15.71 -20.95 3.89
C GLY A 208 15.17 -21.03 5.30
N ILE A 209 15.13 -22.25 5.85
CA ILE A 209 14.59 -22.34 7.20
C ILE A 209 15.51 -21.61 8.19
N THR A 210 16.83 -21.65 7.96
CA THR A 210 17.76 -20.95 8.85
C THR A 210 17.46 -19.46 8.90
N TYR A 211 17.17 -18.87 7.74
CA TYR A 211 16.75 -17.47 7.65
C TYR A 211 15.50 -17.23 8.48
N LEU A 212 14.43 -17.95 8.16
CA LEU A 212 13.14 -17.78 8.85
C LEU A 212 13.31 -17.86 10.36
N VAL A 213 13.90 -18.97 10.83
CA VAL A 213 14.02 -19.21 12.28
C VAL A 213 14.89 -18.16 12.92
N LEU A 214 15.90 -17.66 12.19
CA LEU A 214 16.81 -16.67 12.74
C LEU A 214 16.28 -15.24 12.65
N LEU A 215 15.07 -15.03 12.15
CA LEU A 215 14.39 -13.74 12.34
C LEU A 215 13.83 -13.58 13.76
N ILE A 216 13.45 -14.67 14.41
CA ILE A 216 12.78 -14.64 15.72
C ILE A 216 13.75 -13.98 16.70
N PRO A 217 13.41 -12.85 17.30
CA PRO A 217 14.46 -11.97 17.81
C PRO A 217 15.39 -12.62 18.83
N LEU A 218 14.92 -12.89 20.04
CA LEU A 218 15.90 -13.38 20.99
C LEU A 218 16.27 -14.82 20.67
N VAL A 219 15.37 -15.57 20.02
CA VAL A 219 15.66 -16.98 19.75
C VAL A 219 16.89 -17.13 18.85
N ASN A 220 17.29 -16.08 18.13
CA ASN A 220 18.49 -16.11 17.29
C ASN A 220 19.68 -16.76 18.00
N LEU A 221 19.96 -16.32 19.23
CA LEU A 221 21.19 -16.64 19.94
C LEU A 221 21.24 -18.08 20.43
N VAL A 222 20.08 -18.71 20.56
CA VAL A 222 20.05 -20.14 20.74
C VAL A 222 19.93 -20.86 19.40
N ALA A 223 19.40 -20.20 18.36
CA ALA A 223 19.13 -20.89 17.11
C ALA A 223 20.40 -21.13 16.33
N MET A 224 21.31 -20.17 16.35
CA MET A 224 22.50 -20.17 15.50
C MET A 224 23.35 -21.41 15.67
N PRO A 225 23.72 -21.83 16.88
CA PRO A 225 24.48 -23.08 17.02
C PRO A 225 23.83 -24.24 16.31
N ALA A 226 22.50 -24.30 16.30
CA ALA A 226 21.79 -25.31 15.51
C ALA A 226 22.10 -25.14 14.03
N ALA A 227 22.15 -23.89 13.55
CA ALA A 227 22.49 -23.64 12.15
C ALA A 227 23.93 -24.10 11.83
N VAL A 228 24.85 -23.93 12.78
CA VAL A 228 26.21 -24.45 12.62
C VAL A 228 26.19 -25.97 12.54
N ALA A 229 25.70 -26.62 13.60
CA ALA A 229 25.69 -28.08 13.62
C ALA A 229 24.98 -28.61 12.38
N GLY A 230 23.84 -28.01 12.04
CA GLY A 230 23.13 -28.43 10.84
C GLY A 230 24.00 -28.32 9.59
N ALA A 231 24.81 -27.26 9.49
CA ALA A 231 25.67 -27.11 8.32
C ALA A 231 26.82 -28.10 8.33
N VAL A 232 27.39 -28.40 9.50
CA VAL A 232 28.38 -29.47 9.62
C VAL A 232 27.78 -30.76 9.10
N LEU A 233 26.52 -31.01 9.43
CA LEU A 233 25.82 -32.18 8.91
C LEU A 233 25.66 -32.10 7.40
N PHE A 234 25.34 -30.91 6.88
CA PHE A 234 25.30 -30.74 5.42
C PHE A 234 26.64 -31.07 4.79
N TRP A 235 27.74 -30.78 5.50
CA TRP A 235 29.07 -31.04 4.98
C TRP A 235 29.45 -32.51 5.10
N VAL A 236 29.04 -33.16 6.19
CA VAL A 236 29.42 -34.55 6.41
C VAL A 236 28.59 -35.45 5.54
N ARG A 237 27.26 -35.28 5.59
CA ARG A 237 26.37 -36.17 4.85
C ARG A 237 26.41 -35.89 3.36
N GLU A 238 26.85 -34.72 2.95
CA GLU A 238 27.09 -34.50 1.54
C GLU A 238 28.59 -34.31 1.31
N GLY A 239 28.98 -34.24 0.04
CA GLY A 239 30.38 -34.41 -0.34
C GLY A 239 31.45 -33.61 0.39
N GLY A 240 32.48 -34.29 0.87
CA GLY A 240 33.72 -33.67 1.30
C GLY A 240 34.75 -33.61 0.20
N ASP A 241 34.36 -33.87 -1.04
CA ASP A 241 35.30 -33.97 -2.13
C ASP A 241 35.73 -32.59 -2.63
N GLN A 242 36.99 -32.48 -3.04
CA GLN A 242 37.63 -31.18 -3.36
C GLN A 242 38.42 -31.20 -4.68
N THR B 3 8.51 20.47 37.08
CA THR B 3 9.50 21.48 36.76
C THR B 3 10.12 21.21 35.38
N LEU B 4 10.73 20.03 35.22
CA LEU B 4 11.43 19.68 33.98
C LEU B 4 10.41 19.27 32.94
N SER B 5 10.32 20.04 31.86
CA SER B 5 9.20 19.87 30.94
C SER B 5 9.34 18.55 30.22
N GLY B 6 8.19 18.02 29.80
CA GLY B 6 8.15 16.76 29.09
C GLY B 6 9.01 15.71 29.74
N PRO B 7 9.84 15.06 28.92
CA PRO B 7 10.50 13.83 29.38
C PRO B 7 11.81 13.99 30.12
N GLN B 8 12.32 15.20 30.36
CA GLN B 8 13.71 15.29 30.83
C GLN B 8 13.94 14.36 32.01
N TYR B 9 12.91 14.09 32.81
CA TYR B 9 13.02 13.15 33.92
C TYR B 9 13.70 11.84 33.50
N LEU B 10 13.17 11.20 32.46
CA LEU B 10 13.82 10.01 31.92
C LEU B 10 15.29 10.26 31.68
N GLY B 11 15.61 11.28 30.88
CA GLY B 11 17.01 11.65 30.72
C GLY B 11 17.71 11.82 32.05
N GLU B 12 17.16 12.65 32.93
CA GLU B 12 17.76 12.82 34.25
C GLU B 12 17.82 11.48 34.99
N GLY B 13 16.75 10.69 34.91
CA GLY B 13 16.77 9.38 35.50
C GLY B 13 17.93 8.55 34.99
N LEU B 14 18.17 8.59 33.68
CA LEU B 14 19.31 7.85 33.12
C LEU B 14 20.60 8.30 33.78
N LYS B 15 20.79 9.60 33.95
CA LYS B 15 21.98 10.08 34.63
C LYS B 15 22.10 9.38 35.97
N LEU B 16 21.00 9.35 36.74
CA LEU B 16 21.06 8.71 38.05
C LEU B 16 21.56 7.29 37.90
N MET B 17 21.04 6.54 36.92
CA MET B 17 21.40 5.13 36.81
C MET B 17 22.85 4.94 36.43
N MET B 18 23.42 5.87 35.67
CA MET B 18 24.77 5.63 35.18
C MET B 18 25.79 5.81 36.29
N ARG B 19 25.44 6.52 37.39
CA ARG B 19 26.47 6.72 38.40
C ARG B 19 26.71 5.40 39.11
N PRO B 20 27.97 5.09 39.45
CA PRO B 20 28.24 3.84 40.15
C PRO B 20 27.51 3.76 41.48
N GLY B 21 26.89 2.62 41.72
CA GLY B 21 26.10 2.40 42.91
C GLY B 21 24.63 2.27 42.62
N LEU B 22 24.16 2.90 41.56
CA LEU B 22 22.75 2.82 41.21
C LEU B 22 22.46 1.94 40.01
N ARG B 23 23.42 1.14 39.53
CA ARG B 23 23.23 0.51 38.23
C ARG B 23 23.67 -0.93 38.17
N LEU B 24 24.61 -1.28 39.04
CA LEU B 24 24.77 -2.68 39.33
C LEU B 24 23.40 -3.28 39.70
N PHE B 25 22.48 -2.46 40.25
CA PHE B 25 21.11 -2.91 40.53
C PHE B 25 20.38 -3.27 39.24
N VAL B 26 20.76 -2.62 38.14
CA VAL B 26 20.17 -2.93 36.84
C VAL B 26 20.48 -4.37 36.42
N LEU B 27 21.67 -4.86 36.73
CA LEU B 27 22.09 -6.15 36.21
C LEU B 27 21.30 -7.32 36.81
N LEU B 28 20.63 -7.12 37.97
CA LEU B 28 19.93 -8.14 38.76
C LEU B 28 18.72 -8.78 38.05
N PRO B 29 17.63 -8.02 37.83
CA PRO B 29 16.50 -8.56 37.04
C PRO B 29 16.91 -9.09 35.69
N LEU B 30 17.72 -8.34 34.94
CA LEU B 30 18.25 -8.87 33.67
C LEU B 30 18.84 -10.28 33.84
N SER B 31 19.80 -10.48 34.75
CA SER B 31 20.36 -11.81 34.85
C SER B 31 19.27 -12.85 35.11
N ILE B 32 18.31 -12.52 35.99
CA ILE B 32 17.21 -13.47 36.23
C ILE B 32 16.46 -13.76 34.93
N ASN B 33 15.87 -12.74 34.31
CA ASN B 33 15.21 -12.94 33.05
C ASN B 33 16.06 -13.72 32.07
N LEU B 34 17.39 -13.62 32.14
CA LEU B 34 18.23 -14.51 31.34
C LEU B 34 17.89 -15.95 31.69
N ILE B 35 18.06 -16.31 32.97
CA ILE B 35 17.74 -17.66 33.39
C ILE B 35 16.32 -18.04 32.94
N LEU B 36 15.34 -17.23 33.28
CA LEU B 36 13.98 -17.46 32.80
C LEU B 36 13.95 -17.73 31.31
N PHE B 37 14.66 -16.93 30.51
CA PHE B 37 14.66 -17.07 29.05
C PHE B 37 15.18 -18.44 28.66
N ILE B 38 16.34 -18.79 29.20
CA ILE B 38 16.99 -20.06 28.88
C ILE B 38 16.06 -21.23 29.26
N GLY B 39 15.44 -21.13 30.43
CA GLY B 39 14.54 -22.19 30.87
C GLY B 39 13.35 -22.34 29.94
N LEU B 40 12.61 -21.25 29.73
CA LEU B 40 11.42 -21.31 28.88
C LEU B 40 11.76 -21.76 27.46
N ILE B 41 12.85 -21.26 26.88
CA ILE B 41 13.18 -21.68 25.52
C ILE B 41 13.39 -23.19 25.49
N GLY B 42 14.25 -23.71 26.38
CA GLY B 42 14.51 -25.15 26.37
C GLY B 42 13.25 -25.99 26.55
N PHE B 43 12.41 -25.59 27.51
CA PHE B 43 11.11 -26.20 27.69
C PHE B 43 10.33 -26.24 26.37
N ALA B 44 10.12 -25.07 25.76
CA ALA B 44 9.39 -25.01 24.50
C ALA B 44 10.05 -25.87 23.43
N ILE B 45 11.38 -25.97 23.44
CA ILE B 45 12.02 -26.88 22.50
C ILE B 45 11.43 -28.26 22.69
N ASN B 46 11.38 -28.74 23.95
CA ASN B 46 11.00 -30.14 24.18
C ASN B 46 9.52 -30.40 23.85
N GLN B 47 8.65 -29.43 24.12
CA GLN B 47 7.21 -29.65 24.01
C GLN B 47 6.53 -28.96 22.84
N PHE B 48 7.27 -28.28 21.97
CA PHE B 48 6.63 -27.53 20.88
C PHE B 48 5.78 -28.44 19.99
N SER B 49 6.33 -29.62 19.64
CA SER B 49 5.60 -30.61 18.86
C SER B 49 4.38 -31.15 19.59
N HIS B 50 4.52 -31.44 20.89
CA HIS B 50 3.35 -31.89 21.66
C HIS B 50 2.26 -30.82 21.60
N TRP B 51 2.64 -29.55 21.70
CA TRP B 51 1.66 -28.49 21.69
C TRP B 51 0.97 -28.37 20.34
N VAL B 52 1.73 -28.39 19.24
CA VAL B 52 1.07 -28.20 17.95
C VAL B 52 0.21 -29.40 17.62
N ASP B 53 0.62 -30.61 18.01
CA ASP B 53 -0.24 -31.78 17.82
C ASP B 53 -1.50 -31.72 18.70
N TRP B 54 -1.37 -31.15 19.89
CA TRP B 54 -2.53 -30.92 20.73
C TRP B 54 -3.49 -29.96 20.05
N LEU B 55 -2.96 -28.82 19.59
CA LEU B 55 -3.78 -27.80 18.97
C LEU B 55 -4.34 -28.23 17.61
N MET B 56 -3.67 -29.14 16.92
CA MET B 56 -4.17 -29.49 15.60
C MET B 56 -5.28 -30.52 15.70
N PRO B 57 -6.41 -30.31 15.03
CA PRO B 57 -7.48 -31.31 15.02
C PRO B 57 -7.13 -32.47 14.09
N SER B 58 -7.74 -33.62 14.40
CA SER B 58 -7.61 -34.81 13.57
C SER B 58 -8.47 -34.68 12.32
N LEU B 59 -7.86 -34.85 11.15
CA LEU B 59 -8.55 -34.60 9.89
C LEU B 59 -8.54 -35.83 9.00
N PRO B 60 -9.54 -35.98 8.12
CA PRO B 60 -9.57 -37.14 7.20
C PRO B 60 -8.56 -37.01 6.08
N GLU B 61 -8.42 -38.10 5.31
CA GLU B 61 -7.43 -38.15 4.23
C GLU B 61 -7.75 -37.13 3.15
N TRP B 62 -9.04 -36.88 2.88
CA TRP B 62 -9.39 -35.91 1.85
C TRP B 62 -9.12 -34.49 2.33
N LEU B 63 -9.31 -34.25 3.62
CA LEU B 63 -9.00 -32.96 4.21
C LEU B 63 -7.59 -32.90 4.77
N SER B 64 -6.78 -33.95 4.56
CA SER B 64 -5.45 -33.96 5.16
C SER B 64 -4.61 -32.79 4.69
N PHE B 65 -4.81 -32.36 3.45
CA PHE B 65 -4.05 -31.22 2.96
C PHE B 65 -4.35 -29.97 3.77
N LEU B 66 -5.50 -29.89 4.44
CA LEU B 66 -5.77 -28.77 5.33
C LEU B 66 -4.72 -28.68 6.42
N GLN B 67 -4.19 -29.82 6.88
CA GLN B 67 -3.15 -29.77 7.88
C GLN B 67 -2.02 -28.88 7.39
N PHE B 68 -1.79 -28.86 6.06
CA PHE B 68 -0.70 -28.06 5.50
C PHE B 68 -0.96 -26.56 5.67
N ILE B 69 -2.22 -26.14 5.75
CA ILE B 69 -2.50 -24.74 6.09
C ILE B 69 -2.63 -24.52 7.60
N LEU B 70 -2.99 -25.56 8.36
CA LEU B 70 -3.07 -25.38 9.81
C LEU B 70 -1.70 -25.36 10.49
N TRP B 71 -0.70 -26.04 9.90
CA TRP B 71 0.64 -26.13 10.51
C TRP B 71 1.23 -24.76 10.78
N PRO B 72 1.41 -23.88 9.79
CA PRO B 72 1.95 -22.56 10.12
C PRO B 72 1.14 -21.88 11.22
N LEU B 73 -0.19 -22.07 11.25
CA LEU B 73 -1.04 -21.36 12.19
C LEU B 73 -0.76 -21.64 13.66
N PHE B 74 -1.02 -22.86 14.14
CA PHE B 74 -0.77 -23.11 15.56
C PHE B 74 0.68 -22.83 15.90
N VAL B 75 1.60 -23.16 14.99
CA VAL B 75 3.01 -22.85 15.22
C VAL B 75 3.15 -21.35 15.51
N THR B 76 2.60 -20.51 14.64
CA THR B 76 2.55 -19.08 14.94
C THR B 76 1.96 -18.85 16.32
N LEU B 77 0.74 -19.36 16.53
CA LEU B 77 0.01 -19.19 17.78
C LEU B 77 0.88 -19.58 18.98
N VAL B 78 1.36 -20.83 19.01
CA VAL B 78 2.25 -21.23 20.10
C VAL B 78 3.35 -20.20 20.28
N LEU B 79 4.08 -19.88 19.21
CA LEU B 79 5.14 -18.87 19.30
C LEU B 79 4.63 -17.63 20.04
N LEU B 80 3.53 -17.04 19.55
CA LEU B 80 2.93 -15.86 20.17
C LEU B 80 2.69 -16.05 21.67
N ILE B 81 1.99 -17.12 22.06
CA ILE B 81 1.76 -17.38 23.48
C ILE B 81 3.09 -17.40 24.20
N VAL B 82 4.03 -18.16 23.64
CA VAL B 82 5.34 -18.32 24.25
C VAL B 82 5.97 -16.96 24.48
N PHE B 83 5.85 -16.06 23.51
CA PHE B 83 6.35 -14.71 23.74
C PHE B 83 5.61 -14.05 24.91
N PHE B 84 4.29 -13.91 24.79
CA PHE B 84 3.53 -13.15 25.77
C PHE B 84 3.70 -13.71 27.18
N THR B 85 3.59 -15.03 27.32
CA THR B 85 3.86 -15.66 28.60
C THR B 85 5.17 -15.10 29.17
N PHE B 86 6.27 -15.22 28.41
CA PHE B 86 7.56 -14.65 28.83
C PHE B 86 7.45 -13.16 29.11
N THR B 87 6.98 -12.40 28.13
CA THR B 87 6.83 -10.98 28.34
C THR B 87 6.04 -10.74 29.63
N LEU B 88 5.03 -11.57 29.87
CA LEU B 88 4.22 -11.43 31.08
C LEU B 88 5.00 -11.85 32.32
N ILE B 89 5.67 -12.99 32.27
CA ILE B 89 6.37 -13.50 33.44
C ILE B 89 7.56 -12.61 33.79
N ALA B 90 8.38 -12.27 32.78
CA ALA B 90 9.57 -11.45 32.96
C ALA B 90 9.23 -10.15 33.66
N ASN B 91 8.28 -9.40 33.10
CA ASN B 91 7.73 -8.22 33.75
C ASN B 91 7.22 -8.55 35.16
N LEU B 92 6.44 -9.62 35.30
CA LEU B 92 6.04 -10.02 36.64
C LEU B 92 7.26 -10.14 37.53
N ILE B 93 8.28 -10.88 37.08
CA ILE B 93 9.47 -11.05 37.90
C ILE B 93 10.20 -9.73 38.05
N ALA B 94 10.06 -8.84 37.09
CA ALA B 94 10.65 -7.52 37.17
C ALA B 94 9.94 -6.62 38.18
N ALA B 95 8.69 -6.93 38.52
CA ALA B 95 7.91 -5.99 39.32
C ALA B 95 8.62 -5.64 40.61
N PRO B 96 9.02 -6.61 41.48
CA PRO B 96 9.59 -6.24 42.78
C PRO B 96 10.92 -5.52 42.67
N PHE B 97 11.83 -6.03 41.85
CA PHE B 97 13.15 -5.41 41.71
C PHE B 97 13.01 -3.93 41.39
N ASN B 98 12.18 -3.60 40.40
CA ASN B 98 11.90 -2.20 40.09
C ASN B 98 11.42 -1.47 41.35
N GLY B 99 10.39 -1.99 42.00
CA GLY B 99 9.97 -1.37 43.25
C GLY B 99 11.11 -1.23 44.23
N PHE B 100 11.87 -2.30 44.44
CA PHE B 100 13.02 -2.24 45.33
C PHE B 100 14.01 -1.17 44.88
N LEU B 101 14.16 -1.01 43.57
CA LEU B 101 15.01 0.06 43.06
C LEU B 101 14.42 1.44 43.33
N ALA B 102 13.09 1.59 43.16
CA ALA B 102 12.48 2.91 43.32
C ALA B 102 12.74 3.48 44.72
N GLU B 103 12.73 2.62 45.75
CA GLU B 103 13.16 3.08 47.06
C GLU B 103 14.64 3.43 47.06
N LYS B 104 15.48 2.52 46.56
CA LYS B 104 16.91 2.76 46.63
C LYS B 104 17.32 3.96 45.81
N VAL B 105 16.56 4.27 44.75
CA VAL B 105 16.81 5.51 44.03
C VAL B 105 16.50 6.72 44.90
N GLU B 106 15.37 6.71 45.61
CA GLU B 106 14.93 7.90 46.33
C GLU B 106 15.97 8.35 47.34
N VAL B 107 16.56 7.41 48.08
CA VAL B 107 17.56 7.79 49.09
C VAL B 107 18.76 8.48 48.43
N VAL B 108 19.06 8.12 47.19
CA VAL B 108 20.12 8.79 46.44
C VAL B 108 19.67 10.17 45.97
N VAL B 109 18.40 10.29 45.59
CA VAL B 109 17.87 11.57 45.13
C VAL B 109 17.82 12.57 46.27
N ARG B 110 17.40 12.13 47.45
CA ARG B 110 17.27 12.98 48.63
C ARG B 110 18.53 13.02 49.48
N GLY B 111 19.57 12.27 49.13
CA GLY B 111 20.83 12.34 49.84
C GLY B 111 20.93 11.48 51.08
N THR B 112 19.95 10.59 51.31
CA THR B 112 19.95 9.76 52.50
C THR B 112 21.17 8.84 52.53
N ASP B 113 21.29 7.96 51.53
CA ASP B 113 22.41 7.02 51.40
C ASP B 113 22.87 7.01 49.95
N ASP B 114 24.13 7.39 49.71
CA ASP B 114 24.67 7.43 48.35
C ASP B 114 24.99 6.05 47.78
N PHE B 115 25.16 5.03 48.64
CA PHE B 115 25.46 3.66 48.22
C PHE B 115 24.40 2.73 48.81
N PRO B 116 23.32 2.45 48.09
CA PRO B 116 22.27 1.60 48.63
C PRO B 116 22.72 0.15 48.74
N ALA B 117 22.23 -0.50 49.78
CA ALA B 117 22.58 -1.88 50.07
C ALA B 117 21.49 -2.76 49.50
N PHE B 118 21.90 -3.79 48.75
CA PHE B 118 20.96 -4.78 48.26
C PHE B 118 20.94 -5.99 49.19
N SER B 119 19.75 -6.31 49.71
CA SER B 119 19.53 -7.49 50.56
C SER B 119 18.26 -8.18 50.10
N TRP B 120 18.34 -9.50 49.93
CA TRP B 120 17.17 -10.28 49.53
C TRP B 120 16.05 -10.21 50.55
N ALA B 121 16.36 -9.87 51.80
CA ALA B 121 15.33 -9.85 52.81
C ALA B 121 14.19 -8.89 52.41
N GLU B 122 14.51 -7.60 52.31
CA GLU B 122 13.49 -6.58 52.07
C GLU B 122 12.89 -6.67 50.65
N LEU B 123 13.62 -7.27 49.71
CA LEU B 123 13.03 -7.60 48.41
C LEU B 123 11.93 -8.64 48.54
N MET B 124 12.25 -9.81 49.15
CA MET B 124 11.23 -10.83 49.38
C MET B 124 10.07 -10.27 50.18
N ALA B 125 10.36 -9.34 51.09
CA ALA B 125 9.30 -8.68 51.85
C ALA B 125 8.43 -7.82 50.96
N MET B 126 9.00 -7.25 49.90
CA MET B 126 8.18 -6.47 48.98
C MET B 126 7.31 -7.34 48.08
N VAL B 127 7.82 -8.51 47.68
CA VAL B 127 7.24 -9.31 46.61
C VAL B 127 5.71 -9.31 46.54
N PRO B 128 4.99 -9.60 47.63
CA PRO B 128 3.53 -9.69 47.51
C PRO B 128 2.87 -8.36 47.14
N ARG B 129 3.25 -7.28 47.81
CA ARG B 129 2.63 -5.98 47.55
C ARG B 129 2.84 -5.55 46.10
N THR B 130 4.07 -5.69 45.62
CA THR B 130 4.46 -5.21 44.30
C THR B 130 3.98 -6.13 43.18
N ILE B 131 3.92 -7.44 43.43
CA ILE B 131 3.30 -8.34 42.47
C ILE B 131 1.81 -8.02 42.36
N GLY B 132 1.14 -7.84 43.49
CA GLY B 132 -0.24 -7.44 43.43
C GLY B 132 -0.40 -6.15 42.65
N ARG B 133 0.52 -5.20 42.86
CA ARG B 133 0.42 -3.89 42.22
C ARG B 133 0.58 -4.00 40.72
N GLU B 134 1.55 -4.79 40.26
CA GLU B 134 1.66 -4.94 38.83
C GLU B 134 0.47 -5.68 38.25
N LEU B 135 -0.14 -6.58 39.03
CA LEU B 135 -1.34 -7.25 38.55
C LEU B 135 -2.48 -6.26 38.38
N ARG B 136 -2.62 -5.31 39.32
CA ARG B 136 -3.58 -4.24 39.12
C ARG B 136 -3.33 -3.52 37.79
N LYS B 137 -2.05 -3.23 37.49
CA LYS B 137 -1.71 -2.56 36.23
C LYS B 137 -2.12 -3.39 35.02
N LEU B 138 -1.88 -4.70 35.04
CA LEU B 138 -2.35 -5.57 33.96
C LEU B 138 -3.86 -5.50 33.81
N GLY B 139 -4.57 -5.34 34.93
CA GLY B 139 -6.01 -5.19 34.87
C GLY B 139 -6.44 -3.87 34.24
N TYR B 140 -5.73 -2.78 34.56
CA TYR B 140 -6.03 -1.51 33.90
C TYR B 140 -5.71 -1.56 32.42
N PHE B 141 -4.65 -2.27 32.02
CA PHE B 141 -4.22 -2.26 30.63
C PHE B 141 -5.06 -3.17 29.73
N LEU B 142 -5.08 -4.46 30.02
CA LEU B 142 -5.58 -5.43 29.04
C LEU B 142 -6.97 -5.12 28.48
N PRO B 143 -7.98 -4.69 29.26
CA PRO B 143 -9.31 -4.46 28.65
C PRO B 143 -9.28 -3.41 27.55
N ARG B 144 -8.61 -2.28 27.80
CA ARG B 144 -8.53 -1.21 26.82
C ARG B 144 -7.65 -1.60 25.63
N ALA B 145 -6.62 -2.43 25.86
CA ALA B 145 -5.80 -2.94 24.76
C ALA B 145 -6.61 -3.86 23.83
N ILE B 146 -7.30 -4.86 24.40
CA ILE B 146 -8.18 -5.72 23.59
C ILE B 146 -9.26 -4.90 22.91
N ALA B 147 -9.76 -3.89 23.62
CA ALA B 147 -10.77 -3.01 23.04
C ALA B 147 -10.25 -2.35 21.76
N LEU B 148 -9.07 -1.71 21.84
CA LEU B 148 -8.48 -1.07 20.67
C LEU B 148 -8.09 -2.07 19.59
N PHE B 149 -7.71 -3.30 19.96
CA PHE B 149 -7.32 -4.29 18.96
C PHE B 149 -8.53 -4.76 18.16
N ILE B 150 -9.62 -5.07 18.86
CA ILE B 150 -10.88 -5.44 18.20
C ILE B 150 -11.40 -4.28 17.35
N LEU B 151 -11.37 -3.06 17.90
CA LEU B 151 -11.77 -1.92 17.10
C LEU B 151 -10.90 -1.80 15.85
N SER B 152 -9.59 -2.13 15.96
CA SER B 152 -8.65 -2.02 14.86
C SER B 152 -8.85 -3.12 13.81
N LEU B 153 -9.47 -4.23 14.21
CA LEU B 153 -9.84 -5.25 13.22
C LEU B 153 -10.97 -4.74 12.33
N ILE B 154 -11.76 -3.79 12.83
CA ILE B 154 -12.89 -3.27 12.06
C ILE B 154 -12.34 -2.50 10.85
N PRO B 155 -12.85 -2.74 9.64
CA PRO B 155 -12.25 -2.09 8.46
C PRO B 155 -12.35 -0.57 8.47
N GLY B 156 -13.48 -0.01 8.86
CA GLY B 156 -13.62 1.42 8.79
C GLY B 156 -12.97 2.09 9.98
N LEU B 157 -13.30 1.58 11.16
CA LEU B 157 -12.93 2.21 12.42
C LEU B 157 -11.48 1.95 12.79
N ASN B 158 -10.78 1.10 12.04
CA ASN B 158 -9.36 0.85 12.32
C ASN B 158 -8.56 2.16 12.34
N LEU B 159 -8.97 3.13 11.52
CA LEU B 159 -8.27 4.40 11.45
C LEU B 159 -8.32 5.14 12.78
N ILE B 160 -9.41 4.97 13.55
CA ILE B 160 -9.48 5.58 14.88
C ILE B 160 -8.78 4.73 15.94
N ALA B 161 -8.43 3.48 15.63
CA ALA B 161 -7.79 2.61 16.61
C ALA B 161 -6.29 2.85 16.71
N ALA B 162 -5.64 3.26 15.60
CA ALA B 162 -4.20 3.48 15.62
C ALA B 162 -3.78 4.64 16.52
N PRO B 163 -4.36 5.85 16.40
CA PRO B 163 -4.00 6.90 17.36
C PRO B 163 -4.38 6.52 18.79
N LEU B 164 -5.62 6.09 19.01
CA LEU B 164 -6.03 5.66 20.32
C LEU B 164 -5.09 4.61 20.88
N TRP B 165 -4.52 3.76 20.03
CA TRP B 165 -3.50 2.82 20.49
C TRP B 165 -2.30 3.59 21.04
N LEU B 166 -1.66 4.40 20.19
CA LEU B 166 -0.45 5.12 20.60
C LEU B 166 -0.69 5.93 21.87
N LEU B 167 -1.68 6.82 21.85
CA LEU B 167 -1.98 7.66 23.00
C LEU B 167 -2.16 6.84 24.28
N PHE B 168 -2.75 5.64 24.16
CA PHE B 168 -2.88 4.79 25.33
C PHE B 168 -1.53 4.19 25.71
N GLY B 169 -0.83 3.61 24.72
CA GLY B 169 0.45 2.99 25.00
C GLY B 169 1.42 3.94 25.68
N VAL B 170 1.37 5.22 25.32
CA VAL B 170 2.14 6.25 26.00
C VAL B 170 1.63 6.47 27.42
N TRP B 171 0.32 6.74 27.56
CA TRP B 171 -0.22 6.99 28.90
C TRP B 171 0.16 5.88 29.87
N MET B 172 0.07 4.63 29.42
CA MET B 172 0.39 3.50 30.28
C MET B 172 1.82 3.58 30.81
N MET B 173 2.78 4.00 29.98
CA MET B 173 4.16 4.10 30.45
C MET B 173 4.28 4.98 31.67
N ALA B 174 3.35 5.91 31.86
CA ALA B 174 3.33 6.67 33.10
C ALA B 174 2.92 5.78 34.29
N VAL B 175 1.73 5.17 34.20
CA VAL B 175 1.14 4.51 35.37
C VAL B 175 2.04 3.40 35.91
N GLN B 176 2.75 2.68 35.03
CA GLN B 176 3.60 1.59 35.48
C GLN B 176 4.79 2.11 36.27
N TYR B 177 5.44 3.17 35.77
CA TYR B 177 6.70 3.63 36.34
C TYR B 177 6.49 4.67 37.44
N ILE B 178 5.69 5.70 37.16
CA ILE B 178 5.38 6.72 38.16
C ILE B 178 4.71 6.08 39.37
N ASP B 179 4.14 4.89 39.19
CA ASP B 179 3.57 4.15 40.31
C ASP B 179 4.62 3.69 41.29
N TYR B 180 5.72 3.13 40.78
CA TYR B 180 6.69 2.48 41.65
C TYR B 180 7.05 3.35 42.84
N PRO B 181 7.31 4.66 42.69
CA PRO B 181 7.45 5.50 43.89
C PRO B 181 6.16 5.66 44.68
N ALA B 182 5.05 5.99 44.01
CA ALA B 182 3.77 6.19 44.71
C ALA B 182 3.38 4.96 45.51
N ASP B 183 3.53 3.78 44.92
CA ASP B 183 3.23 2.53 45.62
C ASP B 183 4.16 2.32 46.81
N ASN B 184 5.40 2.79 46.73
CA ASN B 184 6.27 2.75 47.89
C ASN B 184 5.80 3.69 48.99
N HIS B 185 5.00 4.71 48.64
CA HIS B 185 4.40 5.63 49.59
C HIS B 185 3.00 5.22 50.02
N LYS B 186 2.60 3.99 49.71
CA LYS B 186 1.30 3.45 50.15
C LYS B 186 0.18 4.39 49.73
N LEU B 187 0.03 4.55 48.41
CA LEU B 187 -0.99 5.42 47.84
C LEU B 187 -2.01 4.56 47.10
N GLY B 188 -3.28 4.96 47.17
CA GLY B 188 -4.33 4.19 46.53
C GLY B 188 -4.23 4.21 45.02
N TRP B 189 -4.67 3.11 44.39
CA TRP B 189 -4.66 3.03 42.93
C TRP B 189 -5.44 4.19 42.29
N ASN B 190 -6.73 4.33 42.68
CA ASN B 190 -7.56 5.39 42.10
C ASN B 190 -6.98 6.77 42.37
N GLU B 191 -6.42 6.97 43.56
CA GLU B 191 -5.79 8.24 43.89
C GLU B 191 -4.63 8.56 42.96
N MET B 192 -3.89 7.53 42.56
CA MET B 192 -2.77 7.73 41.65
C MET B 192 -3.25 8.04 40.25
N LEU B 193 -4.31 7.34 39.79
CA LEU B 193 -4.80 7.64 38.45
C LEU B 193 -5.33 9.08 38.40
N ALA B 194 -6.04 9.52 39.44
CA ALA B 194 -6.42 10.93 39.49
C ALA B 194 -5.18 11.83 39.56
N TRP B 195 -4.15 11.40 40.30
CA TRP B 195 -2.90 12.16 40.40
C TRP B 195 -2.27 12.36 39.02
N LEU B 196 -2.26 11.32 38.20
CA LEU B 196 -1.68 11.42 36.85
C LEU B 196 -2.61 12.19 35.90
N ARG B 197 -3.91 11.91 35.92
CA ARG B 197 -4.84 12.66 35.09
C ARG B 197 -4.90 14.12 35.52
N SER B 198 -4.38 14.44 36.71
CA SER B 198 -4.32 15.82 37.16
C SER B 198 -3.43 16.66 36.25
N LYS B 199 -2.26 16.11 35.91
CA LYS B 199 -1.38 16.73 34.91
C LYS B 199 -1.17 15.76 33.77
N ARG B 200 -1.85 16.02 32.64
CA ARG B 200 -1.81 15.11 31.50
C ARG B 200 -0.53 15.32 30.70
N TRP B 201 -0.18 16.59 30.42
CA TRP B 201 0.95 16.88 29.54
C TRP B 201 2.23 16.25 30.07
N ALA B 202 2.54 16.43 31.36
CA ALA B 202 3.79 15.96 31.91
C ALA B 202 3.95 14.45 31.74
N CYS B 203 3.00 13.69 32.28
CA CYS B 203 3.07 12.25 32.12
C CYS B 203 3.07 11.87 30.66
N MET B 204 2.47 12.69 29.81
CA MET B 204 2.36 12.35 28.41
C MET B 204 3.72 12.43 27.72
N GLY B 205 4.53 13.42 28.09
CA GLY B 205 5.88 13.48 27.57
C GLY B 205 6.78 12.41 28.17
N PHE B 206 6.79 12.32 29.50
CA PHE B 206 7.56 11.27 30.15
C PHE B 206 7.28 9.89 29.53
N GLY B 207 6.01 9.51 29.49
CA GLY B 207 5.63 8.25 28.89
C GLY B 207 5.86 8.21 27.40
N GLY B 208 5.86 9.36 26.75
CA GLY B 208 6.06 9.43 25.31
C GLY B 208 7.48 9.06 24.88
N ILE B 209 8.46 9.77 25.42
CA ILE B 209 9.83 9.37 25.15
C ILE B 209 10.07 7.96 25.69
N THR B 210 9.52 7.65 26.88
CA THR B 210 9.72 6.32 27.46
C THR B 210 9.21 5.23 26.52
N TYR B 211 8.10 5.50 25.84
CA TYR B 211 7.60 4.62 24.78
C TYR B 211 8.61 4.48 23.64
N LEU B 212 8.97 5.61 23.04
CA LEU B 212 9.86 5.58 21.89
C LEU B 212 11.16 4.86 22.25
N VAL B 213 11.74 5.22 23.40
CA VAL B 213 13.02 4.69 23.87
C VAL B 213 12.94 3.23 24.24
N LEU B 214 11.75 2.77 24.67
CA LEU B 214 11.48 1.35 24.89
C LEU B 214 11.21 0.60 23.59
N LEU B 215 11.09 1.32 22.47
CA LEU B 215 11.09 0.67 21.16
C LEU B 215 12.50 0.26 20.71
N ILE B 216 13.54 0.92 21.17
CA ILE B 216 14.90 0.59 20.72
C ILE B 216 15.25 -0.80 21.26
N PRO B 217 15.70 -1.76 20.41
CA PRO B 217 15.73 -3.18 20.82
C PRO B 217 16.52 -3.52 22.06
N LEU B 218 17.84 -3.46 22.03
CA LEU B 218 18.53 -3.84 23.25
C LEU B 218 18.52 -2.73 24.30
N VAL B 219 18.21 -1.49 23.93
CA VAL B 219 18.32 -0.39 24.87
C VAL B 219 17.21 -0.47 25.92
N ASN B 220 16.11 -1.17 25.63
CA ASN B 220 15.09 -1.43 26.65
C ASN B 220 15.72 -1.70 28.01
N LEU B 221 16.74 -2.56 28.04
CA LEU B 221 17.28 -3.06 29.31
C LEU B 221 17.84 -1.92 30.14
N VAL B 222 18.35 -0.87 29.49
CA VAL B 222 18.77 0.34 30.21
C VAL B 222 17.69 1.42 30.23
N ALA B 223 16.72 1.37 29.32
CA ALA B 223 15.71 2.42 29.34
C ALA B 223 14.79 2.25 30.54
N MET B 224 14.43 1.00 30.87
CA MET B 224 13.52 0.74 31.99
C MET B 224 14.05 1.26 33.32
N PRO B 225 15.23 0.87 33.80
CA PRO B 225 15.76 1.48 35.03
C PRO B 225 15.73 3.00 34.99
N ALA B 226 16.15 3.62 33.89
CA ALA B 226 16.08 5.07 33.76
C ALA B 226 14.67 5.55 34.05
N ALA B 227 13.69 4.93 33.39
CA ALA B 227 12.28 5.29 33.54
C ALA B 227 11.83 5.15 34.99
N VAL B 228 12.34 4.15 35.70
CA VAL B 228 11.97 4.02 37.12
C VAL B 228 12.51 5.22 37.88
N ALA B 229 13.80 5.49 37.77
CA ALA B 229 14.38 6.57 38.56
C ALA B 229 13.82 7.92 38.15
N GLY B 230 13.68 8.16 36.84
CA GLY B 230 12.96 9.34 36.42
C GLY B 230 11.61 9.43 37.07
N ALA B 231 10.90 8.30 37.15
CA ALA B 231 9.62 8.27 37.84
C ALA B 231 9.79 8.62 39.32
N VAL B 232 10.80 8.05 39.97
CA VAL B 232 11.13 8.46 41.34
C VAL B 232 11.32 9.97 41.37
N LEU B 233 12.14 10.47 40.44
CA LEU B 233 12.37 11.90 40.32
C LEU B 233 11.05 12.63 40.09
N PHE B 234 10.23 12.07 39.19
CA PHE B 234 8.91 12.63 38.91
C PHE B 234 8.02 12.63 40.14
N TRP B 235 8.18 11.63 41.01
CA TRP B 235 7.40 11.66 42.23
C TRP B 235 7.91 12.72 43.19
N VAL B 236 9.23 12.96 43.23
CA VAL B 236 9.78 13.83 44.26
C VAL B 236 9.59 15.31 43.90
N ARG B 237 9.96 15.68 42.68
CA ARG B 237 9.92 17.09 42.30
C ARG B 237 8.51 17.63 42.16
N GLU B 238 7.53 16.75 41.97
CA GLU B 238 6.16 17.20 41.84
C GLU B 238 5.20 16.49 42.82
N THR C 3 -7.79 -16.37 -39.17
CA THR C 3 -8.49 -15.11 -39.37
C THR C 3 -9.38 -14.83 -38.17
N LEU C 4 -9.82 -15.88 -37.49
CA LEU C 4 -10.73 -15.77 -36.35
C LEU C 4 -10.03 -15.91 -35.00
N SER C 5 -8.70 -16.01 -34.98
CA SER C 5 -7.96 -16.33 -33.78
C SER C 5 -8.21 -15.32 -32.65
N GLY C 6 -7.74 -15.67 -31.46
CA GLY C 6 -7.75 -14.77 -30.33
C GLY C 6 -8.94 -14.97 -29.42
N PRO C 7 -9.31 -13.94 -28.65
CA PRO C 7 -10.49 -14.06 -27.78
C PRO C 7 -11.79 -14.11 -28.52
N GLN C 8 -11.81 -13.80 -29.82
CA GLN C 8 -13.07 -13.73 -30.55
C GLN C 8 -13.86 -15.01 -30.42
N TYR C 9 -13.16 -16.15 -30.33
CA TYR C 9 -13.86 -17.43 -30.17
C TYR C 9 -14.94 -17.33 -29.09
N LEU C 10 -14.60 -16.73 -27.94
CA LEU C 10 -15.57 -16.57 -26.86
C LEU C 10 -16.87 -16.00 -27.41
N GLY C 11 -16.81 -14.81 -28.00
CA GLY C 11 -17.98 -14.25 -28.64
C GLY C 11 -18.68 -15.27 -29.51
N GLU C 12 -17.92 -15.91 -30.39
CA GLU C 12 -18.52 -16.87 -31.31
C GLU C 12 -19.20 -18.01 -30.57
N GLY C 13 -18.55 -18.54 -29.54
CA GLY C 13 -19.18 -19.59 -28.75
C GLY C 13 -20.53 -19.16 -28.25
N LEU C 14 -20.62 -17.92 -27.75
CA LEU C 14 -21.89 -17.36 -27.32
C LEU C 14 -22.94 -17.54 -28.41
N LYS C 15 -22.58 -17.17 -29.64
CA LYS C 15 -23.50 -17.29 -30.76
C LYS C 15 -24.02 -18.72 -30.89
N LEU C 16 -23.12 -19.71 -30.89
CA LEU C 16 -23.56 -21.08 -31.04
C LEU C 16 -24.61 -21.46 -30.00
N MET C 17 -24.49 -20.93 -28.78
CA MET C 17 -25.40 -21.30 -27.72
C MET C 17 -26.72 -20.56 -27.80
N MET C 18 -26.80 -19.49 -28.60
CA MET C 18 -28.05 -18.73 -28.70
C MET C 18 -29.06 -19.43 -29.61
N ARG C 19 -28.60 -20.22 -30.58
CA ARG C 19 -29.52 -20.78 -31.57
C ARG C 19 -30.42 -21.84 -30.93
N PRO C 20 -31.64 -22.02 -31.45
CA PRO C 20 -32.55 -23.01 -30.86
C PRO C 20 -31.95 -24.41 -30.87
N GLY C 21 -32.31 -25.18 -29.84
CA GLY C 21 -31.87 -26.54 -29.67
C GLY C 21 -30.58 -26.65 -28.88
N LEU C 22 -29.69 -25.68 -29.04
CA LEU C 22 -28.52 -25.55 -28.20
C LEU C 22 -28.75 -24.61 -27.04
N ARG C 23 -29.91 -23.93 -27.01
CA ARG C 23 -30.23 -23.02 -25.91
C ARG C 23 -30.68 -23.80 -24.68
N LEU C 24 -31.16 -25.04 -24.88
CA LEU C 24 -31.49 -25.95 -23.79
C LEU C 24 -30.25 -26.45 -23.06
N PHE C 25 -29.08 -26.39 -23.70
CA PHE C 25 -27.85 -26.80 -23.04
C PHE C 25 -27.39 -25.80 -21.98
N VAL C 26 -27.79 -24.53 -22.08
CA VAL C 26 -27.41 -23.53 -21.09
C VAL C 26 -28.01 -23.82 -19.70
N LEU C 27 -29.17 -24.49 -19.63
CA LEU C 27 -29.94 -24.59 -18.39
C LEU C 27 -29.31 -25.51 -17.35
N LEU C 28 -28.50 -26.50 -17.78
CA LEU C 28 -28.09 -27.58 -16.88
C LEU C 28 -27.08 -27.14 -15.81
N PRO C 29 -26.00 -26.43 -16.15
CA PRO C 29 -25.09 -25.99 -15.06
C PRO C 29 -25.81 -25.17 -14.01
N LEU C 30 -26.69 -24.27 -14.44
CA LEU C 30 -27.56 -23.56 -13.50
C LEU C 30 -28.35 -24.54 -12.63
N SER C 31 -29.02 -25.53 -13.24
CA SER C 31 -29.79 -26.48 -12.42
C SER C 31 -28.89 -27.20 -11.42
N ILE C 32 -27.67 -27.56 -11.83
CA ILE C 32 -26.72 -28.23 -10.95
C ILE C 32 -26.40 -27.35 -9.74
N ASN C 33 -25.87 -26.16 -10.01
CA ASN C 33 -25.59 -25.22 -8.93
C ASN C 33 -26.83 -25.02 -8.06
N LEU C 34 -28.03 -25.07 -8.66
CA LEU C 34 -29.23 -24.77 -7.89
C LEU C 34 -29.55 -25.87 -6.91
N ILE C 35 -29.87 -27.06 -7.42
CA ILE C 35 -30.24 -28.18 -6.55
C ILE C 35 -29.12 -28.44 -5.55
N LEU C 36 -27.91 -28.69 -6.07
CA LEU C 36 -26.75 -28.92 -5.24
C LEU C 36 -26.60 -27.83 -4.18
N PHE C 37 -26.73 -26.57 -4.61
CA PHE C 37 -26.57 -25.42 -3.71
C PHE C 37 -27.59 -25.47 -2.58
N ILE C 38 -28.87 -25.61 -2.91
CA ILE C 38 -29.94 -25.58 -1.90
C ILE C 38 -29.74 -26.68 -0.86
N GLY C 39 -29.53 -27.92 -1.33
CA GLY C 39 -29.33 -29.01 -0.38
C GLY C 39 -28.09 -28.82 0.47
N LEU C 40 -26.96 -28.50 -0.18
CA LEU C 40 -25.72 -28.36 0.55
C LEU C 40 -25.77 -27.19 1.54
N ILE C 41 -26.55 -26.14 1.25
CA ILE C 41 -26.58 -24.98 2.14
C ILE C 41 -27.42 -25.27 3.36
N GLY C 42 -28.62 -25.82 3.16
CA GLY C 42 -29.35 -26.30 4.30
C GLY C 42 -28.50 -27.19 5.18
N PHE C 43 -27.77 -28.12 4.58
CA PHE C 43 -26.83 -28.95 5.32
C PHE C 43 -25.81 -28.11 6.09
N ALA C 44 -25.20 -27.13 5.42
CA ALA C 44 -24.15 -26.31 6.01
C ALA C 44 -24.60 -25.62 7.30
N ILE C 45 -25.83 -25.10 7.34
CA ILE C 45 -26.29 -24.30 8.49
C ILE C 45 -26.38 -25.11 9.78
N ASN C 46 -26.80 -26.37 9.71
CA ASN C 46 -26.98 -27.16 10.92
C ASN C 46 -25.68 -27.71 11.46
N GLN C 47 -24.77 -28.08 10.57
CA GLN C 47 -23.51 -28.70 10.96
C GLN C 47 -22.39 -27.69 11.21
N PHE C 48 -22.58 -26.42 10.86
CA PHE C 48 -21.52 -25.43 11.01
C PHE C 48 -20.96 -25.43 12.42
N SER C 49 -21.82 -25.31 13.42
CA SER C 49 -21.37 -25.27 14.80
C SER C 49 -20.46 -26.44 15.13
N HIS C 50 -20.83 -27.65 14.71
CA HIS C 50 -19.99 -28.81 15.01
C HIS C 50 -18.64 -28.69 14.31
N TRP C 51 -18.59 -28.20 13.07
CA TRP C 51 -17.30 -28.10 12.40
C TRP C 51 -16.39 -27.13 13.12
N VAL C 52 -16.85 -25.89 13.35
CA VAL C 52 -15.97 -24.92 13.98
C VAL C 52 -15.56 -25.38 15.37
N ASP C 53 -16.48 -26.06 16.10
CA ASP C 53 -16.15 -26.56 17.44
C ASP C 53 -15.20 -27.76 17.36
N TRP C 54 -15.29 -28.53 16.28
CA TRP C 54 -14.42 -29.68 16.05
C TRP C 54 -13.00 -29.24 15.73
N LEU C 55 -12.86 -28.30 14.80
CA LEU C 55 -11.54 -27.86 14.41
C LEU C 55 -10.85 -27.11 15.52
N MET C 56 -11.64 -26.50 16.46
CA MET C 56 -10.99 -25.63 17.45
C MET C 56 -10.42 -26.44 18.62
N PRO C 57 -9.15 -26.20 18.98
CA PRO C 57 -8.47 -27.03 19.97
C PRO C 57 -8.92 -26.80 21.40
N SER C 58 -8.67 -27.83 22.24
CA SER C 58 -8.92 -27.72 23.68
C SER C 58 -7.76 -27.00 24.36
N LEU C 59 -8.09 -25.96 25.11
CA LEU C 59 -7.16 -25.09 25.81
C LEU C 59 -7.50 -25.06 27.29
N PRO C 60 -6.51 -24.89 28.17
CA PRO C 60 -6.83 -24.76 29.59
C PRO C 60 -7.69 -23.54 29.81
N GLU C 61 -8.18 -23.37 31.03
CA GLU C 61 -9.08 -22.26 31.23
C GLU C 61 -8.35 -20.92 31.24
N TRP C 62 -7.06 -20.88 31.55
CA TRP C 62 -6.34 -19.61 31.43
C TRP C 62 -6.17 -19.23 29.98
N LEU C 63 -5.84 -20.19 29.12
CA LEU C 63 -5.71 -19.93 27.70
C LEU C 63 -7.04 -19.96 26.98
N SER C 64 -8.15 -20.05 27.71
CA SER C 64 -9.46 -20.15 27.06
C SER C 64 -9.68 -18.98 26.12
N PHE C 65 -9.16 -17.80 26.48
CA PHE C 65 -9.44 -16.59 25.70
C PHE C 65 -8.99 -16.72 24.26
N LEU C 66 -8.03 -17.60 23.99
CA LEU C 66 -7.54 -17.75 22.63
C LEU C 66 -8.64 -18.20 21.67
N GLN C 67 -9.62 -18.96 22.17
CA GLN C 67 -10.73 -19.35 21.31
C GLN C 67 -11.46 -18.16 20.70
N PHE C 68 -11.25 -16.96 21.23
CA PHE C 68 -11.88 -15.78 20.64
C PHE C 68 -11.17 -15.35 19.36
N ILE C 69 -9.85 -15.48 19.31
CA ILE C 69 -9.16 -15.13 18.07
C ILE C 69 -9.29 -16.29 17.07
N LEU C 70 -9.22 -17.53 17.55
CA LEU C 70 -9.35 -18.66 16.66
C LEU C 70 -10.77 -18.75 16.08
N TRP C 71 -11.76 -18.12 16.73
CA TRP C 71 -13.12 -18.21 16.22
C TRP C 71 -13.26 -17.65 14.82
N PRO C 72 -13.01 -16.36 14.57
CA PRO C 72 -13.21 -15.84 13.20
C PRO C 72 -12.43 -16.64 12.19
N LEU C 73 -11.25 -17.10 12.55
CA LEU C 73 -10.43 -17.90 11.64
C LEU C 73 -11.15 -19.19 11.21
N PHE C 74 -11.40 -20.12 12.13
CA PHE C 74 -12.02 -21.40 11.76
C PHE C 74 -13.36 -21.22 11.06
N VAL C 75 -14.19 -20.27 11.53
CA VAL C 75 -15.42 -19.93 10.80
C VAL C 75 -15.07 -19.70 9.33
N THR C 76 -14.20 -18.71 9.10
CA THR C 76 -13.69 -18.43 7.76
C THR C 76 -13.27 -19.72 7.06
N LEU C 77 -12.40 -20.48 7.72
CA LEU C 77 -11.85 -21.68 7.11
C LEU C 77 -12.97 -22.60 6.63
N VAL C 78 -13.89 -22.94 7.55
CA VAL C 78 -15.02 -23.80 7.19
C VAL C 78 -15.73 -23.24 5.97
N LEU C 79 -16.05 -21.94 6.01
CA LEU C 79 -16.68 -21.29 4.87
C LEU C 79 -15.92 -21.60 3.58
N LEU C 80 -14.60 -21.36 3.58
CA LEU C 80 -13.77 -21.64 2.41
C LEU C 80 -13.90 -23.08 1.97
N ILE C 81 -13.74 -24.01 2.92
CA ILE C 81 -13.97 -25.42 2.59
C ILE C 81 -15.38 -25.58 2.02
N VAL C 82 -16.39 -25.06 2.72
CA VAL C 82 -17.75 -25.17 2.24
C VAL C 82 -17.82 -24.72 0.79
N PHE C 83 -17.22 -23.56 0.48
CA PHE C 83 -17.31 -23.04 -0.88
C PHE C 83 -16.56 -23.94 -1.85
N PHE C 84 -15.31 -24.25 -1.50
CA PHE C 84 -14.47 -25.06 -2.38
C PHE C 84 -15.10 -26.41 -2.65
N THR C 85 -15.51 -27.13 -1.58
CA THR C 85 -16.26 -28.37 -1.72
C THR C 85 -17.41 -28.20 -2.72
N PHE C 86 -18.26 -27.19 -2.51
CA PHE C 86 -19.31 -26.94 -3.48
C PHE C 86 -18.71 -26.81 -4.87
N THR C 87 -17.81 -25.83 -5.03
CA THR C 87 -17.16 -25.60 -6.30
C THR C 87 -16.51 -26.86 -6.81
N LEU C 88 -15.92 -27.64 -5.90
CA LEU C 88 -15.35 -28.91 -6.31
C LEU C 88 -16.43 -29.83 -6.87
N ILE C 89 -17.48 -30.09 -6.09
CA ILE C 89 -18.54 -31.01 -6.52
C ILE C 89 -19.26 -30.46 -7.74
N ALA C 90 -19.63 -29.18 -7.71
CA ALA C 90 -20.42 -28.58 -8.77
C ALA C 90 -19.83 -28.93 -10.11
N ASN C 91 -18.58 -28.54 -10.30
CA ASN C 91 -17.93 -28.75 -11.58
C ASN C 91 -17.90 -30.23 -11.93
N LEU C 92 -17.63 -31.11 -10.95
CA LEU C 92 -17.63 -32.55 -11.24
C LEU C 92 -18.92 -32.96 -11.95
N ILE C 93 -20.07 -32.57 -11.39
CA ILE C 93 -21.34 -32.99 -11.99
C ILE C 93 -21.54 -32.34 -13.35
N ALA C 94 -20.95 -31.17 -13.57
CA ALA C 94 -20.98 -30.53 -14.87
C ALA C 94 -20.01 -31.18 -15.86
N ALA C 95 -19.11 -32.03 -15.37
CA ALA C 95 -18.02 -32.54 -16.20
C ALA C 95 -18.57 -33.28 -17.40
N PRO C 96 -19.45 -34.29 -17.25
CA PRO C 96 -19.95 -35.01 -18.42
C PRO C 96 -20.87 -34.17 -19.29
N PHE C 97 -21.82 -33.44 -18.68
CA PHE C 97 -22.68 -32.58 -19.47
C PHE C 97 -21.86 -31.69 -20.39
N ASN C 98 -20.69 -31.26 -19.93
CA ASN C 98 -19.81 -30.48 -20.77
C ASN C 98 -19.38 -31.27 -22.00
N GLY C 99 -18.73 -32.41 -21.77
CA GLY C 99 -18.29 -33.22 -22.88
C GLY C 99 -19.42 -33.62 -23.80
N PHE C 100 -20.49 -34.17 -23.21
CA PHE C 100 -21.68 -34.48 -23.99
C PHE C 100 -22.12 -33.27 -24.79
N LEU C 101 -22.05 -32.08 -24.20
CA LEU C 101 -22.33 -30.87 -24.95
C LEU C 101 -21.28 -30.64 -26.03
N ALA C 102 -20.00 -30.79 -25.68
CA ALA C 102 -18.92 -30.49 -26.62
C ALA C 102 -19.10 -31.22 -27.94
N GLU C 103 -19.34 -32.54 -27.86
CA GLU C 103 -19.63 -33.31 -29.06
C GLU C 103 -20.78 -32.68 -29.83
N LYS C 104 -21.91 -32.45 -29.15
CA LYS C 104 -23.07 -31.90 -29.83
C LYS C 104 -22.79 -30.52 -30.41
N VAL C 105 -21.79 -29.79 -29.90
CA VAL C 105 -21.44 -28.52 -30.54
C VAL C 105 -20.59 -28.76 -31.77
N GLU C 106 -19.64 -29.71 -31.70
CA GLU C 106 -18.74 -29.93 -32.82
C GLU C 106 -19.51 -30.22 -34.10
N VAL C 107 -20.54 -31.06 -34.00
CA VAL C 107 -21.31 -31.44 -35.18
C VAL C 107 -21.99 -30.24 -35.80
N VAL C 108 -22.29 -29.22 -35.00
CA VAL C 108 -22.90 -28.01 -35.56
C VAL C 108 -21.87 -27.19 -36.33
N VAL C 109 -20.60 -27.23 -35.91
CA VAL C 109 -19.57 -26.42 -36.54
C VAL C 109 -19.28 -26.92 -37.95
N ARG C 110 -19.26 -28.23 -38.13
CA ARG C 110 -18.92 -28.86 -39.40
C ARG C 110 -20.14 -29.08 -40.29
N GLY C 111 -21.33 -28.74 -39.81
CA GLY C 111 -22.56 -28.91 -40.58
C GLY C 111 -23.24 -30.25 -40.41
N THR C 112 -22.79 -31.07 -39.46
CA THR C 112 -23.26 -32.44 -39.34
C THR C 112 -24.70 -32.52 -38.86
N ASP C 113 -25.04 -31.79 -37.79
CA ASP C 113 -26.34 -31.92 -37.13
C ASP C 113 -27.02 -30.58 -36.93
N ASP C 114 -28.29 -30.50 -37.33
CA ASP C 114 -29.07 -29.30 -37.04
C ASP C 114 -29.49 -29.26 -35.57
N PHE C 115 -29.85 -30.42 -35.00
CA PHE C 115 -30.21 -30.49 -33.59
C PHE C 115 -30.26 -31.96 -33.13
N PRO C 116 -29.79 -32.25 -31.89
CA PRO C 116 -29.90 -33.63 -31.39
C PRO C 116 -30.80 -33.73 -30.17
N ALA C 117 -31.66 -34.74 -30.09
CA ALA C 117 -32.44 -34.94 -28.88
C ALA C 117 -31.53 -35.54 -27.79
N PHE C 118 -31.47 -34.87 -26.63
CA PHE C 118 -30.64 -35.38 -25.52
C PHE C 118 -31.11 -36.76 -25.08
N SER C 119 -30.15 -37.63 -24.78
CA SER C 119 -30.41 -38.96 -24.27
C SER C 119 -29.49 -39.21 -23.08
N TRP C 120 -30.06 -39.74 -21.99
CA TRP C 120 -29.27 -40.10 -20.82
C TRP C 120 -28.26 -41.21 -21.10
N ALA C 121 -28.50 -42.00 -22.15
CA ALA C 121 -27.67 -43.17 -22.44
C ALA C 121 -26.23 -42.78 -22.66
N GLU C 122 -25.96 -42.00 -23.71
CA GLU C 122 -24.59 -41.65 -24.06
C GLU C 122 -23.92 -40.77 -23.01
N LEU C 123 -24.70 -39.95 -22.28
CA LEU C 123 -24.15 -39.18 -21.17
C LEU C 123 -23.63 -40.10 -20.07
N MET C 124 -24.47 -41.03 -19.61
CA MET C 124 -24.04 -42.04 -18.65
C MET C 124 -22.84 -42.84 -19.17
N ALA C 125 -22.81 -43.09 -20.48
CA ALA C 125 -21.67 -43.80 -21.05
C ALA C 125 -20.41 -42.96 -20.97
N MET C 126 -20.56 -41.64 -21.03
CA MET C 126 -19.38 -40.79 -20.93
C MET C 126 -18.87 -40.69 -19.48
N VAL C 127 -19.78 -40.59 -18.52
CA VAL C 127 -19.51 -40.12 -17.16
C VAL C 127 -18.19 -40.62 -16.58
N PRO C 128 -17.91 -41.92 -16.53
CA PRO C 128 -16.68 -42.34 -15.81
C PRO C 128 -15.40 -41.81 -16.44
N ARG C 129 -15.31 -41.86 -17.77
CA ARG C 129 -14.09 -41.39 -18.45
C ARG C 129 -13.91 -39.89 -18.27
N THR C 130 -14.97 -39.12 -18.49
CA THR C 130 -14.82 -37.67 -18.43
C THR C 130 -14.65 -37.19 -16.99
N ILE C 131 -15.29 -37.85 -16.02
CA ILE C 131 -15.04 -37.52 -14.63
C ILE C 131 -13.61 -37.91 -14.25
N GLY C 132 -13.12 -39.05 -14.72
CA GLY C 132 -11.71 -39.36 -14.55
C GLY C 132 -10.82 -38.29 -15.15
N ARG C 133 -11.27 -37.71 -16.27
CA ARG C 133 -10.52 -36.64 -16.94
C ARG C 133 -10.45 -35.38 -16.08
N GLU C 134 -11.59 -34.93 -15.56
CA GLU C 134 -11.55 -33.74 -14.71
C GLU C 134 -10.87 -34.02 -13.38
N LEU C 135 -10.86 -35.27 -12.92
CA LEU C 135 -10.05 -35.60 -11.77
C LEU C 135 -8.58 -35.40 -12.10
N ARG C 136 -8.15 -35.80 -13.30
CA ARG C 136 -6.79 -35.52 -13.72
C ARG C 136 -6.52 -34.01 -13.81
N LYS C 137 -7.52 -33.21 -14.24
CA LYS C 137 -7.35 -31.76 -14.24
C LYS C 137 -7.10 -31.24 -12.83
N LEU C 138 -7.89 -31.70 -11.86
CA LEU C 138 -7.63 -31.33 -10.48
C LEU C 138 -6.22 -31.73 -10.06
N GLY C 139 -5.73 -32.88 -10.56
CA GLY C 139 -4.38 -33.31 -10.25
C GLY C 139 -3.30 -32.43 -10.83
N TYR C 140 -3.52 -31.88 -12.03
CA TYR C 140 -2.58 -30.90 -12.57
C TYR C 140 -2.67 -29.57 -11.84
N PHE C 141 -3.88 -29.16 -11.44
CA PHE C 141 -4.11 -27.82 -10.91
C PHE C 141 -3.67 -27.70 -9.45
N LEU C 142 -4.33 -28.42 -8.55
CA LEU C 142 -4.23 -28.15 -7.11
C LEU C 142 -2.80 -28.08 -6.54
N PRO C 143 -1.84 -28.89 -7.00
CA PRO C 143 -0.46 -28.76 -6.46
C PRO C 143 0.26 -27.47 -6.82
N ARG C 144 0.12 -27.01 -8.06
CA ARG C 144 0.66 -25.71 -8.42
C ARG C 144 0.01 -24.61 -7.62
N ALA C 145 -1.30 -24.72 -7.33
CA ALA C 145 -1.98 -23.69 -6.55
C ALA C 145 -1.46 -23.65 -5.10
N ILE C 146 -1.45 -24.80 -4.41
CA ILE C 146 -0.92 -24.82 -3.05
C ILE C 146 0.51 -24.28 -3.06
N ALA C 147 1.27 -24.66 -4.08
CA ALA C 147 2.63 -24.16 -4.20
C ALA C 147 2.66 -22.64 -4.29
N LEU C 148 1.90 -22.07 -5.23
CA LEU C 148 1.88 -20.61 -5.41
C LEU C 148 1.41 -19.90 -4.16
N PHE C 149 0.55 -20.56 -3.37
CA PHE C 149 0.02 -19.96 -2.14
C PHE C 149 1.09 -19.92 -1.05
N ILE C 150 1.77 -21.05 -0.85
CA ILE C 150 2.93 -21.08 0.05
C ILE C 150 3.97 -20.07 -0.41
N LEU C 151 4.09 -19.89 -1.73
CA LEU C 151 4.97 -18.88 -2.31
C LEU C 151 4.50 -17.47 -1.98
N SER C 152 3.18 -17.25 -1.88
CA SER C 152 2.67 -15.94 -1.52
C SER C 152 2.82 -15.65 -0.04
N LEU C 153 2.95 -16.69 0.79
CA LEU C 153 3.18 -16.45 2.21
C LEU C 153 4.57 -15.89 2.46
N ILE C 154 5.52 -16.21 1.60
CA ILE C 154 6.89 -15.75 1.81
C ILE C 154 6.92 -14.23 1.77
N PRO C 155 7.61 -13.54 2.70
CA PRO C 155 7.55 -12.06 2.73
C PRO C 155 8.15 -11.39 1.50
N GLY C 156 9.23 -11.92 0.95
CA GLY C 156 9.80 -11.29 -0.23
C GLY C 156 9.12 -11.72 -1.51
N LEU C 157 8.84 -13.03 -1.63
CA LEU C 157 8.35 -13.61 -2.88
C LEU C 157 6.86 -13.41 -3.11
N ASN C 158 6.10 -12.91 -2.14
CA ASN C 158 4.67 -12.70 -2.37
C ASN C 158 4.44 -11.84 -3.60
N LEU C 159 5.34 -10.88 -3.87
CA LEU C 159 5.18 -10.02 -5.03
C LEU C 159 5.24 -10.82 -6.32
N ILE C 160 6.10 -11.83 -6.39
CA ILE C 160 6.14 -12.67 -7.58
C ILE C 160 5.02 -13.70 -7.59
N ALA C 161 4.29 -13.85 -6.48
CA ALA C 161 3.18 -14.81 -6.47
C ALA C 161 1.98 -14.25 -7.23
N ALA C 162 1.71 -12.95 -7.07
CA ALA C 162 0.53 -12.34 -7.69
C ALA C 162 0.48 -12.56 -9.20
N PRO C 163 1.49 -12.20 -9.97
CA PRO C 163 1.44 -12.52 -11.41
C PRO C 163 1.38 -14.01 -11.68
N LEU C 164 2.23 -14.81 -11.03
CA LEU C 164 2.25 -16.24 -11.33
C LEU C 164 0.87 -16.85 -11.24
N TRP C 165 0.05 -16.39 -10.28
CA TRP C 165 -1.32 -16.87 -10.22
C TRP C 165 -2.06 -16.60 -11.53
N LEU C 166 -2.16 -15.32 -11.90
CA LEU C 166 -2.94 -14.93 -13.08
C LEU C 166 -2.50 -15.70 -14.32
N LEU C 167 -1.22 -15.67 -14.64
CA LEU C 167 -0.75 -16.37 -15.82
C LEU C 167 -1.19 -17.82 -15.82
N PHE C 168 -1.13 -18.48 -14.66
CA PHE C 168 -1.55 -19.87 -14.61
C PHE C 168 -3.07 -19.95 -14.74
N GLY C 169 -3.79 -19.09 -14.03
CA GLY C 169 -5.24 -19.08 -14.12
C GLY C 169 -5.73 -18.93 -15.54
N VAL C 170 -5.03 -18.13 -16.36
CA VAL C 170 -5.38 -18.05 -17.77
C VAL C 170 -5.03 -19.35 -18.48
N TRP C 171 -3.78 -19.80 -18.32
CA TRP C 171 -3.34 -21.02 -18.97
C TRP C 171 -4.25 -22.19 -18.65
N MET C 172 -4.66 -22.30 -17.39
CA MET C 172 -5.55 -23.37 -17.00
C MET C 172 -6.86 -23.30 -17.78
N MET C 173 -7.41 -22.10 -17.95
CA MET C 173 -8.63 -21.94 -18.72
C MET C 173 -8.48 -22.38 -20.16
N ALA C 174 -7.25 -22.42 -20.68
CA ALA C 174 -7.02 -23.05 -21.98
C ALA C 174 -7.08 -24.57 -21.84
N VAL C 175 -6.34 -25.11 -20.87
CA VAL C 175 -6.25 -26.57 -20.78
C VAL C 175 -7.58 -27.15 -20.32
N GLN C 176 -8.35 -26.41 -19.51
CA GLN C 176 -9.60 -26.94 -18.98
C GLN C 176 -10.61 -27.17 -20.09
N TYR C 177 -10.85 -26.18 -20.94
CA TYR C 177 -11.90 -26.26 -21.94
C TYR C 177 -11.45 -26.92 -23.24
N ILE C 178 -10.30 -26.53 -23.76
CA ILE C 178 -9.81 -27.13 -25.00
C ILE C 178 -9.55 -28.61 -24.82
N ASP C 179 -9.50 -29.09 -23.58
CA ASP C 179 -9.40 -30.52 -23.34
C ASP C 179 -10.66 -31.25 -23.77
N TYR C 180 -11.83 -30.66 -23.54
CA TYR C 180 -13.09 -31.41 -23.70
C TYR C 180 -13.25 -31.96 -25.10
N PRO C 181 -13.07 -31.19 -26.19
CA PRO C 181 -13.10 -31.84 -27.51
C PRO C 181 -11.96 -32.81 -27.67
N ALA C 182 -10.79 -32.46 -27.12
CA ALA C 182 -9.65 -33.37 -27.17
C ALA C 182 -10.00 -34.71 -26.55
N ASP C 183 -10.56 -34.71 -25.34
CA ASP C 183 -10.95 -35.97 -24.71
C ASP C 183 -12.05 -36.67 -25.49
N ASN C 184 -12.83 -35.94 -26.29
CA ASN C 184 -13.74 -36.61 -27.20
C ASN C 184 -12.97 -37.46 -28.20
N HIS C 185 -11.73 -37.05 -28.52
CA HIS C 185 -10.90 -37.75 -29.49
C HIS C 185 -9.84 -38.62 -28.84
N LYS C 186 -10.00 -39.00 -27.57
CA LYS C 186 -9.00 -39.78 -26.85
C LYS C 186 -7.63 -39.14 -26.93
N LEU C 187 -7.57 -37.82 -26.90
CA LEU C 187 -6.29 -37.14 -27.03
C LEU C 187 -5.39 -37.53 -25.86
N GLY C 188 -4.18 -38.00 -26.18
CA GLY C 188 -3.24 -38.37 -25.14
C GLY C 188 -2.76 -37.14 -24.38
N TRP C 189 -2.64 -37.30 -23.06
CA TRP C 189 -2.42 -36.16 -22.18
C TRP C 189 -1.20 -35.32 -22.59
N ASN C 190 -0.07 -35.97 -22.81
CA ASN C 190 1.13 -35.23 -23.18
C ASN C 190 0.90 -34.41 -24.44
N GLU C 191 0.26 -35.00 -25.46
CA GLU C 191 0.16 -34.33 -26.74
C GLU C 191 -0.72 -33.10 -26.66
N MET C 192 -1.74 -33.11 -25.82
CA MET C 192 -2.55 -31.90 -25.71
C MET C 192 -1.80 -30.80 -24.98
N LEU C 193 -1.10 -31.12 -23.89
CA LEU C 193 -0.37 -30.06 -23.21
C LEU C 193 0.69 -29.46 -24.13
N ALA C 194 1.36 -30.30 -24.92
CA ALA C 194 2.26 -29.78 -25.93
C ALA C 194 1.51 -28.98 -26.98
N TRP C 195 0.28 -29.40 -27.33
CA TRP C 195 -0.48 -28.71 -28.36
C TRP C 195 -0.77 -27.28 -27.94
N LEU C 196 -1.30 -27.10 -26.72
CA LEU C 196 -1.58 -25.78 -26.19
C LEU C 196 -0.29 -25.01 -25.90
N ARG C 197 0.83 -25.70 -25.70
CA ARG C 197 2.10 -25.01 -25.57
C ARG C 197 2.63 -24.51 -26.92
N SER C 198 2.26 -25.17 -28.02
CA SER C 198 2.62 -24.67 -29.34
C SER C 198 1.67 -23.56 -29.80
N LYS C 199 0.44 -23.56 -29.30
CA LYS C 199 -0.55 -22.55 -29.61
C LYS C 199 -0.68 -21.49 -28.52
N ARG C 200 0.42 -21.17 -27.82
CA ARG C 200 0.27 -20.43 -26.57
C ARG C 200 -0.50 -19.12 -26.77
N TRP C 201 -0.22 -18.38 -27.83
CA TRP C 201 -0.86 -17.07 -28.00
C TRP C 201 -2.38 -17.22 -28.14
N ALA C 202 -2.82 -18.07 -29.06
CA ALA C 202 -4.26 -18.20 -29.29
C ALA C 202 -4.96 -18.72 -28.04
N CYS C 203 -4.60 -19.92 -27.59
CA CYS C 203 -5.29 -20.52 -26.44
C CYS C 203 -5.11 -19.69 -25.16
N MET C 204 -4.09 -18.84 -25.09
CA MET C 204 -3.91 -17.97 -23.93
C MET C 204 -4.77 -16.72 -24.01
N GLY C 205 -5.03 -16.22 -25.22
CA GLY C 205 -6.01 -15.15 -25.37
C GLY C 205 -7.42 -15.65 -25.11
N PHE C 206 -7.78 -16.77 -25.76
CA PHE C 206 -9.02 -17.47 -25.47
C PHE C 206 -9.20 -17.70 -23.98
N GLY C 207 -8.22 -18.37 -23.35
CA GLY C 207 -8.27 -18.56 -21.91
C GLY C 207 -8.32 -17.26 -21.13
N GLY C 208 -7.76 -16.19 -21.69
CA GLY C 208 -7.77 -14.89 -21.02
C GLY C 208 -9.15 -14.28 -20.95
N ILE C 209 -9.78 -14.08 -22.11
CA ILE C 209 -11.14 -13.54 -22.10
C ILE C 209 -12.08 -14.46 -21.35
N THR C 210 -11.87 -15.78 -21.47
CA THR C 210 -12.64 -16.74 -20.69
C THR C 210 -12.48 -16.49 -19.19
N TYR C 211 -11.23 -16.28 -18.74
CA TYR C 211 -10.98 -15.91 -17.35
C TYR C 211 -11.77 -14.67 -16.97
N LEU C 212 -11.54 -13.58 -17.69
CA LEU C 212 -12.13 -12.29 -17.32
C LEU C 212 -13.65 -12.35 -17.29
N VAL C 213 -14.27 -12.85 -18.36
CA VAL C 213 -15.73 -12.91 -18.41
C VAL C 213 -16.28 -13.89 -17.39
N LEU C 214 -15.49 -14.90 -16.99
CA LEU C 214 -15.85 -15.78 -15.88
C LEU C 214 -15.68 -15.12 -14.52
N LEU C 215 -15.03 -13.96 -14.44
CA LEU C 215 -15.00 -13.20 -13.20
C LEU C 215 -16.36 -12.60 -12.87
N ILE C 216 -17.26 -12.52 -13.85
CA ILE C 216 -18.59 -11.95 -13.68
C ILE C 216 -19.49 -13.03 -13.08
N PRO C 217 -20.10 -12.80 -11.89
CA PRO C 217 -20.67 -13.92 -11.09
C PRO C 217 -21.82 -14.71 -11.71
N LEU C 218 -22.94 -14.05 -11.96
CA LEU C 218 -24.05 -14.79 -12.56
C LEU C 218 -23.82 -15.04 -14.03
N VAL C 219 -22.99 -14.21 -14.69
CA VAL C 219 -22.67 -14.40 -16.09
C VAL C 219 -21.78 -15.61 -16.29
N ASN C 220 -21.11 -16.08 -15.24
CA ASN C 220 -20.42 -17.37 -15.30
C ASN C 220 -21.29 -18.39 -15.99
N LEU C 221 -22.56 -18.44 -15.58
CA LEU C 221 -23.44 -19.53 -15.93
C LEU C 221 -23.78 -19.53 -17.41
N VAL C 222 -23.91 -18.36 -18.03
CA VAL C 222 -24.10 -18.30 -19.47
C VAL C 222 -22.77 -18.26 -20.22
N ALA C 223 -21.68 -17.87 -19.55
CA ALA C 223 -20.37 -17.73 -20.19
C ALA C 223 -19.70 -19.08 -20.41
N MET C 224 -19.85 -20.00 -19.46
CA MET C 224 -19.21 -21.32 -19.59
C MET C 224 -19.63 -22.05 -20.86
N PRO C 225 -20.92 -22.17 -21.21
CA PRO C 225 -21.25 -22.78 -22.50
C PRO C 225 -20.59 -22.07 -23.67
N ALA C 226 -20.55 -20.73 -23.68
CA ALA C 226 -19.83 -20.01 -24.72
C ALA C 226 -18.36 -20.43 -24.74
N ALA C 227 -17.77 -20.67 -23.58
CA ALA C 227 -16.39 -21.11 -23.53
C ALA C 227 -16.21 -22.51 -24.12
N VAL C 228 -17.16 -23.41 -23.86
CA VAL C 228 -17.10 -24.76 -24.41
C VAL C 228 -17.22 -24.70 -25.94
N ALA C 229 -18.22 -23.98 -26.43
CA ALA C 229 -18.37 -23.84 -27.87
C ALA C 229 -17.10 -23.26 -28.48
N GLY C 230 -16.59 -22.18 -27.89
CA GLY C 230 -15.37 -21.57 -28.39
C GLY C 230 -14.18 -22.50 -28.38
N ALA C 231 -14.11 -23.39 -27.38
CA ALA C 231 -13.01 -24.33 -27.34
C ALA C 231 -13.13 -25.38 -28.43
N VAL C 232 -14.36 -25.79 -28.74
CA VAL C 232 -14.57 -26.71 -29.86
C VAL C 232 -14.17 -26.04 -31.18
N LEU C 233 -14.57 -24.77 -31.36
CA LEU C 233 -14.15 -24.04 -32.55
C LEU C 233 -12.64 -23.89 -32.61
N PHE C 234 -12.02 -23.53 -31.48
CA PHE C 234 -10.58 -23.49 -31.37
C PHE C 234 -9.96 -24.82 -31.75
N TRP C 235 -10.68 -25.91 -31.47
CA TRP C 235 -10.18 -27.24 -31.81
C TRP C 235 -10.31 -27.52 -33.31
N VAL C 236 -11.41 -27.08 -33.92
CA VAL C 236 -11.69 -27.44 -35.30
C VAL C 236 -10.86 -26.62 -36.27
N ARG C 237 -10.80 -25.30 -36.06
CA ARG C 237 -10.20 -24.45 -37.08
C ARG C 237 -8.67 -24.47 -37.07
N GLU C 238 -8.03 -24.80 -35.96
CA GLU C 238 -6.57 -24.87 -35.96
C GLU C 238 -6.10 -26.34 -35.94
N SER D 2 -35.56 -8.07 25.63
CA SER D 2 -35.29 -8.29 27.05
C SER D 2 -34.04 -9.13 27.25
N THR D 3 -32.89 -8.49 27.41
CA THR D 3 -31.58 -9.11 27.54
C THR D 3 -31.03 -9.50 26.17
N LEU D 4 -31.84 -9.50 25.10
CA LEU D 4 -31.42 -10.01 23.81
C LEU D 4 -30.77 -8.93 22.95
N SER D 5 -30.41 -7.80 23.55
CA SER D 5 -29.87 -6.70 22.78
C SER D 5 -28.50 -7.06 22.21
N GLY D 6 -28.16 -6.36 21.13
CA GLY D 6 -26.91 -6.56 20.42
C GLY D 6 -27.12 -7.21 19.06
N PRO D 7 -26.04 -7.78 18.51
CA PRO D 7 -26.11 -8.43 17.19
C PRO D 7 -26.73 -9.83 17.23
N GLN D 8 -27.01 -10.36 18.43
CA GLN D 8 -27.60 -11.68 18.56
C GLN D 8 -28.86 -11.86 17.74
N TYR D 9 -29.58 -10.77 17.49
CA TYR D 9 -30.82 -10.82 16.72
C TYR D 9 -30.66 -11.59 15.42
N LEU D 10 -29.62 -11.29 14.65
CA LEU D 10 -29.44 -12.01 13.38
C LEU D 10 -29.32 -13.51 13.58
N GLY D 11 -28.49 -13.94 14.52
CA GLY D 11 -28.45 -15.35 14.87
C GLY D 11 -29.83 -15.90 15.17
N GLU D 12 -30.54 -15.25 16.10
CA GLU D 12 -31.85 -15.75 16.49
C GLU D 12 -32.80 -15.76 15.31
N GLY D 13 -32.69 -14.76 14.43
CA GLY D 13 -33.48 -14.71 13.21
C GLY D 13 -33.21 -15.89 12.28
N LEU D 14 -31.93 -16.26 12.12
CA LEU D 14 -31.59 -17.48 11.40
C LEU D 14 -32.28 -18.69 12.03
N LYS D 15 -32.30 -18.73 13.36
CA LYS D 15 -33.03 -19.80 14.06
C LYS D 15 -34.51 -19.81 13.68
N LEU D 16 -35.15 -18.65 13.70
CA LEU D 16 -36.57 -18.57 13.33
C LEU D 16 -36.80 -19.07 11.92
N MET D 17 -35.92 -18.71 10.98
CA MET D 17 -36.09 -19.15 9.60
C MET D 17 -35.86 -20.64 9.46
N MET D 18 -35.16 -21.26 10.40
CA MET D 18 -34.91 -22.69 10.29
C MET D 18 -36.09 -23.55 10.73
N ARG D 19 -37.00 -23.01 11.59
CA ARG D 19 -38.09 -23.84 12.09
C ARG D 19 -39.15 -24.02 11.00
N PRO D 20 -39.85 -25.16 10.97
CA PRO D 20 -40.90 -25.38 9.96
C PRO D 20 -41.95 -24.27 10.01
N GLY D 21 -42.54 -23.96 8.86
CA GLY D 21 -43.57 -22.93 8.78
C GLY D 21 -43.06 -21.61 8.23
N LEU D 22 -41.81 -21.29 8.53
CA LEU D 22 -41.10 -20.17 7.94
C LEU D 22 -39.94 -20.61 7.06
N ARG D 23 -39.72 -21.92 6.90
CA ARG D 23 -38.46 -22.40 6.34
C ARG D 23 -38.36 -22.11 4.84
N LEU D 24 -39.43 -22.33 4.07
CA LEU D 24 -39.34 -22.15 2.63
C LEU D 24 -39.32 -20.69 2.19
N PHE D 25 -39.73 -19.74 3.04
CA PHE D 25 -39.58 -18.33 2.69
C PHE D 25 -38.11 -17.95 2.48
N VAL D 26 -37.19 -18.76 3.00
CA VAL D 26 -35.77 -18.55 2.71
C VAL D 26 -35.54 -18.61 1.20
N LEU D 27 -36.32 -19.41 0.48
CA LEU D 27 -36.18 -19.53 -0.97
C LEU D 27 -36.78 -18.35 -1.75
N LEU D 28 -37.44 -17.40 -1.07
CA LEU D 28 -38.02 -16.26 -1.79
C LEU D 28 -36.99 -15.34 -2.43
N PRO D 29 -35.89 -14.98 -1.77
CA PRO D 29 -34.89 -14.14 -2.45
C PRO D 29 -34.21 -14.85 -3.62
N LEU D 30 -33.61 -16.01 -3.38
CA LEU D 30 -32.92 -16.72 -4.45
C LEU D 30 -33.79 -16.79 -5.70
N SER D 31 -35.00 -17.34 -5.57
CA SER D 31 -35.89 -17.45 -6.72
C SER D 31 -36.02 -16.12 -7.45
N ILE D 32 -36.26 -15.04 -6.70
CA ILE D 32 -36.33 -13.71 -7.32
C ILE D 32 -35.08 -13.45 -8.16
N ASN D 33 -33.92 -13.46 -7.50
CA ASN D 33 -32.66 -13.21 -8.21
C ASN D 33 -32.50 -14.16 -9.39
N LEU D 34 -33.04 -15.37 -9.30
CA LEU D 34 -33.03 -16.26 -10.45
C LEU D 34 -33.85 -15.67 -11.58
N ILE D 35 -35.14 -15.46 -11.32
CA ILE D 35 -36.05 -15.06 -12.38
C ILE D 35 -35.58 -13.78 -13.01
N LEU D 36 -35.35 -12.75 -12.19
CA LEU D 36 -34.86 -11.47 -12.71
C LEU D 36 -33.64 -11.65 -13.60
N PHE D 37 -32.71 -12.53 -13.19
CA PHE D 37 -31.57 -12.85 -14.04
C PHE D 37 -32.02 -13.53 -15.33
N ILE D 38 -32.75 -14.64 -15.23
CA ILE D 38 -33.08 -15.45 -16.41
C ILE D 38 -33.76 -14.60 -17.47
N GLY D 39 -34.62 -13.68 -17.05
CA GLY D 39 -35.25 -12.79 -18.01
C GLY D 39 -34.28 -11.79 -18.62
N LEU D 40 -33.48 -11.14 -17.78
CA LEU D 40 -32.60 -10.04 -18.21
C LEU D 40 -31.32 -10.54 -18.89
N ILE D 41 -30.75 -11.65 -18.43
CA ILE D 41 -29.39 -12.02 -18.83
C ILE D 41 -29.25 -11.94 -20.34
N GLY D 42 -30.06 -12.69 -21.07
CA GLY D 42 -29.94 -12.73 -22.51
C GLY D 42 -29.96 -11.34 -23.11
N PHE D 43 -30.98 -10.56 -22.75
CA PHE D 43 -31.09 -9.20 -23.23
C PHE D 43 -29.76 -8.48 -23.08
N ALA D 44 -29.27 -8.42 -21.84
CA ALA D 44 -28.04 -7.70 -21.55
C ALA D 44 -26.94 -8.12 -22.50
N ILE D 45 -26.71 -9.44 -22.61
CA ILE D 45 -25.57 -9.88 -23.39
C ILE D 45 -25.64 -9.28 -24.78
N ASN D 46 -26.79 -9.45 -25.45
CA ASN D 46 -26.85 -8.99 -26.84
C ASN D 46 -26.57 -7.51 -26.94
N GLN D 47 -27.08 -6.74 -25.98
CA GLN D 47 -26.93 -5.29 -26.04
C GLN D 47 -25.70 -4.75 -25.29
N PHE D 48 -24.97 -5.59 -24.56
CA PHE D 48 -23.79 -5.07 -23.85
C PHE D 48 -22.86 -4.36 -24.82
N SER D 49 -22.50 -5.06 -25.90
CA SER D 49 -21.61 -4.47 -26.86
C SER D 49 -22.07 -3.08 -27.27
N HIS D 50 -23.38 -2.91 -27.48
CA HIS D 50 -23.86 -1.63 -27.96
C HIS D 50 -23.68 -0.53 -26.93
N TRP D 51 -23.95 -0.83 -25.65
CA TRP D 51 -24.05 0.23 -24.63
C TRP D 51 -22.73 0.97 -24.45
N VAL D 52 -21.63 0.22 -24.36
CA VAL D 52 -20.33 0.86 -24.25
C VAL D 52 -20.10 1.77 -25.45
N ASP D 53 -20.48 1.31 -26.65
CA ASP D 53 -20.26 2.12 -27.85
C ASP D 53 -21.01 3.43 -27.76
N TRP D 54 -22.10 3.46 -26.99
CA TRP D 54 -22.82 4.72 -26.80
C TRP D 54 -22.02 5.65 -25.90
N LEU D 55 -21.57 5.15 -24.75
CA LEU D 55 -20.87 6.02 -23.82
C LEU D 55 -19.51 6.45 -24.36
N MET D 56 -18.93 5.65 -25.25
CA MET D 56 -17.61 5.95 -25.77
C MET D 56 -17.70 7.12 -26.76
N PRO D 57 -16.83 8.11 -26.65
CA PRO D 57 -16.89 9.25 -27.58
C PRO D 57 -16.40 8.88 -28.97
N SER D 58 -16.87 9.67 -29.95
CA SER D 58 -16.42 9.54 -31.33
C SER D 58 -15.10 10.29 -31.49
N LEU D 59 -14.07 9.59 -31.96
CA LEU D 59 -12.72 10.16 -32.02
C LEU D 59 -12.18 10.12 -33.45
N PRO D 60 -11.35 11.11 -33.85
CA PRO D 60 -10.81 11.15 -35.22
C PRO D 60 -9.70 10.14 -35.49
N GLU D 61 -9.07 10.25 -36.67
CA GLU D 61 -8.03 9.30 -37.05
C GLU D 61 -6.88 9.33 -36.06
N TRP D 62 -6.52 10.53 -35.59
CA TRP D 62 -5.36 10.71 -34.73
C TRP D 62 -5.62 10.25 -33.30
N LEU D 63 -6.80 10.53 -32.77
CA LEU D 63 -7.14 10.13 -31.41
C LEU D 63 -7.70 8.72 -31.34
N SER D 64 -7.67 7.97 -32.45
CA SER D 64 -8.26 6.64 -32.43
C SER D 64 -7.56 5.70 -31.44
N PHE D 65 -6.26 5.89 -31.22
CA PHE D 65 -5.52 5.04 -30.28
C PHE D 65 -6.11 5.11 -28.87
N LEU D 66 -6.76 6.22 -28.52
CA LEU D 66 -7.38 6.33 -27.22
C LEU D 66 -8.42 5.22 -27.00
N GLN D 67 -9.05 4.75 -28.07
CA GLN D 67 -9.99 3.66 -27.93
C GLN D 67 -9.38 2.47 -27.20
N PHE D 68 -8.06 2.28 -27.31
CA PHE D 68 -7.43 1.15 -26.62
C PHE D 68 -7.48 1.33 -25.11
N ILE D 69 -7.35 2.58 -24.63
CA ILE D 69 -7.48 2.86 -23.21
C ILE D 69 -8.90 3.19 -22.82
N LEU D 70 -9.66 3.87 -23.68
CA LEU D 70 -11.03 4.20 -23.33
C LEU D 70 -11.95 2.97 -23.33
N TRP D 71 -11.63 1.96 -24.14
CA TRP D 71 -12.51 0.79 -24.23
C TRP D 71 -12.73 0.12 -22.88
N PRO D 72 -11.70 -0.38 -22.20
CA PRO D 72 -11.91 -1.09 -20.93
C PRO D 72 -12.66 -0.28 -19.90
N LEU D 73 -12.52 1.05 -19.94
CA LEU D 73 -13.17 1.93 -18.97
C LEU D 73 -14.69 1.86 -19.11
N PHE D 74 -15.22 2.34 -20.24
CA PHE D 74 -16.67 2.35 -20.38
C PHE D 74 -17.24 0.97 -20.11
N VAL D 75 -16.58 -0.08 -20.63
CA VAL D 75 -17.00 -1.45 -20.39
C VAL D 75 -17.19 -1.70 -18.90
N THR D 76 -16.19 -1.36 -18.09
CA THR D 76 -16.36 -1.43 -16.64
C THR D 76 -17.51 -0.53 -16.18
N LEU D 77 -17.49 0.76 -16.56
CA LEU D 77 -18.54 1.65 -16.12
C LEU D 77 -19.89 1.01 -16.39
N VAL D 78 -20.14 0.66 -17.66
CA VAL D 78 -21.39 -0.01 -18.01
C VAL D 78 -21.65 -1.17 -17.06
N LEU D 79 -20.71 -2.11 -16.93
CA LEU D 79 -20.89 -3.21 -16.00
C LEU D 79 -21.39 -2.71 -14.64
N LEU D 80 -20.68 -1.76 -14.05
CA LEU D 80 -21.09 -1.24 -12.74
C LEU D 80 -22.56 -0.88 -12.76
N ILE D 81 -22.95 -0.02 -13.71
CA ILE D 81 -24.36 0.37 -13.81
C ILE D 81 -25.25 -0.87 -13.84
N VAL D 82 -24.94 -1.79 -14.77
CA VAL D 82 -25.71 -3.01 -14.90
C VAL D 82 -25.87 -3.68 -13.54
N PHE D 83 -24.76 -3.81 -12.80
CA PHE D 83 -24.84 -4.42 -11.48
C PHE D 83 -25.77 -3.61 -10.58
N PHE D 84 -25.49 -2.32 -10.39
CA PHE D 84 -26.28 -1.51 -9.47
C PHE D 84 -27.74 -1.59 -9.86
N THR D 85 -28.06 -1.21 -11.11
CA THR D 85 -29.43 -1.32 -11.58
C THR D 85 -30.04 -2.70 -11.27
N PHE D 86 -29.34 -3.78 -11.61
CA PHE D 86 -29.87 -5.10 -11.28
C PHE D 86 -30.18 -5.21 -9.80
N THR D 87 -29.16 -4.97 -8.96
CA THR D 87 -29.34 -5.00 -7.51
C THR D 87 -30.41 -4.01 -7.08
N LEU D 88 -30.51 -2.86 -7.75
CA LEU D 88 -31.65 -1.98 -7.51
C LEU D 88 -32.93 -2.75 -7.73
N ILE D 89 -33.14 -3.21 -8.96
CA ILE D 89 -34.42 -3.83 -9.31
C ILE D 89 -34.73 -4.99 -8.39
N ALA D 90 -33.80 -5.95 -8.29
CA ALA D 90 -34.05 -7.13 -7.45
C ALA D 90 -34.56 -6.71 -6.07
N ASN D 91 -33.87 -5.76 -5.43
CA ASN D 91 -34.28 -5.36 -4.08
C ASN D 91 -35.72 -4.88 -4.07
N LEU D 92 -36.12 -4.09 -5.06
CA LEU D 92 -37.51 -3.68 -5.20
C LEU D 92 -38.47 -4.88 -5.24
N ILE D 93 -38.16 -5.88 -6.06
CA ILE D 93 -39.04 -7.04 -6.11
C ILE D 93 -38.97 -7.75 -4.78
N ALA D 94 -37.83 -7.70 -4.10
CA ALA D 94 -37.81 -8.35 -2.81
C ALA D 94 -38.54 -7.55 -1.76
N ALA D 95 -38.91 -6.29 -2.05
CA ALA D 95 -39.49 -5.45 -1.02
C ALA D 95 -40.77 -6.05 -0.44
N PRO D 96 -41.80 -6.34 -1.23
CA PRO D 96 -43.00 -6.93 -0.64
C PRO D 96 -42.72 -8.26 0.05
N PHE D 97 -42.01 -9.18 -0.59
CA PHE D 97 -41.78 -10.46 0.06
C PHE D 97 -41.18 -10.27 1.44
N ASN D 98 -40.12 -9.48 1.56
CA ASN D 98 -39.56 -9.19 2.87
C ASN D 98 -40.65 -8.71 3.81
N GLY D 99 -41.38 -7.68 3.41
CA GLY D 99 -42.47 -7.19 4.25
C GLY D 99 -43.44 -8.31 4.60
N PHE D 100 -43.91 -9.04 3.58
CA PHE D 100 -44.81 -10.15 3.87
C PHE D 100 -44.16 -11.10 4.85
N LEU D 101 -42.92 -11.49 4.58
CA LEU D 101 -42.24 -12.39 5.49
C LEU D 101 -42.20 -11.79 6.88
N ALA D 102 -41.87 -10.51 6.96
CA ALA D 102 -41.77 -9.88 8.26
C ALA D 102 -43.09 -10.03 8.98
N GLU D 103 -44.18 -9.70 8.30
CA GLU D 103 -45.48 -9.86 8.92
C GLU D 103 -45.68 -11.31 9.38
N LYS D 104 -45.44 -12.27 8.49
CA LYS D 104 -45.64 -13.66 8.86
C LYS D 104 -44.69 -14.08 9.96
N VAL D 105 -43.45 -13.59 9.93
CA VAL D 105 -42.56 -13.98 11.02
C VAL D 105 -43.17 -13.54 12.34
N GLU D 106 -43.79 -12.36 12.35
CA GLU D 106 -44.27 -11.82 13.61
C GLU D 106 -45.22 -12.78 14.29
N VAL D 107 -46.15 -13.39 13.53
CA VAL D 107 -47.13 -14.24 14.23
C VAL D 107 -46.47 -15.45 14.83
N VAL D 108 -45.34 -15.90 14.26
CA VAL D 108 -44.58 -17.00 14.85
C VAL D 108 -43.86 -16.52 16.10
N VAL D 109 -43.33 -15.31 16.06
CA VAL D 109 -42.60 -14.76 17.21
C VAL D 109 -43.54 -14.53 18.39
N ARG D 110 -44.76 -14.11 18.11
CA ARG D 110 -45.74 -13.86 19.15
C ARG D 110 -46.58 -15.08 19.48
N GLY D 111 -46.27 -16.23 18.90
CA GLY D 111 -46.93 -17.47 19.25
C GLY D 111 -48.37 -17.57 18.78
N THR D 112 -48.84 -16.66 17.93
CA THR D 112 -50.19 -16.72 17.39
C THR D 112 -50.39 -17.89 16.43
N ASP D 113 -49.56 -17.98 15.40
CA ASP D 113 -49.65 -19.04 14.40
C ASP D 113 -48.26 -19.54 14.09
N ASP D 114 -47.96 -20.76 14.52
CA ASP D 114 -46.64 -21.35 14.30
C ASP D 114 -46.42 -21.82 12.88
N PHE D 115 -47.48 -21.89 12.06
CA PHE D 115 -47.35 -22.28 10.66
C PHE D 115 -48.18 -21.33 9.80
N PRO D 116 -47.70 -20.11 9.60
CA PRO D 116 -48.44 -19.17 8.77
C PRO D 116 -48.44 -19.61 7.33
N ALA D 117 -49.51 -19.26 6.63
CA ALA D 117 -49.63 -19.64 5.23
C ALA D 117 -49.30 -18.46 4.34
N PHE D 118 -48.70 -18.77 3.19
CA PHE D 118 -48.42 -17.81 2.13
C PHE D 118 -49.67 -17.72 1.28
N SER D 119 -50.11 -16.51 0.95
CA SER D 119 -51.18 -16.38 -0.03
C SER D 119 -50.93 -15.15 -0.88
N TRP D 120 -51.03 -15.31 -2.21
CA TRP D 120 -50.72 -14.21 -3.11
C TRP D 120 -51.63 -13.02 -2.89
N ALA D 121 -52.80 -13.26 -2.30
CA ALA D 121 -53.76 -12.20 -2.05
C ALA D 121 -53.12 -11.07 -1.24
N GLU D 122 -52.65 -11.40 -0.04
CA GLU D 122 -52.17 -10.34 0.84
C GLU D 122 -50.82 -9.78 0.39
N LEU D 123 -49.93 -10.60 -0.21
CA LEU D 123 -48.67 -10.10 -0.75
C LEU D 123 -48.92 -9.06 -1.85
N MET D 124 -49.74 -9.42 -2.84
CA MET D 124 -50.12 -8.44 -3.85
C MET D 124 -50.78 -7.23 -3.21
N ALA D 125 -51.52 -7.44 -2.12
CA ALA D 125 -52.12 -6.29 -1.43
C ALA D 125 -51.04 -5.38 -0.86
N MET D 126 -49.89 -5.94 -0.49
CA MET D 126 -48.80 -5.17 0.12
C MET D 126 -48.00 -4.38 -0.90
N VAL D 127 -47.89 -4.91 -2.12
CA VAL D 127 -46.95 -4.37 -3.11
C VAL D 127 -46.80 -2.85 -3.09
N PRO D 128 -47.87 -2.08 -3.30
CA PRO D 128 -47.67 -0.63 -3.46
C PRO D 128 -47.08 0.03 -2.23
N ARG D 129 -47.55 -0.33 -1.04
CA ARG D 129 -47.01 0.27 0.18
C ARG D 129 -45.54 -0.04 0.34
N THR D 130 -45.20 -1.33 0.22
CA THR D 130 -43.84 -1.78 0.51
C THR D 130 -42.85 -1.28 -0.54
N ILE D 131 -43.25 -1.24 -1.82
CA ILE D 131 -42.39 -0.63 -2.83
C ILE D 131 -42.19 0.84 -2.52
N GLY D 132 -43.28 1.59 -2.35
CA GLY D 132 -43.12 2.99 -2.01
C GLY D 132 -42.18 3.19 -0.83
N ARG D 133 -42.27 2.31 0.16
CA ARG D 133 -41.44 2.46 1.36
C ARG D 133 -39.98 2.15 1.07
N GLU D 134 -39.70 1.24 0.13
CA GLU D 134 -38.31 1.05 -0.26
C GLU D 134 -37.81 2.20 -1.10
N LEU D 135 -38.71 2.88 -1.83
CA LEU D 135 -38.32 4.10 -2.52
C LEU D 135 -37.93 5.16 -1.51
N ARG D 136 -38.68 5.29 -0.42
CA ARG D 136 -38.25 6.18 0.64
C ARG D 136 -36.90 5.75 1.19
N LYS D 137 -36.67 4.44 1.36
CA LYS D 137 -35.39 3.98 1.87
C LYS D 137 -34.25 4.43 0.96
N LEU D 138 -34.41 4.21 -0.36
CA LEU D 138 -33.44 4.69 -1.34
C LEU D 138 -33.24 6.20 -1.27
N GLY D 139 -34.33 6.94 -1.08
CA GLY D 139 -34.21 8.38 -0.96
C GLY D 139 -33.41 8.80 0.25
N TYR D 140 -33.56 8.07 1.36
CA TYR D 140 -32.75 8.38 2.52
C TYR D 140 -31.30 8.01 2.27
N PHE D 141 -31.07 6.92 1.53
CA PHE D 141 -29.71 6.40 1.41
C PHE D 141 -28.90 7.14 0.35
N LEU D 142 -29.29 7.02 -0.93
CA LEU D 142 -28.44 7.41 -2.05
C LEU D 142 -27.87 8.83 -1.99
N PRO D 143 -28.58 9.85 -1.51
CA PRO D 143 -27.94 11.18 -1.37
C PRO D 143 -26.80 11.16 -0.37
N ARG D 144 -27.04 10.60 0.81
CA ARG D 144 -26.00 10.53 1.83
C ARG D 144 -24.81 9.69 1.36
N ALA D 145 -25.09 8.62 0.60
CA ALA D 145 -24.01 7.78 0.07
C ALA D 145 -23.16 8.52 -0.94
N ILE D 146 -23.80 9.21 -1.90
CA ILE D 146 -23.04 10.01 -2.86
C ILE D 146 -22.25 11.09 -2.14
N ALA D 147 -22.83 11.66 -1.08
CA ALA D 147 -22.10 12.64 -0.29
C ALA D 147 -20.81 12.04 0.25
N LEU D 148 -20.91 10.89 0.92
CA LEU D 148 -19.71 10.24 1.42
C LEU D 148 -18.72 9.91 0.30
N PHE D 149 -19.22 9.64 -0.90
CA PHE D 149 -18.32 9.30 -2.02
C PHE D 149 -17.58 10.53 -2.53
N ILE D 150 -18.30 11.62 -2.75
CA ILE D 150 -17.69 12.88 -3.14
C ILE D 150 -16.68 13.33 -2.09
N LEU D 151 -17.04 13.20 -0.82
CA LEU D 151 -16.13 13.51 0.27
C LEU D 151 -14.90 12.60 0.26
N SER D 152 -15.06 11.34 -0.18
CA SER D 152 -13.93 10.44 -0.30
C SER D 152 -13.06 10.76 -1.52
N LEU D 153 -13.62 11.49 -2.50
CA LEU D 153 -12.83 11.90 -3.67
C LEU D 153 -11.82 12.98 -3.33
N ILE D 154 -12.08 13.77 -2.29
CA ILE D 154 -11.16 14.85 -1.90
C ILE D 154 -9.86 14.23 -1.37
N PRO D 155 -8.70 14.68 -1.81
CA PRO D 155 -7.45 14.00 -1.39
C PRO D 155 -7.21 14.04 0.10
N GLY D 156 -7.52 15.16 0.76
CA GLY D 156 -7.23 15.29 2.17
C GLY D 156 -8.17 14.52 3.08
N LEU D 157 -9.47 14.49 2.72
CA LEU D 157 -10.55 14.03 3.59
C LEU D 157 -10.97 12.57 3.40
N ASN D 158 -10.43 11.85 2.42
CA ASN D 158 -10.82 10.44 2.25
C ASN D 158 -10.67 9.64 3.54
N LEU D 159 -9.63 9.95 4.32
CA LEU D 159 -9.35 9.21 5.54
C LEU D 159 -10.52 9.27 6.50
N ILE D 160 -11.28 10.37 6.48
CA ILE D 160 -12.50 10.50 7.28
C ILE D 160 -13.72 9.97 6.53
N ALA D 161 -13.59 9.67 5.24
CA ALA D 161 -14.69 9.12 4.46
C ALA D 161 -14.83 7.62 4.66
N ALA D 162 -13.72 6.89 4.83
CA ALA D 162 -13.83 5.44 5.08
C ALA D 162 -14.65 5.13 6.32
N PRO D 163 -14.35 5.67 7.51
CA PRO D 163 -15.17 5.35 8.69
C PRO D 163 -16.62 5.78 8.53
N LEU D 164 -16.85 7.02 8.08
CA LEU D 164 -18.21 7.49 7.89
C LEU D 164 -18.99 6.56 6.96
N TRP D 165 -18.36 6.11 5.87
CA TRP D 165 -19.00 5.14 4.99
C TRP D 165 -19.43 3.91 5.76
N LEU D 166 -18.49 3.27 6.47
CA LEU D 166 -18.82 2.05 7.20
C LEU D 166 -19.98 2.27 8.17
N LEU D 167 -19.85 3.23 9.08
CA LEU D 167 -20.89 3.47 10.07
C LEU D 167 -22.24 3.69 9.40
N PHE D 168 -22.27 4.45 8.29
CA PHE D 168 -23.55 4.71 7.65
C PHE D 168 -24.14 3.45 7.02
N GLY D 169 -23.28 2.62 6.42
CA GLY D 169 -23.76 1.35 5.88
C GLY D 169 -24.39 0.45 6.95
N VAL D 170 -23.78 0.39 8.12
CA VAL D 170 -24.40 -0.38 9.20
C VAL D 170 -25.75 0.24 9.57
N TRP D 171 -25.76 1.54 9.84
CA TRP D 171 -27.01 2.21 10.21
C TRP D 171 -28.11 1.92 9.20
N MET D 172 -27.77 1.96 7.90
CA MET D 172 -28.75 1.68 6.86
C MET D 172 -29.25 0.23 6.93
N MET D 173 -28.38 -0.70 7.35
CA MET D 173 -28.89 -2.05 7.61
C MET D 173 -30.00 -2.01 8.65
N ALA D 174 -29.78 -1.27 9.73
CA ALA D 174 -30.86 -1.15 10.71
C ALA D 174 -32.10 -0.58 10.05
N VAL D 175 -31.95 0.54 9.33
CA VAL D 175 -33.13 1.21 8.79
C VAL D 175 -33.89 0.28 7.86
N GLN D 176 -33.17 -0.37 6.94
CA GLN D 176 -33.79 -1.21 5.93
C GLN D 176 -34.58 -2.34 6.55
N TYR D 177 -33.97 -3.07 7.49
CA TYR D 177 -34.65 -4.29 7.95
C TYR D 177 -35.63 -4.01 9.09
N ILE D 178 -35.21 -3.28 10.11
CA ILE D 178 -36.11 -2.97 11.20
C ILE D 178 -37.30 -2.18 10.69
N ASP D 179 -37.23 -1.59 9.50
CA ASP D 179 -38.38 -0.88 8.94
C ASP D 179 -39.49 -1.86 8.55
N TYR D 180 -39.13 -3.07 8.12
CA TYR D 180 -40.13 -3.97 7.57
C TYR D 180 -41.28 -4.25 8.53
N PRO D 181 -41.06 -4.61 9.80
CA PRO D 181 -42.22 -4.75 10.70
C PRO D 181 -42.90 -3.42 10.97
N ALA D 182 -42.10 -2.35 11.11
CA ALA D 182 -42.62 -1.02 11.40
C ALA D 182 -43.57 -0.50 10.31
N ASP D 183 -43.25 -0.72 9.04
CA ASP D 183 -44.15 -0.31 7.96
C ASP D 183 -45.46 -1.07 8.00
N ASN D 184 -45.43 -2.33 8.45
CA ASN D 184 -46.65 -3.12 8.54
C ASN D 184 -47.64 -2.53 9.53
N HIS D 185 -47.14 -1.89 10.59
CA HIS D 185 -48.00 -1.17 11.53
C HIS D 185 -48.11 0.31 11.22
N LYS D 186 -48.29 0.69 9.96
CA LYS D 186 -48.52 2.08 9.59
C LYS D 186 -47.65 3.04 10.41
N LEU D 187 -46.35 2.81 10.45
CA LEU D 187 -45.49 3.69 11.21
C LEU D 187 -44.85 4.71 10.26
N GLY D 188 -44.82 5.97 10.68
CA GLY D 188 -44.24 7.01 9.86
C GLY D 188 -42.73 6.85 9.72
N TRP D 189 -42.22 7.34 8.59
CA TRP D 189 -40.79 7.29 8.30
C TRP D 189 -39.97 8.08 9.32
N ASN D 190 -40.34 9.35 9.54
CA ASN D 190 -39.58 10.17 10.45
C ASN D 190 -39.55 9.54 11.85
N GLU D 191 -40.71 9.10 12.33
CA GLU D 191 -40.83 8.60 13.69
C GLU D 191 -40.03 7.31 13.89
N MET D 192 -39.93 6.45 12.87
CA MET D 192 -39.08 5.27 13.01
C MET D 192 -37.62 5.64 12.97
N LEU D 193 -37.25 6.68 12.21
CA LEU D 193 -35.86 7.11 12.30
C LEU D 193 -35.57 7.60 13.71
N ALA D 194 -36.53 8.30 14.33
CA ALA D 194 -36.35 8.72 15.72
C ALA D 194 -36.25 7.52 16.66
N TRP D 195 -37.14 6.54 16.50
CA TRP D 195 -37.11 5.37 17.36
C TRP D 195 -35.78 4.61 17.21
N LEU D 196 -35.34 4.34 15.98
CA LEU D 196 -34.05 3.68 15.82
C LEU D 196 -32.92 4.53 16.38
N ARG D 197 -33.02 5.85 16.23
CA ARG D 197 -31.98 6.72 16.78
C ARG D 197 -31.93 6.61 18.30
N SER D 198 -33.05 6.29 18.94
CA SER D 198 -33.04 6.04 20.38
C SER D 198 -32.53 4.64 20.71
N LYS D 199 -32.59 3.69 19.78
CA LYS D 199 -32.03 2.36 19.98
C LYS D 199 -30.67 2.20 19.30
N ARG D 200 -29.89 3.29 19.17
CA ARG D 200 -28.74 3.29 18.27
C ARG D 200 -27.72 2.21 18.63
N TRP D 201 -27.53 1.91 19.91
CA TRP D 201 -26.57 0.85 20.23
C TRP D 201 -27.06 -0.50 19.72
N ALA D 202 -28.28 -0.87 20.11
CA ALA D 202 -28.80 -2.17 19.73
C ALA D 202 -28.87 -2.30 18.21
N CYS D 203 -29.67 -1.44 17.57
CA CYS D 203 -29.82 -1.59 16.14
C CYS D 203 -28.52 -1.35 15.38
N MET D 204 -27.53 -0.67 15.97
CA MET D 204 -26.26 -0.50 15.27
C MET D 204 -25.42 -1.77 15.35
N GLY D 205 -25.57 -2.55 16.43
CA GLY D 205 -24.97 -3.87 16.44
C GLY D 205 -25.64 -4.80 15.47
N PHE D 206 -26.97 -4.85 15.52
CA PHE D 206 -27.74 -5.64 14.57
C PHE D 206 -27.29 -5.30 13.15
N GLY D 207 -27.37 -4.02 12.80
CA GLY D 207 -26.96 -3.60 11.47
C GLY D 207 -25.53 -3.95 11.15
N GLY D 208 -24.69 -4.08 12.18
CA GLY D 208 -23.30 -4.46 11.97
C GLY D 208 -23.10 -5.89 11.50
N ILE D 209 -23.61 -6.85 12.27
CA ILE D 209 -23.51 -8.23 11.81
C ILE D 209 -24.31 -8.45 10.51
N THR D 210 -25.50 -7.86 10.41
CA THR D 210 -26.28 -8.00 9.17
C THR D 210 -25.43 -7.58 7.98
N TYR D 211 -24.79 -6.42 8.10
CA TYR D 211 -23.85 -5.95 7.07
C TYR D 211 -22.84 -7.04 6.70
N LEU D 212 -22.07 -7.47 7.69
CA LEU D 212 -21.01 -8.44 7.40
C LEU D 212 -21.56 -9.69 6.73
N VAL D 213 -22.61 -10.28 7.30
CA VAL D 213 -23.13 -11.54 6.75
C VAL D 213 -23.58 -11.34 5.32
N LEU D 214 -24.08 -10.14 4.97
CA LEU D 214 -24.50 -9.85 3.60
C LEU D 214 -23.32 -9.58 2.68
N LEU D 215 -22.11 -9.40 3.21
CA LEU D 215 -20.92 -9.31 2.36
C LEU D 215 -20.51 -10.68 1.77
N ILE D 216 -20.84 -11.78 2.44
CA ILE D 216 -20.52 -13.09 1.87
C ILE D 216 -21.56 -13.44 0.81
N PRO D 217 -21.14 -13.69 -0.46
CA PRO D 217 -22.10 -13.75 -1.58
C PRO D 217 -23.07 -14.93 -1.52
N LEU D 218 -22.57 -16.16 -1.45
CA LEU D 218 -23.49 -17.29 -1.45
C LEU D 218 -24.26 -17.37 -0.14
N VAL D 219 -23.71 -16.85 0.95
CA VAL D 219 -24.38 -16.91 2.25
C VAL D 219 -25.56 -15.94 2.31
N ASN D 220 -25.42 -14.73 1.74
CA ASN D 220 -26.45 -13.70 1.81
C ASN D 220 -27.84 -14.21 1.42
N LEU D 221 -27.92 -15.23 0.57
CA LEU D 221 -29.24 -15.75 0.18
C LEU D 221 -29.97 -16.37 1.35
N VAL D 222 -29.24 -16.97 2.29
CA VAL D 222 -29.86 -17.42 3.52
C VAL D 222 -29.97 -16.27 4.50
N ALA D 223 -29.04 -15.31 4.45
CA ALA D 223 -28.98 -14.31 5.51
C ALA D 223 -30.04 -13.22 5.37
N MET D 224 -30.40 -12.86 4.13
CA MET D 224 -31.38 -11.80 3.95
C MET D 224 -32.64 -12.17 4.72
N PRO D 225 -33.25 -13.34 4.52
CA PRO D 225 -34.40 -13.66 5.38
C PRO D 225 -34.05 -13.59 6.85
N ALA D 226 -32.90 -14.14 7.25
CA ALA D 226 -32.47 -14.08 8.65
C ALA D 226 -32.46 -12.65 9.14
N ALA D 227 -32.02 -11.71 8.29
CA ALA D 227 -31.98 -10.30 8.66
C ALA D 227 -33.40 -9.73 8.85
N VAL D 228 -34.34 -10.13 7.98
CA VAL D 228 -35.73 -9.69 8.13
C VAL D 228 -36.31 -10.18 9.45
N ALA D 229 -36.27 -11.49 9.67
CA ALA D 229 -36.75 -12.08 10.93
C ALA D 229 -36.09 -11.46 12.14
N GLY D 230 -34.76 -11.44 12.14
CA GLY D 230 -34.06 -10.79 13.22
C GLY D 230 -34.59 -9.39 13.46
N ALA D 231 -34.91 -8.68 12.39
CA ALA D 231 -35.44 -7.34 12.55
C ALA D 231 -36.83 -7.36 13.15
N VAL D 232 -37.63 -8.37 12.82
CA VAL D 232 -38.94 -8.53 13.45
C VAL D 232 -38.79 -8.80 14.94
N LEU D 233 -37.84 -9.65 15.31
CA LEU D 233 -37.57 -9.89 16.73
C LEU D 233 -37.09 -8.62 17.41
N PHE D 234 -36.20 -7.86 16.77
CA PHE D 234 -35.84 -6.54 17.30
C PHE D 234 -37.06 -5.67 17.52
N TRP D 235 -38.05 -5.75 16.63
CA TRP D 235 -39.27 -4.97 16.80
C TRP D 235 -40.11 -5.48 17.96
N VAL D 236 -40.12 -6.79 18.18
CA VAL D 236 -41.02 -7.37 19.17
C VAL D 236 -40.46 -7.18 20.57
N ARG D 237 -39.19 -7.54 20.76
CA ARG D 237 -38.60 -7.54 22.09
C ARG D 237 -38.25 -6.13 22.59
N GLU D 238 -38.17 -5.15 21.70
CA GLU D 238 -37.98 -3.75 22.08
C GLU D 238 -39.20 -2.95 21.62
N GLY D 239 -39.58 -1.96 22.42
CA GLY D 239 -40.87 -1.30 22.26
C GLY D 239 -41.40 -1.15 20.84
N GLY D 240 -42.57 -1.73 20.56
CA GLY D 240 -43.30 -1.37 19.36
C GLY D 240 -44.33 -0.32 19.71
N ASP D 241 -43.95 0.63 20.58
CA ASP D 241 -44.86 1.59 21.15
C ASP D 241 -44.71 2.93 20.42
N GLN D 242 -45.78 3.71 20.44
CA GLN D 242 -45.86 4.96 19.65
C GLN D 242 -46.53 6.07 20.48
N THR E 3 -26.49 36.44 -4.21
CA THR E 3 -26.83 36.88 -5.55
C THR E 3 -25.90 36.18 -6.56
N LEU E 4 -24.60 36.29 -6.30
CA LEU E 4 -23.56 35.60 -7.06
C LEU E 4 -22.60 35.01 -6.03
N SER E 5 -22.45 33.69 -6.03
CA SER E 5 -21.74 33.01 -4.93
C SER E 5 -21.25 31.63 -5.32
N GLY E 6 -20.32 31.12 -4.51
CA GLY E 6 -19.80 29.77 -4.61
C GLY E 6 -18.50 29.69 -5.36
N PRO E 7 -18.16 28.49 -5.86
CA PRO E 7 -16.94 28.37 -6.69
C PRO E 7 -17.06 29.11 -8.01
N GLN E 8 -18.30 29.46 -8.40
CA GLN E 8 -18.57 30.19 -9.64
C GLN E 8 -17.75 31.47 -9.72
N TYR E 9 -17.50 32.12 -8.57
CA TYR E 9 -16.57 33.25 -8.50
C TYR E 9 -15.32 33.01 -9.32
N LEU E 10 -14.61 31.92 -9.02
CA LEU E 10 -13.42 31.61 -9.78
C LEU E 10 -13.75 31.61 -11.27
N GLY E 11 -14.72 30.79 -11.67
CA GLY E 11 -15.16 30.84 -13.07
C GLY E 11 -15.35 32.26 -13.55
N GLU E 12 -16.15 33.03 -12.81
CA GLU E 12 -16.43 34.40 -13.20
C GLU E 12 -15.15 35.23 -13.22
N GLY E 13 -14.30 35.05 -12.21
CA GLY E 13 -13.01 35.71 -12.21
C GLY E 13 -12.25 35.45 -13.49
N LEU E 14 -12.24 34.20 -13.94
CA LEU E 14 -11.59 33.87 -15.20
C LEU E 14 -12.12 34.73 -16.32
N LYS E 15 -13.46 34.85 -16.43
CA LYS E 15 -14.04 35.68 -17.48
C LYS E 15 -13.43 37.07 -17.45
N LEU E 16 -13.38 37.68 -16.26
CA LEU E 16 -12.85 39.03 -16.16
C LEU E 16 -11.44 39.12 -16.74
N MET E 17 -10.63 38.08 -16.56
CA MET E 17 -9.25 38.11 -17.06
C MET E 17 -9.18 37.99 -18.57
N MET E 18 -10.14 37.30 -19.19
CA MET E 18 -10.03 37.05 -20.63
C MET E 18 -10.43 38.27 -21.46
N ARG E 19 -11.19 39.19 -20.88
CA ARG E 19 -11.84 40.22 -21.67
C ARG E 19 -10.82 41.23 -22.18
N PRO E 20 -11.14 41.91 -23.28
CA PRO E 20 -10.25 42.95 -23.76
C PRO E 20 -9.94 43.93 -22.65
N GLY E 21 -8.65 44.22 -22.46
CA GLY E 21 -8.21 45.17 -21.45
C GLY E 21 -7.51 44.54 -20.27
N LEU E 22 -7.83 43.27 -19.93
CA LEU E 22 -7.24 42.61 -18.77
C LEU E 22 -6.41 41.37 -19.13
N ARG E 23 -6.24 41.08 -20.42
CA ARG E 23 -5.63 39.83 -20.87
C ARG E 23 -4.11 39.85 -20.74
N LEU E 24 -3.50 40.98 -21.08
CA LEU E 24 -2.04 41.06 -21.08
C LEU E 24 -1.48 41.16 -19.67
N PHE E 25 -2.27 41.60 -18.69
CA PHE E 25 -1.77 41.64 -17.32
C PHE E 25 -1.38 40.25 -16.85
N VAL E 26 -2.05 39.20 -17.37
CA VAL E 26 -1.71 37.84 -16.99
C VAL E 26 -0.26 37.54 -17.33
N LEU E 27 0.33 38.22 -18.32
CA LEU E 27 1.70 38.00 -18.72
C LEU E 27 2.72 38.57 -17.75
N LEU E 28 2.29 39.34 -16.73
CA LEU E 28 3.24 39.90 -15.77
C LEU E 28 3.91 38.83 -14.92
N PRO E 29 3.18 37.98 -14.19
CA PRO E 29 3.89 36.97 -13.38
C PRO E 29 4.79 36.06 -14.20
N LEU E 30 4.30 35.52 -15.32
CA LEU E 30 5.10 34.58 -16.12
C LEU E 30 6.49 35.16 -16.42
N SER E 31 6.54 36.34 -17.05
CA SER E 31 7.82 36.94 -17.35
C SER E 31 8.69 37.02 -16.10
N ILE E 32 8.09 37.45 -14.98
CA ILE E 32 8.82 37.46 -13.70
C ILE E 32 9.38 36.09 -13.42
N ASN E 33 8.50 35.08 -13.30
CA ASN E 33 8.96 33.73 -13.03
C ASN E 33 10.02 33.30 -14.04
N LEU E 34 9.92 33.77 -15.30
CA LEU E 34 10.97 33.47 -16.27
C LEU E 34 12.29 34.01 -15.74
N ILE E 35 12.35 35.33 -15.60
CA ILE E 35 13.57 36.01 -15.18
C ILE E 35 14.05 35.43 -13.85
N LEU E 36 13.16 35.43 -12.84
CA LEU E 36 13.50 34.89 -11.53
C LEU E 36 14.11 33.49 -11.65
N PHE E 37 13.50 32.63 -12.48
CA PHE E 37 14.09 31.32 -12.74
C PHE E 37 15.45 31.46 -13.41
N ILE E 38 15.48 32.13 -14.56
CA ILE E 38 16.71 32.24 -15.33
C ILE E 38 17.84 32.73 -14.44
N GLY E 39 17.58 33.76 -13.65
CA GLY E 39 18.62 34.27 -12.77
C GLY E 39 19.03 33.25 -11.73
N LEU E 40 18.06 32.73 -10.99
CA LEU E 40 18.39 31.88 -9.85
C LEU E 40 19.00 30.55 -10.30
N ILE E 41 18.47 29.96 -11.39
CA ILE E 41 18.88 28.61 -11.79
C ILE E 41 20.38 28.58 -12.01
N GLY E 42 20.89 29.52 -12.79
CA GLY E 42 22.33 29.60 -12.98
C GLY E 42 23.05 29.68 -11.65
N PHE E 43 22.58 30.57 -10.78
CA PHE E 43 23.11 30.65 -9.43
C PHE E 43 23.17 29.26 -8.80
N ALA E 44 22.03 28.57 -8.75
CA ALA E 44 22.01 27.23 -8.17
C ALA E 44 23.04 26.34 -8.83
N ILE E 45 23.09 26.36 -10.17
CA ILE E 45 24.01 25.48 -10.89
C ILE E 45 25.42 25.61 -10.33
N ASN E 46 25.84 26.86 -10.10
CA ASN E 46 27.22 27.12 -9.69
C ASN E 46 27.46 26.78 -8.23
N GLN E 47 26.46 27.00 -7.39
CA GLN E 47 26.71 26.83 -5.96
C GLN E 47 26.39 25.42 -5.49
N PHE E 48 25.72 24.61 -6.31
CA PHE E 48 25.17 23.36 -5.84
C PHE E 48 26.23 22.54 -5.11
N SER E 49 27.39 22.31 -5.75
CA SER E 49 28.43 21.53 -5.08
C SER E 49 28.74 22.12 -3.73
N HIS E 50 29.10 23.40 -3.72
CA HIS E 50 29.50 24.04 -2.48
C HIS E 50 28.44 23.85 -1.41
N TRP E 51 27.16 23.84 -1.79
CA TRP E 51 26.12 23.68 -0.79
C TRP E 51 26.15 22.27 -0.21
N VAL E 52 26.12 21.26 -1.07
CA VAL E 52 26.06 19.88 -0.59
C VAL E 52 27.36 19.52 0.13
N ASP E 53 28.45 20.16 -0.25
CA ASP E 53 29.72 19.99 0.45
C ASP E 53 29.73 20.75 1.78
N TRP E 54 29.02 21.86 1.87
CA TRP E 54 28.95 22.57 3.14
C TRP E 54 28.21 21.73 4.17
N LEU E 55 27.04 21.22 3.81
CA LEU E 55 26.27 20.45 4.75
C LEU E 55 26.99 19.17 5.13
N MET E 56 27.83 18.65 4.26
CA MET E 56 28.34 17.33 4.57
C MET E 56 29.45 17.39 5.61
N PRO E 57 29.36 16.61 6.68
CA PRO E 57 30.37 16.70 7.75
C PRO E 57 31.67 16.06 7.31
N SER E 58 32.75 16.51 7.95
CA SER E 58 34.06 15.92 7.71
C SER E 58 34.20 14.67 8.56
N LEU E 59 34.63 13.58 7.93
CA LEU E 59 34.65 12.28 8.58
C LEU E 59 36.06 11.69 8.59
N PRO E 60 36.37 10.80 9.54
CA PRO E 60 37.66 10.07 9.48
C PRO E 60 37.65 9.09 8.32
N GLU E 61 38.80 8.42 8.12
CA GLU E 61 38.97 7.60 6.91
C GLU E 61 38.07 6.36 6.92
N TRP E 62 37.91 5.71 8.08
CA TRP E 62 37.13 4.48 8.12
C TRP E 62 35.63 4.75 8.03
N LEU E 63 35.17 5.86 8.58
CA LEU E 63 33.77 6.25 8.42
C LEU E 63 33.50 6.92 7.08
N SER E 64 34.51 7.04 6.22
CA SER E 64 34.36 7.77 4.96
C SER E 64 33.28 7.17 4.08
N PHE E 65 33.00 5.86 4.25
CA PHE E 65 31.92 5.23 3.51
C PHE E 65 30.58 5.92 3.75
N LEU E 66 30.40 6.49 4.96
CA LEU E 66 29.17 7.21 5.28
C LEU E 66 28.91 8.34 4.29
N GLN E 67 29.97 8.91 3.72
CA GLN E 67 29.78 9.98 2.74
C GLN E 67 28.90 9.55 1.59
N PHE E 68 28.80 8.25 1.35
CA PHE E 68 27.94 7.75 0.28
C PHE E 68 26.47 7.75 0.67
N ILE E 69 26.13 7.54 1.95
CA ILE E 69 24.73 7.59 2.33
C ILE E 69 24.28 9.02 2.61
N LEU E 70 25.14 9.86 3.20
CA LEU E 70 24.79 11.25 3.48
C LEU E 70 24.67 12.09 2.21
N TRP E 71 25.32 11.66 1.11
CA TRP E 71 25.33 12.45 -0.13
C TRP E 71 23.96 12.61 -0.75
N PRO E 72 23.19 11.56 -1.05
CA PRO E 72 21.87 11.79 -1.63
C PRO E 72 21.01 12.67 -0.75
N LEU E 73 21.05 12.42 0.56
CA LEU E 73 20.28 13.17 1.54
C LEU E 73 20.45 14.67 1.33
N PHE E 74 21.65 15.17 1.62
CA PHE E 74 21.89 16.60 1.47
C PHE E 74 21.52 17.08 0.05
N VAL E 75 21.82 16.29 -0.99
CA VAL E 75 21.48 16.74 -2.34
C VAL E 75 19.98 16.98 -2.46
N THR E 76 19.18 16.07 -1.89
CA THR E 76 17.75 16.30 -1.76
C THR E 76 17.48 17.56 -0.96
N LEU E 77 18.00 17.62 0.26
CA LEU E 77 17.71 18.76 1.13
C LEU E 77 17.97 20.06 0.37
N VAL E 78 19.18 20.21 -0.18
CA VAL E 78 19.52 21.40 -0.97
C VAL E 78 18.47 21.64 -2.05
N LEU E 79 18.20 20.62 -2.88
CA LEU E 79 17.14 20.70 -3.87
C LEU E 79 15.87 21.31 -3.26
N LEU E 80 15.35 20.73 -2.18
CA LEU E 80 14.15 21.24 -1.51
C LEU E 80 14.31 22.73 -1.19
N ILE E 81 15.41 23.11 -0.53
CA ILE E 81 15.65 24.52 -0.26
C ILE E 81 15.55 25.32 -1.57
N VAL E 82 16.33 24.92 -2.57
CA VAL E 82 16.32 25.62 -3.85
C VAL E 82 14.89 25.76 -4.35
N PHE E 83 14.09 24.70 -4.23
CA PHE E 83 12.69 24.75 -4.67
C PHE E 83 11.88 25.70 -3.82
N PHE E 84 11.87 25.47 -2.49
CA PHE E 84 11.08 26.31 -1.60
C PHE E 84 11.54 27.76 -1.65
N THR E 85 12.84 28.00 -1.48
CA THR E 85 13.35 29.35 -1.66
C THR E 85 12.78 29.96 -2.93
N PHE E 86 12.91 29.26 -4.06
CA PHE E 86 12.37 29.82 -5.29
C PHE E 86 10.91 30.19 -5.10
N THR E 87 10.09 29.24 -4.67
CA THR E 87 8.68 29.52 -4.47
C THR E 87 8.52 30.75 -3.61
N LEU E 88 9.23 30.79 -2.48
CA LEU E 88 9.09 31.91 -1.53
C LEU E 88 9.38 33.23 -2.22
N ILE E 89 10.46 33.28 -2.99
CA ILE E 89 10.81 34.50 -3.72
C ILE E 89 9.75 34.80 -4.77
N ALA E 90 9.39 33.78 -5.55
CA ALA E 90 8.42 33.97 -6.63
C ALA E 90 7.16 34.64 -6.12
N ASN E 91 6.53 34.03 -5.10
CA ASN E 91 5.34 34.62 -4.49
C ASN E 91 5.57 36.07 -4.10
N LEU E 92 6.68 36.35 -3.44
CA LEU E 92 6.97 37.72 -3.03
C LEU E 92 7.00 38.64 -4.23
N ILE E 93 7.74 38.28 -5.28
CA ILE E 93 7.76 39.15 -6.43
C ILE E 93 6.37 39.23 -7.03
N ALA E 94 5.61 38.13 -6.97
CA ALA E 94 4.26 38.17 -7.51
C ALA E 94 3.33 39.00 -6.65
N ALA E 95 3.73 39.36 -5.43
CA ALA E 95 2.79 40.00 -4.52
C ALA E 95 2.29 41.34 -5.06
N PRO E 96 3.16 42.26 -5.49
CA PRO E 96 2.65 43.55 -5.97
C PRO E 96 1.89 43.46 -7.28
N PHE E 97 2.41 42.70 -8.24
CA PHE E 97 1.69 42.50 -9.50
C PHE E 97 0.31 41.92 -9.25
N ASN E 98 0.20 40.99 -8.28
CA ASN E 98 -1.12 40.59 -7.80
C ASN E 98 -1.88 41.79 -7.26
N GLY E 99 -1.28 42.49 -6.28
CA GLY E 99 -1.97 43.60 -5.63
C GLY E 99 -2.38 44.68 -6.60
N PHE E 100 -1.44 45.12 -7.42
CA PHE E 100 -1.75 46.12 -8.44
C PHE E 100 -2.92 45.67 -9.29
N LEU E 101 -2.99 44.37 -9.58
CA LEU E 101 -4.08 43.87 -10.40
C LEU E 101 -5.41 44.02 -9.68
N ALA E 102 -5.44 43.72 -8.37
CA ALA E 102 -6.70 43.69 -7.64
C ALA E 102 -7.43 45.02 -7.72
N GLU E 103 -6.68 46.12 -7.73
CA GLU E 103 -7.27 47.44 -7.97
C GLU E 103 -7.73 47.60 -9.42
N LYS E 104 -6.87 47.26 -10.40
CA LYS E 104 -7.20 47.45 -11.80
C LYS E 104 -8.36 46.55 -12.25
N VAL E 105 -8.45 45.33 -11.71
CA VAL E 105 -9.64 44.53 -11.98
C VAL E 105 -10.87 45.28 -11.51
N GLU E 106 -10.75 45.88 -10.32
CA GLU E 106 -11.86 46.50 -9.61
C GLU E 106 -12.53 47.57 -10.47
N VAL E 107 -11.73 48.48 -11.04
CA VAL E 107 -12.29 49.55 -11.86
C VAL E 107 -12.98 48.99 -13.09
N VAL E 108 -12.54 47.82 -13.57
CA VAL E 108 -13.24 47.18 -14.68
C VAL E 108 -14.56 46.61 -14.20
N VAL E 109 -14.57 46.03 -13.00
CA VAL E 109 -15.79 45.45 -12.44
C VAL E 109 -16.83 46.51 -12.18
N ARG E 110 -16.39 47.70 -11.73
CA ARG E 110 -17.34 48.73 -11.31
C ARG E 110 -17.96 49.46 -12.49
N GLY E 111 -17.20 49.68 -13.55
CA GLY E 111 -17.70 50.32 -14.76
C GLY E 111 -17.06 51.66 -15.08
N THR E 112 -16.08 52.13 -14.31
CA THR E 112 -15.38 53.37 -14.65
C THR E 112 -14.69 53.25 -16.00
N ASP E 113 -13.74 52.31 -16.09
CA ASP E 113 -12.88 52.17 -17.27
C ASP E 113 -12.80 50.69 -17.64
N ASP E 114 -13.24 50.36 -18.86
CA ASP E 114 -13.18 48.98 -19.34
C ASP E 114 -11.77 48.56 -19.72
N PHE E 115 -10.90 49.52 -20.03
CA PHE E 115 -9.53 49.26 -20.47
C PHE E 115 -8.53 49.98 -19.57
N PRO E 116 -8.08 49.35 -18.49
CA PRO E 116 -7.02 49.95 -17.67
C PRO E 116 -5.62 49.79 -18.28
N ALA E 117 -4.74 50.72 -17.89
CA ALA E 117 -3.37 50.78 -18.37
C ALA E 117 -2.36 50.47 -17.27
N PHE E 118 -1.25 49.87 -17.67
CA PHE E 118 -0.18 49.50 -16.76
C PHE E 118 0.82 50.65 -16.67
N SER E 119 1.23 50.98 -15.43
CA SER E 119 2.26 51.99 -15.20
C SER E 119 3.16 51.57 -14.06
N TRP E 120 4.48 51.61 -14.30
CA TRP E 120 5.41 51.22 -13.26
C TRP E 120 5.39 52.13 -12.04
N ALA E 121 4.93 53.37 -12.20
CA ALA E 121 4.99 54.34 -11.10
C ALA E 121 4.22 53.84 -9.88
N GLU E 122 2.90 53.63 -10.03
CA GLU E 122 2.11 53.22 -8.88
C GLU E 122 2.37 51.77 -8.48
N LEU E 123 2.83 50.91 -9.40
CA LEU E 123 3.24 49.56 -9.03
C LEU E 123 4.40 49.59 -8.04
N MET E 124 5.46 50.33 -8.39
CA MET E 124 6.58 50.53 -7.49
C MET E 124 6.18 51.29 -6.23
N ALA E 125 5.16 52.15 -6.33
CA ALA E 125 4.63 52.82 -5.13
C ALA E 125 3.89 51.84 -4.23
N MET E 126 3.35 50.75 -4.79
CA MET E 126 2.65 49.72 -4.02
C MET E 126 3.59 48.72 -3.40
N VAL E 127 4.69 48.40 -4.07
CA VAL E 127 5.53 47.26 -3.71
C VAL E 127 5.72 47.08 -2.20
N PRO E 128 6.24 48.07 -1.46
CA PRO E 128 6.57 47.81 -0.03
C PRO E 128 5.37 47.43 0.83
N ARG E 129 4.22 48.08 0.62
CA ARG E 129 3.03 47.74 1.40
C ARG E 129 2.59 46.31 1.10
N THR E 130 2.51 45.96 -0.18
CA THR E 130 1.97 44.66 -0.55
C THR E 130 2.94 43.52 -0.25
N ILE E 131 4.24 43.75 -0.42
CA ILE E 131 5.23 42.76 -0.02
C ILE E 131 5.20 42.53 1.48
N GLY E 132 5.15 43.61 2.24
CA GLY E 132 4.93 43.45 3.67
C GLY E 132 3.64 42.75 3.99
N ARG E 133 2.61 42.95 3.15
CA ARG E 133 1.35 42.27 3.35
C ARG E 133 1.52 40.77 3.21
N GLU E 134 2.05 40.32 2.08
CA GLU E 134 2.26 38.90 1.88
C GLU E 134 3.25 38.33 2.88
N LEU E 135 4.09 39.17 3.48
CA LEU E 135 4.84 38.70 4.64
C LEU E 135 3.92 38.48 5.85
N ARG E 136 2.94 39.36 6.05
CA ARG E 136 1.94 39.05 7.07
C ARG E 136 1.28 37.72 6.76
N LYS E 137 1.05 37.44 5.48
CA LYS E 137 0.43 36.18 5.10
C LYS E 137 1.32 34.99 5.43
N LEU E 138 2.61 35.06 5.09
CA LEU E 138 3.51 33.95 5.42
C LEU E 138 3.65 33.79 6.92
N GLY E 139 3.60 34.89 7.66
CA GLY E 139 3.67 34.85 9.12
C GLY E 139 2.43 34.26 9.76
N TYR E 140 1.28 34.38 9.09
CA TYR E 140 0.06 33.71 9.53
C TYR E 140 0.07 32.24 9.14
N PHE E 141 0.58 31.93 7.95
CA PHE E 141 0.52 30.57 7.42
C PHE E 141 1.58 29.66 8.01
N LEU E 142 2.86 30.00 7.82
CA LEU E 142 3.95 29.07 8.14
C LEU E 142 3.87 28.49 9.55
N PRO E 143 3.46 29.23 10.58
CA PRO E 143 3.35 28.60 11.91
C PRO E 143 2.32 27.48 11.97
N ARG E 144 1.08 27.75 11.53
CA ARG E 144 0.04 26.72 11.53
C ARG E 144 0.44 25.53 10.67
N ALA E 145 1.14 25.77 9.56
CA ALA E 145 1.65 24.69 8.73
C ALA E 145 2.65 23.82 9.50
N ILE E 146 3.66 24.46 10.12
CA ILE E 146 4.64 23.69 10.89
C ILE E 146 3.96 22.92 12.01
N ALA E 147 2.92 23.51 12.61
CA ALA E 147 2.20 22.82 13.68
C ALA E 147 1.56 21.54 13.15
N LEU E 148 0.73 21.64 12.10
CA LEU E 148 0.09 20.46 11.55
C LEU E 148 1.12 19.41 11.12
N PHE E 149 2.30 19.86 10.69
CA PHE E 149 3.32 18.93 10.21
C PHE E 149 3.99 18.17 11.36
N ILE E 150 4.32 18.87 12.44
CA ILE E 150 4.79 18.17 13.64
C ILE E 150 3.71 17.20 14.15
N LEU E 151 2.43 17.58 14.00
CA LEU E 151 1.35 16.66 14.37
C LEU E 151 1.30 15.44 13.46
N SER E 152 1.66 15.57 12.19
CA SER E 152 1.63 14.45 11.26
C SER E 152 2.85 13.54 11.38
N LEU E 153 3.96 14.04 11.95
CA LEU E 153 5.12 13.17 12.17
C LEU E 153 4.88 12.15 13.27
N ILE E 154 3.98 12.45 14.21
CA ILE E 154 3.62 11.52 15.27
C ILE E 154 2.95 10.33 14.60
N PRO E 155 3.44 9.10 14.81
CA PRO E 155 2.84 7.98 14.07
C PRO E 155 1.35 7.85 14.29
N GLY E 156 0.87 8.17 15.48
CA GLY E 156 -0.54 8.01 15.78
C GLY E 156 -1.42 9.11 15.23
N LEU E 157 -1.00 10.36 15.40
CA LEU E 157 -1.91 11.46 15.11
C LEU E 157 -1.94 11.83 13.64
N ASN E 158 -1.03 11.27 12.82
CA ASN E 158 -0.90 11.73 11.44
C ASN E 158 -2.21 11.65 10.66
N LEU E 159 -3.08 10.69 11.01
CA LEU E 159 -4.33 10.54 10.27
C LEU E 159 -5.23 11.76 10.42
N ILE E 160 -5.22 12.40 11.60
CA ILE E 160 -5.98 13.65 11.76
C ILE E 160 -5.23 14.87 11.25
N ALA E 161 -3.98 14.70 10.81
CA ALA E 161 -3.21 15.82 10.26
C ALA E 161 -3.55 16.07 8.79
N ALA E 162 -3.74 15.01 8.01
CA ALA E 162 -4.11 15.19 6.60
C ALA E 162 -5.40 16.00 6.46
N PRO E 163 -6.52 15.63 7.07
CA PRO E 163 -7.71 16.48 6.95
C PRO E 163 -7.45 17.89 7.44
N LEU E 164 -6.95 18.04 8.67
CA LEU E 164 -6.66 19.36 9.23
C LEU E 164 -5.79 20.18 8.29
N TRP E 165 -4.87 19.53 7.58
CA TRP E 165 -4.08 20.22 6.56
C TRP E 165 -5.01 20.87 5.53
N LEU E 166 -5.78 20.03 4.84
CA LEU E 166 -6.64 20.50 3.76
C LEU E 166 -7.55 21.63 4.22
N LEU E 167 -8.24 21.43 5.35
CA LEU E 167 -9.19 22.44 5.84
C LEU E 167 -8.53 23.81 5.95
N PHE E 168 -7.27 23.86 6.42
CA PHE E 168 -6.56 25.14 6.52
C PHE E 168 -6.18 25.67 5.14
N GLY E 169 -5.65 24.79 4.28
CA GLY E 169 -5.23 25.19 2.96
C GLY E 169 -6.32 25.83 2.14
N VAL E 170 -7.57 25.37 2.30
CA VAL E 170 -8.69 26.01 1.61
C VAL E 170 -8.91 27.40 2.20
N TRP E 171 -8.99 27.49 3.53
CA TRP E 171 -9.19 28.78 4.19
C TRP E 171 -8.14 29.78 3.75
N MET E 172 -6.89 29.34 3.69
CA MET E 172 -5.81 30.22 3.30
C MET E 172 -6.08 30.84 1.94
N MET E 173 -6.63 30.05 1.00
CA MET E 173 -6.91 30.56 -0.34
C MET E 173 -7.75 31.82 -0.29
N ALA E 174 -8.64 31.94 0.71
CA ALA E 174 -9.43 33.15 0.85
C ALA E 174 -8.57 34.33 1.23
N VAL E 175 -7.77 34.18 2.29
CA VAL E 175 -7.03 35.32 2.82
C VAL E 175 -5.94 35.79 1.87
N GLN E 176 -5.43 34.91 0.99
CA GLN E 176 -4.36 35.32 0.08
C GLN E 176 -4.88 36.26 -0.99
N TYR E 177 -6.00 35.92 -1.63
CA TYR E 177 -6.50 36.66 -2.78
C TYR E 177 -7.44 37.81 -2.41
N ILE E 178 -8.42 37.53 -1.55
CA ILE E 178 -9.41 38.52 -1.18
C ILE E 178 -8.74 39.70 -0.47
N ASP E 179 -7.57 39.46 0.11
CA ASP E 179 -6.86 40.55 0.74
C ASP E 179 -6.35 41.56 -0.29
N TYR E 180 -5.92 41.09 -1.47
CA TYR E 180 -5.30 42.00 -2.43
C TYR E 180 -6.13 43.25 -2.69
N PRO E 181 -7.43 43.17 -3.02
CA PRO E 181 -8.23 44.40 -3.11
C PRO E 181 -8.40 45.09 -1.76
N ALA E 182 -8.65 44.31 -0.71
CA ALA E 182 -8.81 44.87 0.62
C ALA E 182 -7.58 45.66 1.05
N ASP E 183 -6.38 45.12 0.79
CA ASP E 183 -5.16 45.84 1.12
C ASP E 183 -5.06 47.14 0.34
N ASN E 184 -5.54 47.15 -0.92
CA ASN E 184 -5.59 48.38 -1.70
C ASN E 184 -6.55 49.39 -1.09
N HIS E 185 -7.52 48.93 -0.30
CA HIS E 185 -8.45 49.80 0.41
C HIS E 185 -8.00 50.11 1.84
N LYS E 186 -6.72 49.96 2.15
CA LYS E 186 -6.17 50.30 3.46
C LYS E 186 -7.00 49.65 4.58
N LEU E 187 -7.13 48.33 4.51
CA LEU E 187 -7.93 47.58 5.49
C LEU E 187 -7.02 46.74 6.38
N GLY E 188 -7.37 46.68 7.67
CA GLY E 188 -6.52 46.01 8.65
C GLY E 188 -6.49 44.50 8.52
N TRP E 189 -5.34 43.93 8.89
CA TRP E 189 -5.14 42.50 8.80
C TRP E 189 -6.13 41.75 9.68
N ASN E 190 -6.08 42.00 10.99
CA ASN E 190 -6.99 41.32 11.90
C ASN E 190 -8.44 41.65 11.57
N GLU E 191 -8.69 42.88 11.11
CA GLU E 191 -10.04 43.27 10.75
C GLU E 191 -10.55 42.46 9.56
N MET E 192 -9.71 42.27 8.55
CA MET E 192 -10.13 41.46 7.42
C MET E 192 -10.28 40.01 7.82
N LEU E 193 -9.44 39.53 8.75
CA LEU E 193 -9.59 38.16 9.23
C LEU E 193 -10.95 38.00 9.91
N ALA E 194 -11.36 39.00 10.69
CA ALA E 194 -12.66 38.93 11.34
C ALA E 194 -13.79 39.01 10.32
N TRP E 195 -13.67 39.90 9.33
CA TRP E 195 -14.75 40.06 8.36
C TRP E 195 -14.93 38.78 7.55
N LEU E 196 -13.84 38.19 7.05
CA LEU E 196 -13.97 36.96 6.27
C LEU E 196 -14.36 35.78 7.15
N ARG E 197 -14.12 35.84 8.46
CA ARG E 197 -14.59 34.78 9.34
C ARG E 197 -16.10 34.62 9.26
N SER E 198 -16.82 35.64 8.78
CA SER E 198 -18.27 35.55 8.58
C SER E 198 -18.67 34.96 7.23
N LYS E 199 -17.91 35.26 6.17
CA LYS E 199 -18.23 34.69 4.86
C LYS E 199 -17.64 33.30 4.69
N ARG E 200 -17.31 32.62 5.80
CA ARG E 200 -16.46 31.43 5.73
C ARG E 200 -16.92 30.46 4.65
N TRP E 201 -18.23 30.23 4.56
CA TRP E 201 -18.71 29.22 3.61
C TRP E 201 -18.42 29.64 2.18
N ALA E 202 -18.83 30.86 1.80
CA ALA E 202 -18.65 31.31 0.43
C ALA E 202 -17.18 31.28 0.05
N CYS E 203 -16.35 32.01 0.80
CA CYS E 203 -14.92 32.06 0.49
C CYS E 203 -14.26 30.71 0.67
N MET E 204 -14.90 29.77 1.37
CA MET E 204 -14.35 28.42 1.48
C MET E 204 -14.67 27.60 0.24
N GLY E 205 -15.81 27.87 -0.39
CA GLY E 205 -16.05 27.29 -1.71
C GLY E 205 -15.12 27.88 -2.74
N PHE E 206 -14.99 29.22 -2.74
CA PHE E 206 -14.00 29.88 -3.57
C PHE E 206 -12.61 29.27 -3.37
N GLY E 207 -12.15 29.19 -2.13
CA GLY E 207 -10.87 28.56 -1.84
C GLY E 207 -10.80 27.08 -2.18
N GLY E 208 -11.93 26.38 -2.12
CA GLY E 208 -11.95 24.96 -2.41
C GLY E 208 -11.69 24.72 -3.87
N ILE E 209 -12.52 25.35 -4.72
CA ILE E 209 -12.29 25.25 -6.16
C ILE E 209 -10.96 25.88 -6.53
N THR E 210 -10.55 26.91 -5.77
CA THR E 210 -9.25 27.52 -6.00
C THR E 210 -8.13 26.51 -5.81
N TYR E 211 -8.13 25.79 -4.69
CA TYR E 211 -7.08 24.80 -4.44
C TYR E 211 -7.14 23.67 -5.45
N LEU E 212 -8.30 23.03 -5.58
CA LEU E 212 -8.40 21.92 -6.51
C LEU E 212 -7.97 22.37 -7.91
N VAL E 213 -8.58 23.44 -8.40
CA VAL E 213 -8.25 23.97 -9.71
C VAL E 213 -6.76 24.34 -9.77
N LEU E 214 -6.16 24.63 -8.61
CA LEU E 214 -4.73 24.90 -8.50
C LEU E 214 -3.88 23.64 -8.41
N LEU E 215 -4.48 22.45 -8.34
CA LEU E 215 -3.70 21.22 -8.38
C LEU E 215 -3.21 20.90 -9.78
N ILE E 216 -3.91 21.37 -10.81
CA ILE E 216 -3.52 21.20 -12.21
C ILE E 216 -2.35 22.14 -12.50
N PRO E 217 -1.32 21.70 -13.24
CA PRO E 217 -0.20 22.62 -13.54
C PRO E 217 -0.53 23.69 -14.56
N LEU E 218 -1.15 23.31 -15.69
CA LEU E 218 -1.47 24.31 -16.71
C LEU E 218 -2.31 25.43 -16.12
N VAL E 219 -3.24 25.04 -15.25
CA VAL E 219 -4.23 25.97 -14.71
C VAL E 219 -3.53 27.11 -13.98
N ASN E 220 -2.71 26.80 -12.98
CA ASN E 220 -2.12 27.80 -12.08
C ASN E 220 -1.70 29.11 -12.76
N LEU E 221 -0.96 29.01 -13.87
CA LEU E 221 -0.42 30.20 -14.53
C LEU E 221 -1.54 31.11 -15.02
N VAL E 222 -2.69 30.53 -15.36
CA VAL E 222 -3.85 31.31 -15.78
C VAL E 222 -4.91 31.41 -14.69
N ALA E 223 -4.75 30.68 -13.59
CA ALA E 223 -5.75 30.57 -12.54
C ALA E 223 -5.53 31.59 -11.44
N MET E 224 -4.28 31.82 -11.02
CA MET E 224 -4.04 32.86 -10.04
C MET E 224 -4.65 34.19 -10.47
N PRO E 225 -4.48 34.66 -11.71
CA PRO E 225 -5.23 35.86 -12.12
C PRO E 225 -6.74 35.69 -11.99
N ALA E 226 -7.28 34.55 -12.42
CA ALA E 226 -8.70 34.31 -12.25
C ALA E 226 -9.09 34.36 -10.78
N ALA E 227 -8.22 33.85 -9.91
CA ALA E 227 -8.51 33.91 -8.48
C ALA E 227 -8.47 35.34 -7.95
N VAL E 228 -7.54 36.15 -8.46
CA VAL E 228 -7.44 37.54 -8.03
C VAL E 228 -8.68 38.30 -8.46
N ALA E 229 -9.06 38.17 -9.75
CA ALA E 229 -10.22 38.87 -10.25
C ALA E 229 -11.49 38.40 -9.56
N GLY E 230 -11.67 37.08 -9.46
CA GLY E 230 -12.81 36.57 -8.72
C GLY E 230 -12.84 37.07 -7.29
N ALA E 231 -11.67 37.24 -6.69
CA ALA E 231 -11.62 37.74 -5.31
C ALA E 231 -12.01 39.20 -5.26
N VAL E 232 -11.57 40.00 -6.24
CA VAL E 232 -12.02 41.40 -6.34
C VAL E 232 -13.53 41.44 -6.47
N LEU E 233 -14.08 40.61 -7.37
CA LEU E 233 -15.52 40.52 -7.54
C LEU E 233 -16.20 40.17 -6.22
N PHE E 234 -15.63 39.23 -5.48
CA PHE E 234 -16.11 38.86 -4.15
C PHE E 234 -16.07 40.05 -3.19
N TRP E 235 -15.08 40.94 -3.35
CA TRP E 235 -15.02 42.11 -2.49
C TRP E 235 -16.08 43.12 -2.86
N VAL E 236 -16.42 43.23 -4.14
CA VAL E 236 -17.35 44.25 -4.59
C VAL E 236 -18.81 43.86 -4.31
N ARG E 237 -19.24 42.69 -4.80
CA ARG E 237 -20.67 42.38 -4.72
C ARG E 237 -21.12 42.10 -3.29
N GLU E 238 -20.25 41.61 -2.45
CA GLU E 238 -20.57 41.46 -1.04
C GLU E 238 -19.96 42.64 -0.29
N GLY E 239 -20.04 42.59 1.03
CA GLY E 239 -19.74 43.77 1.83
C GLY E 239 -18.32 44.33 1.80
N GLY E 240 -18.17 45.57 1.30
CA GLY E 240 -16.94 46.33 1.46
C GLY E 240 -16.95 47.20 2.70
N ASP E 241 -17.95 47.01 3.58
CA ASP E 241 -18.13 47.82 4.76
C ASP E 241 -16.98 47.63 5.75
N GLN E 242 -16.79 48.64 6.61
CA GLN E 242 -15.65 48.65 7.51
C GLN E 242 -15.98 49.21 8.93
N THR F 3 36.80 5.70 -20.76
CA THR F 3 37.17 6.13 -19.42
C THR F 3 36.06 6.98 -18.83
N LEU F 4 35.34 7.69 -19.69
CA LEU F 4 34.29 8.58 -19.26
C LEU F 4 32.94 7.89 -19.17
N SER F 5 32.87 6.59 -19.45
CA SER F 5 31.61 5.87 -19.57
C SER F 5 30.65 6.18 -18.42
N GLY F 6 29.37 5.91 -18.64
CA GLY F 6 28.36 5.99 -17.61
C GLY F 6 27.63 7.31 -17.59
N PRO F 7 27.02 7.63 -16.45
CA PRO F 7 26.26 8.89 -16.36
C PRO F 7 27.14 10.15 -16.35
N GLN F 8 28.46 10.01 -16.18
CA GLN F 8 29.34 11.18 -16.04
C GLN F 8 29.17 12.14 -17.21
N TYR F 9 28.93 11.61 -18.41
CA TYR F 9 28.69 12.43 -19.60
C TYR F 9 27.72 13.56 -19.31
N LEU F 10 26.57 13.25 -18.75
CA LEU F 10 25.57 14.28 -18.48
C LEU F 10 26.20 15.45 -17.75
N GLY F 11 26.85 15.17 -16.62
CA GLY F 11 27.48 16.25 -15.88
C GLY F 11 28.37 17.07 -16.77
N GLU F 12 29.26 16.38 -17.49
CA GLU F 12 30.20 17.06 -18.37
C GLU F 12 29.46 17.86 -19.44
N GLY F 13 28.37 17.33 -19.97
CA GLY F 13 27.57 18.08 -20.91
C GLY F 13 27.11 19.41 -20.36
N LEU F 14 26.68 19.43 -19.09
CA LEU F 14 26.32 20.70 -18.46
C LEU F 14 27.48 21.66 -18.53
N LYS F 15 28.68 21.17 -18.18
CA LYS F 15 29.88 21.99 -18.31
C LYS F 15 29.98 22.58 -19.71
N LEU F 16 29.84 21.73 -20.74
CA LEU F 16 29.95 22.23 -22.11
C LEU F 16 28.95 23.35 -22.38
N MET F 17 27.79 23.35 -21.73
CA MET F 17 26.81 24.39 -21.99
C MET F 17 27.11 25.69 -21.26
N MET F 18 27.86 25.62 -20.18
CA MET F 18 28.07 26.84 -19.42
C MET F 18 29.06 27.78 -20.10
N ARG F 19 29.94 27.26 -20.98
CA ARG F 19 30.98 28.09 -21.57
C ARG F 19 30.41 29.00 -22.66
N PRO F 20 30.95 30.20 -22.82
CA PRO F 20 30.38 31.18 -23.76
C PRO F 20 30.22 30.67 -25.18
N GLY F 21 29.24 31.23 -25.88
CA GLY F 21 29.06 30.94 -27.29
C GLY F 21 28.19 29.72 -27.53
N LEU F 22 28.24 28.76 -26.60
CA LEU F 22 27.26 27.69 -26.48
C LEU F 22 26.23 27.95 -25.40
N ARG F 23 26.46 28.97 -24.57
CA ARG F 23 25.64 29.23 -23.41
C ARG F 23 24.29 29.80 -23.79
N LEU F 24 24.25 30.60 -24.86
CA LEU F 24 23.03 31.23 -25.30
C LEU F 24 22.11 30.28 -26.05
N PHE F 25 22.65 29.19 -26.60
CA PHE F 25 21.79 28.20 -27.27
C PHE F 25 20.86 27.50 -26.27
N VAL F 26 21.22 27.50 -24.98
CA VAL F 26 20.43 26.92 -23.89
C VAL F 26 19.04 27.53 -23.85
N LEU F 27 18.89 28.77 -24.33
CA LEU F 27 17.61 29.44 -24.30
C LEU F 27 16.61 28.84 -25.30
N LEU F 28 17.07 28.08 -26.29
CA LEU F 28 16.17 27.66 -27.37
C LEU F 28 14.97 26.87 -26.85
N PRO F 29 15.12 25.75 -26.12
CA PRO F 29 13.94 24.96 -25.77
C PRO F 29 12.92 25.79 -25.00
N LEU F 30 13.36 26.41 -23.90
CA LEU F 30 12.42 27.22 -23.12
C LEU F 30 11.62 28.14 -24.05
N SER F 31 12.32 28.90 -24.90
CA SER F 31 11.65 29.87 -25.77
C SER F 31 10.58 29.18 -26.62
N ILE F 32 10.94 28.06 -27.25
CA ILE F 32 9.95 27.28 -27.98
C ILE F 32 8.74 27.04 -27.09
N ASN F 33 8.96 26.29 -26.01
CA ASN F 33 7.86 25.99 -25.11
C ASN F 33 7.16 27.27 -24.64
N LEU F 34 7.90 28.37 -24.48
CA LEU F 34 7.25 29.61 -24.09
C LEU F 34 6.25 30.03 -25.13
N ILE F 35 6.73 30.24 -26.36
CA ILE F 35 5.86 30.74 -27.42
C ILE F 35 4.70 29.79 -27.60
N LEU F 36 5.02 28.52 -27.91
CA LEU F 36 4.03 27.47 -28.05
C LEU F 36 3.04 27.49 -26.89
N PHE F 37 3.53 27.66 -25.66
CA PHE F 37 2.59 27.77 -24.56
C PHE F 37 1.69 28.98 -24.74
N ILE F 38 2.29 30.17 -24.77
CA ILE F 38 1.50 31.41 -24.76
C ILE F 38 0.48 31.38 -25.90
N GLY F 39 0.91 31.00 -27.10
CA GLY F 39 -0.03 30.94 -28.21
C GLY F 39 -1.14 29.93 -27.95
N LEU F 40 -0.77 28.71 -27.59
CA LEU F 40 -1.75 27.64 -27.43
C LEU F 40 -2.60 27.81 -26.18
N ILE F 41 -2.02 28.31 -25.09
CA ILE F 41 -2.73 28.38 -23.81
C ILE F 41 -4.08 29.06 -24.01
N GLY F 42 -4.04 30.27 -24.55
CA GLY F 42 -5.28 30.99 -24.83
C GLY F 42 -6.23 30.15 -25.64
N PHE F 43 -5.75 29.60 -26.76
CA PHE F 43 -6.58 28.70 -27.54
C PHE F 43 -7.17 27.62 -26.65
N ALA F 44 -6.32 26.86 -25.95
CA ALA F 44 -6.84 25.81 -25.09
C ALA F 44 -7.91 26.38 -24.17
N ILE F 45 -7.62 27.55 -23.58
CA ILE F 45 -8.53 28.14 -22.61
C ILE F 45 -9.94 28.24 -23.19
N ASN F 46 -10.05 28.66 -24.46
CA ASN F 46 -11.36 28.87 -25.05
C ASN F 46 -12.06 27.55 -25.38
N GLN F 47 -11.30 26.54 -25.80
CA GLN F 47 -11.93 25.32 -26.26
C GLN F 47 -12.06 24.25 -25.19
N PHE F 48 -11.45 24.42 -24.02
CA PHE F 48 -11.52 23.39 -22.99
C PHE F 48 -12.98 22.98 -22.78
N SER F 49 -13.83 23.95 -22.47
CA SER F 49 -15.24 23.69 -22.21
C SER F 49 -15.88 22.91 -23.35
N HIS F 50 -15.55 23.26 -24.60
CA HIS F 50 -16.20 22.60 -25.73
C HIS F 50 -15.72 21.17 -25.88
N TRP F 51 -14.43 20.92 -25.67
CA TRP F 51 -13.89 19.59 -25.95
C TRP F 51 -14.55 18.51 -25.10
N VAL F 52 -14.66 18.75 -23.79
CA VAL F 52 -15.30 17.77 -22.94
C VAL F 52 -16.72 17.53 -23.43
N ASP F 53 -17.41 18.61 -23.84
CA ASP F 53 -18.80 18.46 -24.27
C ASP F 53 -18.91 17.56 -25.49
N TRP F 54 -17.84 17.47 -26.30
CA TRP F 54 -17.84 16.55 -27.42
C TRP F 54 -17.65 15.12 -26.95
N LEU F 55 -16.69 14.88 -26.05
CA LEU F 55 -16.44 13.52 -25.63
C LEU F 55 -17.61 12.95 -24.84
N MET F 56 -18.37 13.78 -24.14
CA MET F 56 -19.36 13.22 -23.25
C MET F 56 -20.60 12.78 -24.04
N PRO F 57 -21.05 11.54 -23.86
CA PRO F 57 -22.20 11.06 -24.62
C PRO F 57 -23.49 11.71 -24.12
N SER F 58 -24.50 11.66 -24.98
CA SER F 58 -25.82 12.16 -24.62
C SER F 58 -26.56 11.09 -23.85
N LEU F 59 -27.10 11.45 -22.68
CA LEU F 59 -27.76 10.49 -21.82
C LEU F 59 -29.21 10.88 -21.57
N PRO F 60 -30.08 9.90 -21.32
CA PRO F 60 -31.47 10.21 -20.97
C PRO F 60 -31.61 10.86 -19.61
N GLU F 61 -32.84 11.20 -19.24
CA GLU F 61 -33.06 11.84 -17.96
C GLU F 61 -32.76 10.90 -16.79
N TRP F 62 -32.99 9.59 -16.95
CA TRP F 62 -32.72 8.63 -15.88
C TRP F 62 -31.22 8.37 -15.69
N LEU F 63 -30.46 8.31 -16.78
CA LEU F 63 -29.03 8.12 -16.65
C LEU F 63 -28.26 9.43 -16.53
N SER F 64 -28.95 10.57 -16.41
CA SER F 64 -28.26 11.85 -16.37
C SER F 64 -27.30 11.94 -15.18
N PHE F 65 -27.59 11.19 -14.11
CA PHE F 65 -26.68 11.20 -12.95
C PHE F 65 -25.27 10.76 -13.34
N LEU F 66 -25.15 9.90 -14.36
CA LEU F 66 -23.83 9.47 -14.81
C LEU F 66 -22.98 10.65 -15.27
N GLN F 67 -23.62 11.72 -15.75
CA GLN F 67 -22.87 12.91 -16.09
C GLN F 67 -22.03 13.39 -14.91
N PHE F 68 -22.48 13.17 -13.68
CA PHE F 68 -21.68 13.61 -12.55
C PHE F 68 -20.43 12.76 -12.41
N ILE F 69 -20.52 11.46 -12.71
CA ILE F 69 -19.34 10.61 -12.59
C ILE F 69 -18.46 10.69 -13.83
N LEU F 70 -19.06 10.92 -15.01
CA LEU F 70 -18.32 11.00 -16.25
C LEU F 70 -17.58 12.33 -16.43
N TRP F 71 -18.04 13.39 -15.77
CA TRP F 71 -17.42 14.70 -15.92
C TRP F 71 -15.94 14.68 -15.56
N PRO F 72 -15.56 14.32 -14.33
CA PRO F 72 -14.14 14.36 -13.99
C PRO F 72 -13.30 13.55 -14.94
N LEU F 73 -13.84 12.46 -15.49
CA LEU F 73 -13.08 11.61 -16.39
C LEU F 73 -12.59 12.38 -17.61
N PHE F 74 -13.51 12.74 -18.49
CA PHE F 74 -13.08 13.40 -19.72
C PHE F 74 -12.29 14.66 -19.42
N VAL F 75 -12.70 15.42 -18.40
CA VAL F 75 -11.94 16.60 -17.99
C VAL F 75 -10.49 16.22 -17.73
N THR F 76 -10.28 15.15 -16.98
CA THR F 76 -8.94 14.61 -16.87
C THR F 76 -8.39 14.30 -18.26
N LEU F 77 -9.09 13.44 -19.01
CA LEU F 77 -8.59 12.97 -20.30
C LEU F 77 -8.18 14.13 -21.20
N VAL F 78 -9.07 15.13 -21.37
CA VAL F 78 -8.75 16.31 -22.17
C VAL F 78 -7.41 16.89 -21.76
N LEU F 79 -7.26 17.21 -20.47
CA LEU F 79 -5.98 17.66 -19.95
C LEU F 79 -4.87 16.71 -20.38
N LEU F 80 -5.02 15.41 -20.10
CA LEU F 80 -4.01 14.45 -20.49
C LEU F 80 -3.68 14.59 -21.97
N ILE F 81 -4.70 14.79 -22.79
CA ILE F 81 -4.48 15.03 -24.22
C ILE F 81 -3.75 16.37 -24.43
N VAL F 82 -4.33 17.47 -23.92
CA VAL F 82 -3.74 18.80 -24.09
C VAL F 82 -2.28 18.81 -23.65
N PHE F 83 -1.99 18.17 -22.52
CA PHE F 83 -0.60 18.03 -22.11
C PHE F 83 0.19 17.29 -23.19
N PHE F 84 -0.17 16.04 -23.46
CA PHE F 84 0.60 15.24 -24.41
C PHE F 84 0.74 15.96 -25.75
N THR F 85 -0.39 16.42 -26.32
CA THR F 85 -0.33 17.17 -27.57
C THR F 85 0.76 18.24 -27.51
N PHE F 86 0.69 19.12 -26.50
CA PHE F 86 1.70 20.16 -26.35
C PHE F 86 3.09 19.56 -26.33
N THR F 87 3.32 18.61 -25.43
CA THR F 87 4.62 17.93 -25.37
C THR F 87 5.01 17.44 -26.75
N LEU F 88 4.09 16.76 -27.44
CA LEU F 88 4.37 16.22 -28.76
C LEU F 88 4.88 17.32 -29.69
N ILE F 89 4.18 18.45 -29.71
CA ILE F 89 4.61 19.56 -30.56
C ILE F 89 5.95 20.13 -30.08
N ALA F 90 6.11 20.32 -28.76
CA ALA F 90 7.30 20.98 -28.24
C ALA F 90 8.55 20.31 -28.76
N ASN F 91 8.70 19.00 -28.48
CA ASN F 91 9.84 18.24 -28.99
C ASN F 91 9.99 18.40 -30.50
N LEU F 92 8.88 18.34 -31.25
CA LEU F 92 8.95 18.56 -32.69
C LEU F 92 9.62 19.90 -33.01
N ILE F 93 9.11 21.00 -32.46
CA ILE F 93 9.74 22.29 -32.71
C ILE F 93 11.15 22.30 -32.13
N ALA F 94 11.36 21.58 -31.04
CA ALA F 94 12.69 21.45 -30.46
C ALA F 94 13.57 20.45 -31.17
N ALA F 95 13.02 19.68 -32.11
CA ALA F 95 13.83 18.67 -32.80
C ALA F 95 14.97 19.30 -33.59
N PRO F 96 14.74 20.26 -34.49
CA PRO F 96 15.84 20.81 -35.29
C PRO F 96 16.90 21.47 -34.45
N PHE F 97 16.48 22.33 -33.53
CA PHE F 97 17.41 23.08 -32.69
C PHE F 97 18.40 22.15 -32.01
N ASN F 98 17.88 21.08 -31.38
CA ASN F 98 18.73 20.09 -30.74
C ASN F 98 19.75 19.53 -31.73
N GLY F 99 19.28 19.10 -32.90
CA GLY F 99 20.21 18.66 -33.94
C GLY F 99 21.22 19.73 -34.31
N PHE F 100 20.73 20.95 -34.58
CA PHE F 100 21.64 22.06 -34.87
C PHE F 100 22.63 22.25 -33.72
N LEU F 101 22.16 22.04 -32.48
CA LEU F 101 23.03 22.18 -31.32
C LEU F 101 24.07 21.07 -31.30
N ALA F 102 23.66 19.84 -31.65
CA ALA F 102 24.57 18.70 -31.57
C ALA F 102 25.78 18.88 -32.49
N GLU F 103 25.59 19.51 -33.65
CA GLU F 103 26.76 19.91 -34.43
C GLU F 103 27.58 20.96 -33.72
N LYS F 104 26.94 22.04 -33.27
CA LYS F 104 27.68 23.18 -32.74
C LYS F 104 28.40 22.83 -31.46
N VAL F 105 27.87 21.91 -30.67
CA VAL F 105 28.60 21.43 -29.51
C VAL F 105 29.86 20.71 -29.95
N GLU F 106 29.74 19.88 -30.99
CA GLU F 106 30.82 18.99 -31.39
C GLU F 106 32.06 19.77 -31.78
N VAL F 107 31.89 20.84 -32.56
CA VAL F 107 33.05 21.61 -33.00
C VAL F 107 33.78 22.16 -31.78
N VAL F 108 33.04 22.47 -30.71
CA VAL F 108 33.65 22.95 -29.47
C VAL F 108 34.34 21.82 -28.73
N VAL F 109 33.78 20.62 -28.78
CA VAL F 109 34.36 19.47 -28.08
C VAL F 109 35.74 19.15 -28.64
N ARG F 110 35.91 19.25 -29.96
CA ARG F 110 37.16 18.94 -30.67
C ARG F 110 38.11 20.12 -30.84
N GLY F 111 37.68 21.33 -30.49
CA GLY F 111 38.52 22.51 -30.58
C GLY F 111 38.47 23.24 -31.89
N THR F 112 37.62 22.81 -32.83
CA THR F 112 37.58 23.40 -34.17
C THR F 112 37.23 24.88 -34.11
N ASP F 113 36.10 25.19 -33.50
CA ASP F 113 35.64 26.57 -33.38
C ASP F 113 34.96 26.68 -32.01
N ASP F 114 35.59 27.38 -31.06
CA ASP F 114 35.03 27.49 -29.73
C ASP F 114 33.83 28.42 -29.64
N PHE F 115 33.60 29.24 -30.65
CA PHE F 115 32.41 30.10 -30.68
C PHE F 115 31.62 29.83 -31.95
N PRO F 116 30.82 28.77 -31.98
CA PRO F 116 29.99 28.53 -33.16
C PRO F 116 28.90 29.59 -33.30
N ALA F 117 28.49 29.82 -34.55
CA ALA F 117 27.55 30.88 -34.86
C ALA F 117 26.21 30.30 -35.29
N PHE F 118 25.14 30.95 -34.86
CA PHE F 118 23.81 30.53 -35.23
C PHE F 118 23.41 31.23 -36.53
N SER F 119 22.85 30.45 -37.47
CA SER F 119 22.22 31.00 -38.68
C SER F 119 20.95 30.20 -38.94
N TRP F 120 19.90 30.91 -39.37
CA TRP F 120 18.65 30.27 -39.74
C TRP F 120 18.78 29.46 -41.02
N ALA F 121 19.75 29.78 -41.88
CA ALA F 121 19.89 29.08 -43.15
C ALA F 121 20.11 27.59 -42.94
N GLU F 122 21.20 27.24 -42.25
CA GLU F 122 21.49 25.83 -42.06
C GLU F 122 20.50 25.15 -41.12
N LEU F 123 19.85 25.91 -40.22
CA LEU F 123 18.79 25.37 -39.38
C LEU F 123 17.58 24.93 -40.20
N MET F 124 17.07 25.83 -41.04
CA MET F 124 16.00 25.47 -41.95
C MET F 124 16.44 24.33 -42.86
N ALA F 125 17.73 24.28 -43.22
CA ALA F 125 18.21 23.16 -44.02
C ALA F 125 18.21 21.85 -43.23
N MET F 126 18.36 21.92 -41.91
CA MET F 126 18.33 20.70 -41.10
C MET F 126 16.93 20.21 -40.80
N VAL F 127 15.96 21.13 -40.75
CA VAL F 127 14.61 20.81 -40.29
C VAL F 127 14.11 19.46 -40.80
N PRO F 128 14.06 19.18 -42.11
CA PRO F 128 13.39 17.93 -42.54
C PRO F 128 14.00 16.66 -41.98
N ARG F 129 15.31 16.47 -42.09
CA ARG F 129 15.90 15.21 -41.63
C ARG F 129 15.72 15.01 -40.14
N THR F 130 15.75 16.10 -39.38
CA THR F 130 15.69 16.02 -37.93
C THR F 130 14.26 15.92 -37.39
N ILE F 131 13.29 16.56 -38.08
CA ILE F 131 11.89 16.33 -37.77
C ILE F 131 11.48 14.92 -38.16
N GLY F 132 11.81 14.50 -39.38
CA GLY F 132 11.56 13.12 -39.77
C GLY F 132 12.20 12.13 -38.81
N ARG F 133 13.41 12.45 -38.33
CA ARG F 133 14.06 11.59 -37.36
C ARG F 133 13.33 11.61 -36.01
N GLU F 134 12.75 12.76 -35.64
CA GLU F 134 11.90 12.77 -34.45
C GLU F 134 10.68 11.89 -34.63
N LEU F 135 10.17 11.81 -35.85
CA LEU F 135 9.08 10.88 -36.13
C LEU F 135 9.55 9.45 -36.06
N ARG F 136 10.76 9.14 -36.52
CA ARG F 136 11.26 7.78 -36.36
C ARG F 136 11.40 7.42 -34.88
N LYS F 137 11.89 8.37 -34.07
CA LYS F 137 11.97 8.13 -32.62
C LYS F 137 10.59 7.85 -32.03
N LEU F 138 9.59 8.67 -32.41
CA LEU F 138 8.22 8.45 -31.96
C LEU F 138 7.70 7.07 -32.38
N GLY F 139 8.02 6.63 -33.60
CA GLY F 139 7.60 5.32 -34.03
C GLY F 139 8.27 4.21 -33.25
N TYR F 140 9.53 4.43 -32.85
CA TYR F 140 10.21 3.43 -32.03
C TYR F 140 9.67 3.38 -30.63
N PHE F 141 9.20 4.51 -30.12
CA PHE F 141 8.79 4.59 -28.71
C PHE F 141 7.32 4.22 -28.50
N LEU F 142 6.42 4.98 -29.14
CA LEU F 142 4.99 4.92 -28.80
C LEU F 142 4.38 3.51 -28.86
N PRO F 143 4.61 2.68 -29.88
CA PRO F 143 4.05 1.34 -29.83
C PRO F 143 4.47 0.59 -28.58
N ARG F 144 5.78 0.52 -28.30
CA ARG F 144 6.25 -0.19 -27.12
C ARG F 144 5.68 0.41 -25.85
N ALA F 145 5.47 1.73 -25.83
CA ALA F 145 4.82 2.38 -24.69
C ALA F 145 3.42 1.82 -24.48
N ILE F 146 2.59 1.82 -25.53
CA ILE F 146 1.24 1.24 -25.44
C ILE F 146 1.31 -0.23 -25.05
N ALA F 147 2.33 -0.95 -25.52
CA ALA F 147 2.50 -2.35 -25.11
C ALA F 147 2.67 -2.46 -23.60
N LEU F 148 3.63 -1.69 -23.04
CA LEU F 148 3.87 -1.74 -21.59
C LEU F 148 2.69 -1.21 -20.77
N PHE F 149 1.96 -0.22 -21.28
CA PHE F 149 0.85 0.34 -20.53
C PHE F 149 -0.34 -0.61 -20.49
N ILE F 150 -0.73 -1.16 -21.64
CA ILE F 150 -1.76 -2.20 -21.66
C ILE F 150 -1.30 -3.41 -20.86
N LEU F 151 0.01 -3.69 -20.85
CA LEU F 151 0.53 -4.74 -19.97
C LEU F 151 0.31 -4.40 -18.50
N SER F 152 0.36 -3.11 -18.16
CA SER F 152 0.20 -2.65 -16.77
C SER F 152 -1.26 -2.56 -16.33
N LEU F 153 -2.21 -2.42 -17.27
CA LEU F 153 -3.62 -2.38 -16.90
C LEU F 153 -4.14 -3.73 -16.40
N ILE F 154 -3.45 -4.80 -16.75
CA ILE F 154 -3.81 -6.13 -16.25
C ILE F 154 -3.56 -6.19 -14.75
N PRO F 155 -4.55 -6.56 -13.93
CA PRO F 155 -4.32 -6.61 -12.47
C PRO F 155 -3.17 -7.51 -12.08
N GLY F 156 -2.94 -8.61 -12.78
CA GLY F 156 -1.85 -9.50 -12.43
C GLY F 156 -0.46 -9.03 -12.85
N LEU F 157 -0.32 -8.46 -14.05
CA LEU F 157 0.98 -8.29 -14.69
C LEU F 157 1.64 -6.94 -14.48
N ASN F 158 0.94 -5.97 -13.86
CA ASN F 158 1.50 -4.62 -13.73
C ASN F 158 2.86 -4.63 -13.00
N LEU F 159 3.04 -5.59 -12.09
CA LEU F 159 4.23 -5.61 -11.24
C LEU F 159 5.50 -5.81 -12.06
N ILE F 160 5.41 -6.51 -13.20
CA ILE F 160 6.56 -6.59 -14.11
C ILE F 160 6.60 -5.44 -15.10
N ALA F 161 5.50 -4.71 -15.26
CA ALA F 161 5.47 -3.59 -16.20
C ALA F 161 6.18 -2.35 -15.63
N ALA F 162 6.00 -2.06 -14.34
CA ALA F 162 6.68 -0.89 -13.76
C ALA F 162 8.19 -0.91 -14.01
N PRO F 163 8.91 -2.02 -13.77
CA PRO F 163 10.35 -2.04 -14.09
C PRO F 163 10.66 -1.96 -15.56
N LEU F 164 9.94 -2.74 -16.38
CA LEU F 164 10.12 -2.63 -17.83
C LEU F 164 9.88 -1.20 -18.29
N TRP F 165 8.84 -0.55 -17.76
CA TRP F 165 8.61 0.84 -18.09
C TRP F 165 9.85 1.67 -17.79
N LEU F 166 10.34 1.59 -16.56
CA LEU F 166 11.46 2.43 -16.17
C LEU F 166 12.69 2.19 -17.03
N LEU F 167 13.11 0.91 -17.12
CA LEU F 167 14.27 0.55 -17.92
C LEU F 167 14.14 1.04 -19.36
N PHE F 168 12.96 0.89 -19.95
CA PHE F 168 12.75 1.36 -21.31
C PHE F 168 12.90 2.87 -21.39
N GLY F 169 12.29 3.61 -20.46
CA GLY F 169 12.42 5.07 -20.46
C GLY F 169 13.86 5.54 -20.37
N VAL F 170 14.68 4.85 -19.59
CA VAL F 170 16.11 5.14 -19.56
C VAL F 170 16.73 4.92 -20.94
N TRP F 171 16.59 3.70 -21.46
CA TRP F 171 17.14 3.39 -22.79
C TRP F 171 16.70 4.44 -23.82
N MET F 172 15.45 4.88 -23.74
CA MET F 172 14.96 5.90 -24.65
C MET F 172 15.68 7.22 -24.44
N MET F 173 16.07 7.54 -23.19
CA MET F 173 16.92 8.71 -23.00
C MET F 173 18.26 8.55 -23.70
N ALA F 174 18.76 7.31 -23.81
CA ALA F 174 19.97 7.09 -24.62
C ALA F 174 19.73 7.38 -26.10
N VAL F 175 18.73 6.72 -26.69
CA VAL F 175 18.56 6.83 -28.14
C VAL F 175 18.17 8.25 -28.52
N GLN F 176 17.35 8.90 -27.69
CA GLN F 176 16.83 10.21 -28.07
C GLN F 176 17.95 11.20 -28.28
N TYR F 177 18.88 11.26 -27.32
CA TYR F 177 19.94 12.28 -27.32
C TYR F 177 21.20 11.86 -28.05
N ILE F 178 21.70 10.64 -27.82
CA ILE F 178 22.86 10.18 -28.58
C ILE F 178 22.52 10.07 -30.05
N ASP F 179 21.23 10.07 -30.42
CA ASP F 179 20.88 10.07 -31.83
C ASP F 179 21.36 11.32 -32.51
N TYR F 180 21.18 12.47 -31.87
CA TYR F 180 21.40 13.75 -32.54
C TYR F 180 22.74 13.84 -33.24
N PRO F 181 23.87 13.50 -32.59
CA PRO F 181 25.13 13.43 -33.34
C PRO F 181 25.18 12.27 -34.34
N ALA F 182 24.62 11.11 -34.00
CA ALA F 182 24.57 9.99 -34.93
C ALA F 182 23.80 10.35 -36.21
N ASP F 183 22.62 10.94 -36.08
CA ASP F 183 21.88 11.37 -37.26
C ASP F 183 22.60 12.48 -37.98
N ASN F 184 23.31 13.35 -37.26
CA ASN F 184 24.08 14.37 -37.95
C ASN F 184 25.24 13.78 -38.74
N HIS F 185 25.69 12.58 -38.36
CA HIS F 185 26.65 11.83 -39.18
C HIS F 185 25.94 10.89 -40.17
N LYS F 186 24.67 11.15 -40.46
CA LYS F 186 23.93 10.42 -41.48
C LYS F 186 24.07 8.91 -41.26
N LEU F 187 23.75 8.48 -40.05
CA LEU F 187 23.87 7.09 -39.66
C LEU F 187 22.50 6.45 -39.61
N GLY F 188 22.40 5.23 -40.15
CA GLY F 188 21.12 4.55 -40.21
C GLY F 188 20.51 4.38 -38.83
N TRP F 189 19.18 4.30 -38.82
CA TRP F 189 18.44 4.03 -37.58
C TRP F 189 18.90 2.69 -36.98
N ASN F 190 18.88 1.63 -37.80
CA ASN F 190 19.33 0.31 -37.35
C ASN F 190 20.77 0.33 -36.86
N GLU F 191 21.65 1.03 -37.58
CA GLU F 191 23.06 1.07 -37.22
C GLU F 191 23.27 1.79 -35.89
N MET F 192 22.51 2.86 -35.65
CA MET F 192 22.64 3.58 -34.37
C MET F 192 22.03 2.79 -33.22
N LEU F 193 20.92 2.10 -33.43
CA LEU F 193 20.34 1.31 -32.34
C LEU F 193 21.25 0.14 -32.00
N ALA F 194 21.90 -0.45 -33.01
CA ALA F 194 22.90 -1.48 -32.76
C ALA F 194 24.10 -0.89 -32.02
N TRP F 195 24.48 0.34 -32.39
CA TRP F 195 25.58 1.02 -31.72
C TRP F 195 25.28 1.21 -30.23
N LEU F 196 24.10 1.72 -29.92
CA LEU F 196 23.71 1.87 -28.54
C LEU F 196 23.50 0.51 -27.86
N ARG F 197 23.13 -0.52 -28.62
CA ARG F 197 23.05 -1.86 -28.05
C ARG F 197 24.43 -2.36 -27.63
N SER F 198 25.48 -1.95 -28.35
CA SER F 198 26.86 -2.33 -28.00
C SER F 198 27.40 -1.54 -26.83
N LYS F 199 26.90 -0.34 -26.62
CA LYS F 199 27.24 0.49 -25.48
C LYS F 199 26.21 0.39 -24.35
N ARG F 200 25.43 -0.71 -24.33
CA ARG F 200 24.18 -0.71 -23.56
C ARG F 200 24.41 -0.30 -22.12
N TRP F 201 25.49 -0.77 -21.48
CA TRP F 201 25.73 -0.37 -20.10
C TRP F 201 26.00 1.14 -19.99
N ALA F 202 26.92 1.65 -20.83
CA ALA F 202 27.29 3.07 -20.78
C ALA F 202 26.10 3.97 -21.06
N CYS F 203 25.49 3.82 -22.24
CA CYS F 203 24.32 4.62 -22.59
C CYS F 203 23.08 4.29 -21.74
N MET F 204 23.09 3.19 -20.97
CA MET F 204 22.02 2.99 -20.01
C MET F 204 22.27 3.83 -18.76
N GLY F 205 23.54 3.98 -18.36
CA GLY F 205 23.85 4.92 -17.28
C GLY F 205 23.59 6.37 -17.67
N PHE F 206 24.13 6.80 -18.81
CA PHE F 206 23.86 8.12 -19.33
C PHE F 206 22.36 8.37 -19.44
N GLY F 207 21.64 7.48 -20.12
CA GLY F 207 20.21 7.69 -20.24
C GLY F 207 19.52 7.74 -18.90
N GLY F 208 20.02 6.97 -17.92
CA GLY F 208 19.37 6.89 -16.63
C GLY F 208 19.41 8.21 -15.88
N ILE F 209 20.62 8.70 -15.61
CA ILE F 209 20.72 9.98 -14.90
C ILE F 209 20.07 11.13 -15.69
N THR F 210 20.06 11.02 -17.03
CA THR F 210 19.36 12.00 -17.86
C THR F 210 17.86 12.01 -17.58
N TYR F 211 17.25 10.81 -17.52
CA TYR F 211 15.85 10.61 -17.13
C TYR F 211 15.56 11.24 -15.77
N LEU F 212 16.37 10.88 -14.78
CA LEU F 212 16.20 11.42 -13.44
C LEU F 212 16.24 12.94 -13.45
N VAL F 213 17.32 13.54 -13.96
CA VAL F 213 17.44 15.00 -13.91
C VAL F 213 16.37 15.67 -14.76
N LEU F 214 15.86 14.99 -15.79
CA LEU F 214 14.76 15.50 -16.60
C LEU F 214 13.40 15.35 -15.92
N LEU F 215 13.34 14.69 -14.76
CA LEU F 215 12.09 14.70 -13.98
C LEU F 215 11.85 16.01 -13.25
N ILE F 216 12.87 16.83 -13.02
CA ILE F 216 12.71 18.08 -12.29
C ILE F 216 12.02 19.11 -13.18
N PRO F 217 10.81 19.58 -12.85
CA PRO F 217 9.97 20.28 -13.85
C PRO F 217 10.57 21.54 -14.44
N LEU F 218 10.97 22.49 -13.58
CA LEU F 218 11.51 23.73 -14.11
C LEU F 218 12.90 23.53 -14.71
N VAL F 219 13.68 22.63 -14.12
CA VAL F 219 15.05 22.37 -14.53
C VAL F 219 15.13 21.58 -15.83
N ASN F 220 14.04 20.94 -16.26
CA ASN F 220 13.99 20.28 -17.57
C ASN F 220 14.63 21.12 -18.66
N LEU F 221 14.32 22.40 -18.63
CA LEU F 221 14.61 23.31 -19.73
C LEU F 221 16.08 23.70 -19.78
N VAL F 222 16.75 23.81 -18.62
CA VAL F 222 18.20 23.89 -18.63
C VAL F 222 18.82 22.50 -18.80
N ALA F 223 18.05 21.44 -18.51
CA ALA F 223 18.65 20.11 -18.50
C ALA F 223 18.84 19.57 -19.89
N MET F 224 17.86 19.76 -20.77
CA MET F 224 17.95 19.17 -22.11
C MET F 224 19.22 19.54 -22.84
N PRO F 225 19.58 20.82 -22.99
CA PRO F 225 20.84 21.16 -23.66
C PRO F 225 22.05 20.45 -23.08
N ALA F 226 22.14 20.40 -21.75
CA ALA F 226 23.20 19.61 -21.14
C ALA F 226 23.15 18.17 -21.64
N ALA F 227 21.94 17.61 -21.75
CA ALA F 227 21.82 16.23 -22.20
C ALA F 227 22.26 16.05 -23.64
N VAL F 228 21.93 17.01 -24.51
CA VAL F 228 22.35 16.94 -25.92
C VAL F 228 23.87 16.96 -26.00
N ALA F 229 24.48 17.96 -25.36
CA ALA F 229 25.94 18.11 -25.37
C ALA F 229 26.64 16.89 -24.78
N GLY F 230 26.14 16.40 -23.65
CA GLY F 230 26.67 15.17 -23.09
C GLY F 230 26.53 14.01 -24.04
N ALA F 231 25.47 13.98 -24.84
CA ALA F 231 25.30 12.92 -25.82
C ALA F 231 26.33 13.04 -26.93
N VAL F 232 26.56 14.26 -27.43
CA VAL F 232 27.62 14.51 -28.40
C VAL F 232 28.95 14.03 -27.85
N LEU F 233 29.27 14.42 -26.64
CA LEU F 233 30.47 13.93 -25.99
C LEU F 233 30.48 12.40 -25.99
N PHE F 234 29.33 11.78 -25.70
CA PHE F 234 29.27 10.33 -25.75
C PHE F 234 29.66 9.84 -27.14
N TRP F 235 29.15 10.50 -28.17
CA TRP F 235 29.42 10.05 -29.52
C TRP F 235 30.89 10.18 -29.87
N VAL F 236 31.58 11.19 -29.33
CA VAL F 236 32.99 11.42 -29.66
C VAL F 236 33.88 10.49 -28.85
N ARG F 237 33.54 10.26 -27.59
CA ARG F 237 34.37 9.40 -26.76
C ARG F 237 34.13 7.91 -26.98
N GLU F 238 33.01 7.52 -27.59
CA GLU F 238 32.82 6.10 -27.86
C GLU F 238 33.16 5.71 -29.30
N GLY F 239 33.09 6.64 -30.25
CA GLY F 239 33.42 6.34 -31.63
C GLY F 239 32.30 6.50 -32.64
N GLY F 240 32.62 7.16 -33.74
CA GLY F 240 31.64 7.49 -34.76
C GLY F 240 31.88 6.67 -36.02
N ASP F 241 32.44 5.48 -35.82
CA ASP F 241 32.69 4.53 -36.91
C ASP F 241 31.46 3.65 -37.13
N GLN F 242 30.89 3.72 -38.33
CA GLN F 242 29.76 2.86 -38.71
C GLN F 242 29.41 2.96 -40.19
C1 BOG G . 22.02 11.12 26.39
O1 BOG G . 22.00 10.04 25.57
C2 BOG G . 21.71 10.71 27.83
O2 BOG G . 20.73 11.61 28.45
C3 BOG G . 22.96 10.64 28.68
O3 BOG G . 24.00 9.82 28.11
C4 BOG G . 23.78 11.86 28.77
O4 BOG G . 23.39 12.63 29.92
C5 BOG G . 23.65 12.59 27.42
O5 BOG G . 23.40 11.65 26.30
C6 BOG G . 24.91 13.32 27.17
O6 BOG G . 25.71 13.18 28.29
C1' BOG G . 20.76 9.46 25.26
C2' BOG G . 20.94 8.02 24.71
C3' BOG G . 19.74 7.19 25.19
C4' BOG G . 19.82 5.72 24.76
C5' BOG G . 20.00 5.54 23.24
C6' BOG G . 21.48 5.33 22.90
C7' BOG G . 21.82 3.86 22.77
C8' BOG G . 22.16 3.55 21.32
H1 BOG G . 21.39 11.79 26.08
H2 BOG G . 21.32 9.82 27.82
HO2 BOG G . 19.96 11.44 28.14
H3 BOG G . 22.74 10.33 29.57
HO3 BOG G . 24.52 9.54 28.72
H4 BOG G . 24.71 11.59 28.88
HO4 BOG G . 23.88 12.43 30.58
H5 BOG G . 22.90 13.21 27.47
H61 BOG G . 25.35 12.95 26.39
H62 BOG G . 24.71 14.26 27.02
HO6 BOG G . 26.51 13.42 28.11
H1'1 BOG G . 20.22 9.43 26.06
H1'2 BOG G . 20.32 10.00 24.59
H2'1 BOG G . 21.76 7.64 25.06
H2'2 BOG G . 20.96 8.04 23.74
H3'1 BOG G . 19.69 7.23 26.16
H3'2 BOG G . 18.93 7.57 24.83
H4'1 BOG G . 19.00 5.27 25.03
H4'2 BOG G . 20.56 5.30 25.21
H5'1 BOG G . 19.67 6.34 22.79
H5'2 BOG G . 19.49 4.77 22.94
H6'1 BOG G . 21.68 5.78 22.06
H6'2 BOG G . 22.02 5.72 23.60
H7'1 BOG G . 21.07 3.32 23.05
H7'2 BOG G . 22.59 3.65 23.34
H8'1 BOG G . 22.27 2.59 21.22
H8'2 BOG G . 22.99 3.99 21.08
H8'3 BOG G . 21.45 3.86 20.75
C1 BOG H . 20.40 -7.56 17.72
O1 BOG H . 21.23 -6.69 18.36
C2 BOG H . 20.84 -9.04 17.82
O2 BOG H . 22.07 -9.30 17.05
C3 BOG H . 19.75 -9.96 17.34
O3 BOG H . 20.08 -11.33 17.72
C4 BOG H . 18.38 -9.60 17.91
O4 BOG H . 17.26 -10.30 17.34
C5 BOG H . 18.10 -8.13 17.61
O5 BOG H . 19.07 -7.33 18.33
C6 BOG H . 16.73 -7.74 18.01
O6 BOG H . 16.69 -6.34 17.80
C1' BOG H . 20.86 -5.32 18.38
C2' BOG H . 21.96 -4.57 19.15
C3' BOG H . 21.85 -3.08 18.92
C4' BOG H . 22.67 -2.50 20.06
C5' BOG H . 22.61 -0.99 20.00
C6' BOG H . 24.00 -0.39 20.21
C7' BOG H . 24.66 -0.82 21.51
C8' BOG H . 24.13 0.17 22.52
H1 BOG H . 20.36 -7.31 16.78
H2 BOG H . 21.02 -9.24 18.74
HO2 BOG H . 22.72 -9.43 17.60
H3 BOG H . 19.70 -9.90 16.37
HO3 BOG H . 20.21 -11.80 17.02
H4 BOG H . 18.39 -9.74 18.87
HO4 BOG H . 17.16 -11.03 17.76
H5 BOG H . 18.22 -7.98 16.65
H61 BOG H . 16.07 -8.18 17.46
H62 BOG H . 16.59 -7.94 18.95
HO6 BOG H . 15.91 -6.07 17.95
H1'1 BOG H . 20.81 -4.98 17.48
H1'2 BOG H . 20.01 -5.22 18.83
H2'1 BOG H . 22.83 -4.88 18.84
H2'2 BOG H . 21.87 -4.76 20.09
H3'1 BOG H . 22.22 -2.83 18.06
H3'2 BOG H . 20.92 -2.79 18.99
H4'1 BOG H . 23.59 -2.79 19.97
H4'2 BOG H . 22.32 -2.81 20.91
H5'1 BOG H . 22.27 -0.71 19.14
H5'2 BOG H . 22.02 -0.66 20.70
H6'1 BOG H . 24.57 -0.67 19.47
H6'2 BOG H . 23.94 0.57 20.19
H7'1 BOG H . 24.37 -1.72 21.74
H7'2 BOG H . 25.62 -0.77 21.45
H8'1 BOG H . 23.18 0.04 22.65
H8'2 BOG H . 24.59 0.05 23.36
H8'3 BOG H . 24.29 1.07 22.20
C1 BOG I . 17.76 19.55 18.73
O1 BOG I . 16.52 20.07 18.49
C2 BOG I . 18.83 20.55 18.32
O2 BOG I . 18.52 20.99 16.98
C3 BOG I . 20.13 19.85 18.36
O3 BOG I . 21.22 20.69 17.89
C4 BOG I . 20.42 19.35 19.75
O4 BOG I . 21.57 18.50 19.68
C5 BOG I . 19.26 18.53 20.36
O5 BOG I . 17.94 19.20 20.17
C6 BOG I . 19.54 18.28 21.81
O6 BOG I . 18.39 17.85 22.50
C1' BOG I . 15.65 19.31 17.69
C2' BOG I . 14.38 18.97 18.48
C3' BOG I . 13.55 18.01 17.64
C4' BOG I . 12.19 17.87 18.32
C5' BOG I . 11.29 16.90 17.53
C6' BOG I . 11.16 17.42 16.09
C7' BOG I . 9.92 16.94 15.33
C8' BOG I . 9.66 15.43 15.43
H1 BOG I . 17.87 18.75 18.21
H2 BOG I . 18.83 21.30 18.93
HO2 BOG I . 17.82 21.47 17.00
H3 BOG I . 20.07 19.07 17.79
HO3 BOG I . 21.06 20.94 17.09
H4 BOG I . 20.61 20.11 20.33
HO4 BOG I . 22.27 18.98 19.55
H5 BOG I . 19.22 17.68 19.91
H61 BOG I . 19.86 19.10 22.22
H62 BOG I . 20.23 17.61 21.90
HO6 BOG I . 18.43 17.00 22.60
H1'1 BOG I . 16.09 18.49 17.42
H1'2 BOG I . 15.40 19.81 16.89
H2'1 BOG I . 13.87 19.78 18.66
H2'2 BOG I . 14.62 18.54 19.32
H3'1 BOG I . 13.43 18.36 16.74
H3'2 BOG I . 13.98 17.14 17.59
H4'1 BOG I . 12.32 17.53 19.21
H4'2 BOG I . 11.76 18.74 18.36
H5'1 BOG I . 11.68 16.02 17.52
H5'2 BOG I . 10.41 16.87 17.94
H6'1 BOG I . 11.95 17.12 15.59
H6'2 BOG I . 11.15 18.39 16.11
H7'1 BOG I . 10.02 17.18 14.39
H7'2 BOG I . 9.14 17.41 15.68
H8'1 BOG I . 8.98 15.67 14.78
H8'2 BOG I . 9.73 15.65 16.37
H8'3 BOG I . 8.90 14.94 15.78
C1 BOG J . 21.56 16.47 26.33
O1 BOG J . 22.08 16.09 25.10
C2 BOG J . 22.45 17.52 27.03
O2 BOG J . 23.74 16.94 27.32
C3 BOG J . 21.83 18.01 28.32
O3 BOG J . 22.64 19.10 28.91
C4 BOG J . 20.40 18.46 28.13
O4 BOG J . 19.82 18.83 29.40
C5 BOG J . 19.57 17.33 27.47
O5 BOG J . 20.16 17.00 26.14
C6 BOG J . 18.11 17.67 27.31
O6 BOG J . 17.23 16.61 27.68
C1' BOG J . 21.12 15.63 24.14
C2' BOG J . 20.25 14.51 24.73
C3' BOG J . 19.19 14.05 23.72
C4' BOG J . 19.46 12.59 23.34
C5' BOG J . 18.30 12.03 22.49
C6' BOG J . 18.51 10.52 22.30
C7' BOG J . 17.24 9.85 21.82
C8' BOG J . 17.37 8.32 21.91
H1 BOG J . 21.52 15.69 26.89
H2 BOG J . 22.57 18.27 26.44
HO2 BOG J . 24.35 17.41 26.98
H3 BOG J . 21.83 17.27 28.94
HO3 BOG J . 22.85 19.66 28.31
H4 BOG J . 20.38 19.23 27.54
HO4 BOG J . 19.71 19.67 29.43
H5 BOG J . 19.65 16.54 28.03
H61 BOG J . 17.90 18.44 27.86
H62 BOG J . 17.94 17.89 26.38
HO6 BOG J . 16.44 16.81 27.47
H1'1 BOG J . 20.56 16.37 23.88
H1'2 BOG J . 21.60 15.30 23.37
H2'1 BOG J . 19.80 14.84 25.53
H2'2 BOG J . 20.81 13.76 24.97
H3'1 BOG J . 19.25 14.61 22.92
H3'2 BOG J . 18.31 14.13 24.10
H4'1 BOG J . 19.54 12.06 24.15
H4'2 BOG J . 20.28 12.53 22.83
H5'1 BOG J . 18.28 12.47 21.63
H5'2 BOG J . 17.45 12.19 22.96
H6'1 BOG J . 19.21 10.39 21.64
H6'2 BOG J . 18.78 10.13 23.15
H7'1 BOG J . 16.49 10.14 22.37
H7'2 BOG J . 17.07 10.09 20.90
H8'1 BOG J . 18.18 8.04 21.45
H8'2 BOG J . 16.59 7.92 21.50
H8'3 BOG J . 17.41 8.06 22.85
C1 BOG K . 34.68 12.79 15.50
O1 BOG K . 33.62 13.08 14.69
C2 BOG K . 35.80 13.80 15.21
O2 BOG K . 36.34 13.54 13.89
C3 BOG K . 36.92 13.70 16.21
O3 BOG K . 37.82 14.84 16.04
C4 BOG K . 36.48 13.65 17.64
O4 BOG K . 37.61 13.27 18.45
C5 BOG K . 35.37 12.62 17.86
O5 BOG K . 34.24 12.84 16.94
C6 BOG K . 34.91 12.61 19.29
O6 BOG K . 34.05 13.68 19.64
C1' BOG K . 33.06 11.94 14.07
C2' BOG K . 32.16 11.18 15.06
C3' BOG K . 31.34 10.11 14.31
C4' BOG K . 30.37 10.79 13.35
C5' BOG K . 29.72 9.70 12.52
C6' BOG K . 28.36 9.32 13.10
C7' BOG K . 28.39 7.98 13.79
C8' BOG K . 27.41 7.12 13.02
H1 BOG K . 35.00 11.90 15.30
H2 BOG K . 35.44 14.69 15.24
HO2 BOG K . 36.17 14.19 13.38
H3 BOG K . 37.42 12.88 16.02
HO3 BOG K . 38.39 14.66 15.45
H4 BOG K . 36.17 14.52 17.91
HO4 BOG K . 38.20 13.88 18.41
H5 BOG K . 35.74 11.74 17.67
H61 BOG K . 34.45 11.78 19.47
H62 BOG K . 35.69 12.66 19.87
HO6 BOG K . 33.97 13.73 20.48
H1'1 BOG K . 33.77 11.36 13.77
H1'2 BOG K . 32.54 12.22 13.30
H2'1 BOG K . 32.71 10.75 15.74
H2'2 BOG K . 31.54 11.80 15.49
H3'1 BOG K . 31.95 9.54 13.81
H3'2 BOG K . 30.86 9.57 14.95
H4'1 BOG K . 30.85 11.40 12.78
H4'2 BOG K . 29.70 11.26 13.86
H5'1 BOG K . 29.60 10.01 11.61
H5'2 BOG K . 30.29 8.91 12.52
H6'1 BOG K . 27.71 9.29 12.38
H6'2 BOG K . 28.09 10.00 13.75
H7'1 BOG K . 28.11 8.06 14.71
H7'2 BOG K . 29.28 7.59 13.74
H8'1 BOG K . 26.56 7.58 12.96
H8'2 BOG K . 27.75 6.96 12.13
H8'3 BOG K . 27.28 6.28 13.48
C1 BOG L . 31.18 4.02 31.64
O1 BOG L . 30.25 4.69 32.40
C2 BOG L . 32.07 5.00 30.82
O2 BOG L . 32.32 4.55 29.46
C3 BOG L . 33.37 5.16 31.53
O3 BOG L . 34.08 6.35 31.08
C4 BOG L . 33.14 5.27 33.00
O4 BOG L . 34.30 5.69 33.72
C5 BOG L . 32.71 3.93 33.60
O5 BOG L . 31.98 3.15 32.58
C6 BOG L . 31.87 4.23 34.80
O6 BOG L . 31.13 3.11 35.16
C1' BOG L . 29.18 3.94 32.98
C2' BOG L . 28.35 3.15 31.93
C3' BOG L . 26.87 3.09 32.33
C4' BOG L . 26.40 1.62 32.36
C5' BOG L . 24.86 1.45 32.32
C6' BOG L . 24.21 2.61 33.07
C7' BOG L . 22.83 2.28 33.63
C8' BOG L . 21.93 1.57 32.63
H1 BOG L . 30.72 3.45 31.02
H2 BOG L . 31.63 5.86 30.78
HO2 BOG L . 31.76 4.92 28.93
H3 BOG L . 33.92 4.38 31.36
HO3 BOG L . 34.90 6.16 30.96
H4 BOG L . 32.43 5.91 33.17
HO4 BOG L . 34.08 5.99 34.48
H5 BOG L . 33.51 3.44 33.88
H61 BOG L . 31.26 4.96 34.59
H62 BOG L . 32.44 4.50 35.54
HO6 BOG L . 31.50 2.73 35.84
H1'1 BOG L . 29.55 3.31 33.62
H1'2 BOG L . 28.58 4.56 33.44
H2'1 BOG L . 28.71 2.26 31.87
H2'2 BOG L . 28.44 3.59 31.07
H3'1 BOG L . 26.34 3.58 31.69
H3'2 BOG L . 26.75 3.48 33.21
H4'1 BOG L . 26.78 1.16 31.58
H4'2 BOG L . 26.74 1.20 33.16
H5'1 BOG L . 24.62 0.60 32.74
H5'2 BOG L . 24.55 1.44 31.40
H6'1 BOG L . 24.78 2.86 33.81
H6'2 BOG L . 24.14 3.36 32.47
H7'1 BOG L . 22.92 1.73 34.42
H7'2 BOG L . 22.40 3.12 33.89
H8'1 BOG L . 21.03 1.50 32.99
H8'2 BOG L . 22.29 0.68 32.46
H8'3 BOG L . 21.91 2.07 31.80
C1 BOG M . 31.48 -0.07 35.86
O1 BOG M . 30.21 -0.56 35.79
C2 BOG M . 32.13 -0.36 37.25
O2 BOG M . 31.31 -0.34 38.46
C3 BOG M . 33.63 -0.27 37.40
O3 BOG M . 34.16 -1.15 38.44
C4 BOG M . 34.36 -0.65 36.16
O4 BOG M . 35.70 -0.20 36.37
C5 BOG M . 33.70 -0.03 34.91
O5 BOG M . 32.34 -0.59 34.75
C6 BOG M . 34.47 -0.25 33.65
O6 BOG M . 33.62 0.16 32.62
C1' BOG M . 30.08 -1.96 35.83
C2' BOG M . 30.55 -2.58 34.49
C3' BOG M . 30.21 -1.71 33.25
C4' BOG M . 28.76 -1.16 33.30
C5' BOG M . 27.66 -2.14 33.79
C6' BOG M . 26.52 -2.26 32.77
C7' BOG M . 25.16 -2.28 33.43
C8' BOG M . 24.05 -2.52 32.42
H1 BOG M . 31.44 0.89 35.77
H2 BOG M . 32.14 0.60 37.35
HO2 BOG M . 31.27 -1.13 38.79
H3 BOG M . 33.85 0.65 37.61
HO3 BOG M . 34.24 -0.71 39.16
H4 BOG M . 34.36 -1.62 36.08
HO4 BOG M . 36.21 -0.87 36.53
H5 BOG M . 33.62 0.91 35.06
H61 BOG M . 34.69 -1.19 33.55
H62 BOG M . 35.27 0.28 33.66
HO6 BOG M . 33.93 -0.11 31.87
H1'1 BOG M . 30.62 -2.32 36.56
H1'2 BOG M . 29.15 -2.19 35.98
H2'1 BOG M . 31.51 -2.71 34.52
H2'2 BOG M . 30.12 -3.45 34.39
H3'1 BOG M . 30.83 -0.97 33.21
H3'2 BOG M . 30.31 -2.25 32.45
H4'1 BOG M . 28.76 -0.39 33.88
H4'2 BOG M . 28.52 -0.87 32.41
H5'1 BOG M . 27.30 -1.82 34.63
H5'2 BOG M . 28.05 -3.02 33.93
H6'1 BOG M . 26.57 -1.51 32.16
H6'2 BOG M . 26.63 -3.08 32.26
H7'1 BOG M . 25.16 -3.00 34.09
H7'2 BOG M . 25.02 -1.43 33.89
H8'1 BOG M . 23.19 -2.41 32.85
H8'2 BOG M . 24.12 -1.88 31.69
H8'3 BOG M . 24.12 -3.41 32.06
C1 BOG N . 2.89 -6.19 29.05
O1 BOG N . 2.19 -7.05 28.27
C2 BOG N . 2.04 -4.95 29.15
O2 BOG N . 1.99 -4.38 27.85
C3 BOG N . 2.59 -3.94 30.07
O3 BOG N . 1.82 -2.70 29.98
C4 BOG N . 2.54 -4.54 31.42
O4 BOG N . 2.84 -3.58 32.44
C5 BOG N . 3.54 -5.72 31.39
O5 BOG N . 3.20 -6.76 30.39
C6 BOG N . 3.53 -6.29 32.76
O6 BOG N . 4.01 -5.28 33.60
C1' BOG N . 2.73 -8.35 28.20
C2' BOG N . 1.69 -9.37 27.72
C3' BOG N . 1.14 -8.86 26.37
C4' BOG N . 0.34 -10.01 25.72
C5' BOG N . -1.11 -10.13 26.23
C6' BOG N . -1.88 -11.19 25.42
C7' BOG N . -2.14 -10.83 23.95
C8' BOG N . -2.87 -9.50 23.81
H1 BOG N . 3.73 -5.96 28.60
H2 BOG N . 1.15 -5.20 29.44
HO2 BOG N . 1.62 -4.92 27.32
H3 BOG N . 3.52 -3.77 29.83
HO3 BOG N . 1.88 -2.40 29.19
H4 BOG N . 1.65 -4.90 31.57
HO4 BOG N . 2.98 -2.82 32.08
H5 BOG N . 4.42 -5.36 31.19
H61 BOG N . 2.62 -6.53 33.01
H62 BOG N . 4.10 -7.07 32.80
HO6 BOG N . 3.76 -5.44 34.40
H1'1 BOG N . 3.48 -8.35 27.58
H1'2 BOG N . 3.05 -8.60 29.08
H2'1 BOG N . 2.10 -10.24 27.60
H2'2 BOG N . 0.97 -9.44 28.37
H3'1 BOG N . 0.56 -8.11 26.52
H3'2 BOG N . 1.87 -8.62 25.80
H4'1 BOG N . 0.32 -9.86 24.77
H4'2 BOG N . 0.79 -10.84 25.90
H5'1 BOG N . -1.55 -9.27 26.14
H5'2 BOG N . -1.10 -10.38 27.18
H6'1 BOG N . -1.38 -12.02 25.45
H6'2 BOG N . -2.74 -11.34 25.85
H7'1 BOG N . -1.29 -10.78 23.49
H7'2 BOG N . -2.68 -11.53 23.55
H8'1 BOG N . -3.12 -9.36 22.88
H8'2 BOG N . -2.29 -8.78 24.09
H8'3 BOG N . -3.67 -9.50 24.36
C1 BOG O . 24.85 -4.31 44.89
O1 BOG O . 24.98 -5.40 44.08
C2 BOG O . 25.37 -4.54 46.33
O2 BOG O . 24.59 -5.55 47.04
C3 BOG O . 25.31 -3.26 47.12
O3 BOG O . 25.83 -3.54 48.46
C4 BOG O . 26.05 -2.13 46.45
O4 BOG O . 25.73 -0.84 47.01
C5 BOG O . 25.58 -1.96 45.01
O5 BOG O . 25.61 -3.21 44.23
C6 BOG O . 26.42 -0.93 44.34
O6 BOG O . 25.94 -0.85 43.03
C1' BOG O . 24.26 -5.36 42.86
C2' BOG O . 23.79 -6.79 42.46
C3' BOG O . 24.45 -7.21 41.13
C4' BOG O . 23.71 -8.40 40.50
C5' BOG O . 24.60 -9.14 39.49
C6' BOG O . 23.94 -10.50 39.15
C7' BOG O . 24.93 -11.49 38.53
C8' BOG O . 24.23 -12.69 37.91
H1 BOG O . 23.91 -4.06 44.94
H2 BOG O . 26.29 -4.83 46.28
HO2 BOG O . 25.11 -6.17 47.28
H3 BOG O . 24.38 -3.01 47.20
HO3 BOG O . 25.22 -3.39 49.03
H4 BOG O . 27.00 -2.29 46.47
HO4 BOG O . 26.32 -0.64 47.59
H5 BOG O . 24.67 -1.64 45.03
H61 BOG O . 26.32 -0.07 44.79
H62 BOG O . 27.35 -1.20 44.35
HO6 BOG O . 26.44 -0.32 42.58
H1'1 BOG O . 23.49 -4.79 42.96
H1'2 BOG O . 24.83 -5.01 42.16
H2'1 BOG O . 24.05 -7.41 43.16
H2'2 BOG O . 22.83 -6.79 42.37
H3'1 BOG O . 25.37 -7.46 41.29
H3'2 BOG O . 24.42 -6.46 40.51
H4'1 BOG O . 23.45 -9.03 41.21
H4'2 BOG O . 22.91 -8.08 40.05
H5'1 BOG O . 24.68 -8.61 38.67
H5'2 BOG O . 25.47 -9.29 39.87
H6'1 BOG O . 23.58 -10.88 39.96
H6'2 BOG O . 23.22 -10.35 38.52
H7'1 BOG O . 25.45 -11.04 37.85
H7'2 BOG O . 25.54 -11.80 39.22
H8'1 BOG O . 23.71 -12.40 37.14
H8'2 BOG O . 23.62 -13.09 38.56
H8'3 BOG O . 24.88 -13.36 37.64
C1 BOG P . 12.72 -8.78 23.19
O1 BOG P . 12.91 -10.09 22.84
C2 BOG P . 14.07 -8.10 23.15
O2 BOG P . 14.77 -8.57 24.31
C3 BOG P . 14.00 -6.63 23.29
O3 BOG P . 15.33 -6.08 23.03
C4 BOG P . 12.99 -6.02 22.35
O4 BOG P . 12.97 -4.57 22.46
C5 BOG P . 11.61 -6.65 22.65
O5 BOG P . 11.68 -8.10 22.32
C6 BOG P . 10.50 -5.90 21.96
O6 BOG P . 9.24 -6.39 22.33
C1' BOG P . 12.16 -11.04 23.58
C2' BOG P . 11.64 -12.09 22.59
C3' BOG P . 11.63 -13.47 23.27
C4' BOG P . 11.44 -14.55 22.19
C5' BOG P . 10.24 -15.45 22.48
C6' BOG P . 10.02 -16.42 21.30
C7' BOG P . 10.05 -17.85 21.81
C8' BOG P . 9.56 -18.85 20.75
H1 BOG P . 12.40 -8.75 24.11
H2 BOG P . 14.55 -8.34 22.35
HO2 BOG P . 15.55 -8.85 24.09
H3 BOG P . 13.74 -6.41 24.19
HO3 BOG P . 15.48 -6.07 22.20
H4 BOG P . 13.24 -6.25 21.44
HO4 BOG P . 12.66 -4.23 21.74
H5 BOG P . 11.46 -6.58 23.61
H61 BOG P . 10.60 -5.99 21.00
H62 BOG P . 10.55 -4.96 22.19
HO6 BOG P . 8.75 -6.45 21.65
H1'1 BOG P . 11.41 -10.60 24.01
H1'2 BOG P . 12.72 -11.46 24.25
H2'1 BOG P . 10.74 -11.86 22.30
H2'2 BOG P . 12.22 -12.11 21.81
H3'1 BOG P . 10.91 -13.52 23.91
H3'2 BOG P . 12.48 -13.62 23.73
H4'1 BOG P . 11.31 -14.11 21.33
H4'2 BOG P . 12.24 -15.09 22.14
H5'1 BOG P . 9.44 -14.91 22.60
H5'2 BOG P . 10.40 -15.97 23.29
H6'1 BOG P . 10.73 -16.28 20.65
H6'2 BOG P . 9.17 -16.23 20.89
H7'1 BOG P . 9.49 -17.91 22.60
H7'2 BOG P . 10.96 -18.07 22.05
H8'1 BOG P . 8.69 -18.57 20.43
H8'2 BOG P . 9.48 -19.72 21.16
H8'3 BOG P . 10.19 -18.88 20.03
C1 BOG Q . 12.81 -9.29 29.54
O1 BOG Q . 14.15 -9.58 29.43
C2 BOG Q . 12.59 -7.96 30.29
O2 BOG Q . 12.98 -8.01 31.67
C3 BOG Q . 11.18 -7.54 30.35
O3 BOG Q . 11.13 -6.28 31.07
C4 BOG Q . 10.58 -7.44 28.99
O4 BOG Q . 9.21 -7.05 29.06
C5 BOG Q . 10.76 -8.79 28.25
O5 BOG Q . 12.18 -9.21 28.18
C6 BOG Q . 10.14 -8.73 26.89
O6 BOG Q . 11.02 -8.26 25.91
C1' BOG Q . 14.46 -10.50 28.39
C2' BOG Q . 15.86 -11.16 28.52
C3' BOG Q . 16.90 -10.37 27.67
C4' BOG Q . 18.30 -11.00 27.75
C5' BOG Q . 19.05 -10.91 26.39
C6' BOG Q . 20.11 -9.78 26.44
C7' BOG Q . 20.63 -9.31 25.07
C8' BOG Q . 20.62 -10.40 24.02
H1 BOG Q . 12.37 -10.00 30.04
H2 BOG Q . 13.10 -7.27 29.84
HO2 BOG Q . 13.79 -7.77 31.74
H3 BOG Q . 10.69 -8.21 30.86
HO3 BOG Q . 11.15 -6.43 31.91
H4 BOG Q . 11.08 -6.77 28.49
HO4 BOG Q . 9.15 -6.20 28.98
H5 BOG Q . 10.28 -9.47 28.77
H61 BOG Q . 9.37 -8.14 26.92
H62 BOG Q . 9.84 -9.62 26.64
HO6 BOG Q . 10.63 -8.29 25.15
H1'1 BOG Q . 13.79 -11.19 28.38
H1'2 BOG Q . 14.42 -10.02 27.54
H2'1 BOG Q . 15.81 -12.08 28.20
H2'2 BOG Q . 16.13 -11.15 29.44
H3'1 BOG Q . 16.93 -9.46 27.99
H3'2 BOG Q . 16.60 -10.37 26.74
H4'1 BOG Q . 18.23 -11.93 28.00
H4'2 BOG Q . 18.82 -10.53 28.42
H5'1 BOG Q . 19.49 -11.75 26.21
H5'2 BOG Q . 18.42 -10.71 25.69
H6'1 BOG Q . 19.73 -9.01 26.90
H6'2 BOG Q . 20.87 -10.10 26.96
H7'1 BOG Q . 20.08 -8.58 24.76
H7'2 BOG Q . 21.54 -8.99 25.18
H8'1 BOG Q . 21.07 -10.07 23.21
H8'2 BOG Q . 19.70 -10.63 23.79
H8'3 BOG Q . 21.08 -11.18 24.34
C1 BOG R . -10.35 -20.84 -8.40
O1 BOG R . -9.57 -20.86 -7.28
C2 BOG R . -11.84 -20.50 -8.17
O2 BOG R . -12.60 -20.97 -7.02
C3 BOG R . -12.67 -20.00 -9.31
O3 BOG R . -13.84 -19.28 -8.80
C4 BOG R . -11.91 -19.08 -10.22
O4 BOG R . -12.65 -19.01 -11.44
C5 BOG R . -10.52 -19.66 -10.57
O5 BOG R . -9.70 -19.89 -9.36
C6 BOG R . -9.82 -18.74 -11.54
O6 BOG R . -8.43 -18.96 -11.53
C1' BOG R . -9.52 -22.12 -6.67
C2' BOG R . -8.91 -21.98 -5.26
C3' BOG R . -7.45 -22.47 -5.36
C4' BOG R . -6.72 -22.08 -4.08
C5' BOG R . -6.15 -23.33 -3.39
C6' BOG R . -5.25 -22.92 -2.22
C7' BOG R . -4.99 -24.10 -1.28
C8' BOG R . -4.17 -23.65 -0.06
H1 BOG R . -10.31 -21.73 -8.80
H2 BOG R . -12.00 -21.38 -8.54
HO2 BOG R . -12.69 -20.34 -6.45
H3 BOG R . -12.98 -20.75 -9.82
HO3 BOG R . -13.60 -18.53 -8.49
H4 BOG R . -11.82 -18.21 -9.82
HO4 BOG R . -13.11 -18.28 -11.45
H5 BOG R . -10.66 -20.52 -11.00
H61 BOG R . -10.00 -17.82 -11.28
H62 BOG R . -10.17 -18.90 -12.43
HO6 BOG R . -8.16 -19.06 -12.34
H1'1 BOG R . -10.42 -22.48 -6.60
H1'2 BOG R . -8.97 -22.71 -7.19
H2'1 BOG R . -8.93 -21.05 -4.98
H2'2 BOG R . -9.41 -22.53 -4.63
H3'1 BOG R . -7.02 -22.05 -6.12
H3'2 BOG R . -7.44 -23.43 -5.46
H4'1 BOG R . -7.34 -21.64 -3.47
H4'2 BOG R . -6.00 -21.47 -4.29
H5'1 BOG R . -6.88 -23.88 -3.06
H5'2 BOG R . -5.63 -23.83 -4.03
H6'1 BOG R . -5.68 -22.21 -1.72
H6'2 BOG R . -4.40 -22.60 -2.55
H7'1 BOG R . -5.85 -24.45 -0.97
H7'2 BOG R . -4.52 -24.79 -1.75
H8'1 BOG R . -4.70 -23.05 0.48
H8'2 BOG R . -3.37 -23.20 -0.37
H8'3 BOG R . -3.92 -24.43 0.46
C1 BOG S . -11.61 -25.02 -9.51
O1 BOG S . -11.11 -25.07 -8.24
C2 BOG S . -10.56 -24.62 -10.57
O2 BOG S . -10.12 -23.28 -10.27
C3 BOG S . -11.08 -24.65 -11.97
O3 BOG S . -9.97 -24.57 -12.91
C4 BOG S . -11.87 -25.88 -12.28
O4 BOG S . -12.73 -25.76 -13.41
C5 BOG S . -12.83 -26.28 -11.15
O5 BOG S . -12.17 -26.37 -9.83
C6 BOG S . -13.40 -27.60 -11.50
O6 BOG S . -13.90 -28.06 -10.27
C1' BOG S . -12.11 -25.23 -7.24
C2' BOG S . -11.47 -25.16 -5.84
C3' BOG S . -10.30 -26.17 -5.74
C4' BOG S . -10.04 -26.48 -4.27
C5' BOG S . -11.02 -27.57 -3.77
C6' BOG S . -11.08 -27.63 -2.23
C7' BOG S . -10.06 -28.63 -1.70
C8' BOG S . -8.66 -28.21 -2.16
H1 BOG S . -12.33 -24.37 -9.54
H2 BOG S . -9.81 -25.23 -10.50
HO2 BOG S . -9.30 -23.30 -10.04
H3 BOG S . -11.65 -23.87 -12.10
HO3 BOG S . -9.99 -23.83 -13.31
H4 BOG S . -11.26 -26.61 -12.42
HO4 BOG S . -12.26 -25.72 -14.12
H5 BOG S . -13.54 -25.62 -11.11
H61 BOG S . -14.11 -27.50 -12.14
H62 BOG S . -12.70 -28.18 -11.83
HO6 BOG S . -14.06 -28.89 -10.34
H1'1 BOG S . -12.54 -26.09 -7.36
H1'2 BOG S . -12.77 -24.52 -7.34
H2'1 BOG S . -12.14 -25.38 -5.18
H2'2 BOG S . -11.14 -24.27 -5.68
H3'1 BOG S . -10.54 -26.98 -6.22
H3'2 BOG S . -9.51 -25.79 -6.15
H4'1 BOG S . -10.17 -25.68 -3.74
H4'2 BOG S . -9.13 -26.80 -4.16
H5'1 BOG S . -10.73 -28.43 -4.11
H5'2 BOG S . -11.90 -27.37 -4.11
H6'1 BOG S . -11.97 -27.91 -1.96
H6'2 BOG S . -10.89 -26.75 -1.87
H7'1 BOG S . -10.27 -29.51 -2.05
H7'2 BOG S . -10.10 -28.64 -0.74
H8'1 BOG S . -7.80 -28.66 -2.09
H8'2 BOG S . -8.82 -28.96 -2.76
H8'3 BOG S . -8.54 -28.18 -1.20
C1 BOG T . -24.71 -11.14 -6.78
O1 BOG T . -24.93 -10.11 -7.64
C2 BOG T . -24.06 -10.51 -5.56
O2 BOG T . -22.68 -10.18 -5.86
C3 BOG T . -24.12 -11.38 -4.35
O3 BOG T . -23.71 -10.59 -3.19
C4 BOG T . -25.48 -11.97 -4.11
O4 BOG T . -25.35 -13.05 -3.17
C5 BOG T . -26.17 -12.59 -5.33
O5 BOG T . -26.05 -11.78 -6.56
C6 BOG T . -27.62 -12.75 -5.00
O6 BOG T . -28.37 -12.69 -6.18
C1' BOG T . -25.64 -10.50 -8.78
C2' BOG T . -25.40 -9.48 -9.90
C3' BOG T . -26.11 -10.02 -11.14
C4' BOG T . -26.25 -8.88 -12.15
C5' BOG T . -25.95 -9.41 -13.55
C6' BOG T . -26.73 -8.56 -14.57
C7' BOG T . -27.37 -9.44 -15.64
C8' BOG T . -28.76 -8.90 -15.93
H1 BOG T . -24.10 -11.77 -7.19
H2 BOG T . -24.53 -9.69 -5.35
HO2 BOG T . -22.51 -9.40 -5.57
H3 BOG T . -23.48 -12.12 -4.47
HO3 BOG T . -23.00 -10.91 -2.86
H4 BOG T . -26.06 -11.29 -3.72
HO4 BOG T . -24.94 -12.78 -2.48
H5 BOG T . -25.78 -13.46 -5.50
H61 BOG T . -27.90 -12.04 -4.40
H62 BOG T . -27.75 -13.62 -4.58
HO6 BOG T . -28.94 -13.32 -6.19
H1'1 BOG T . -25.33 -11.38 -9.07
H1'2 BOG T . -26.59 -10.53 -8.57
H2'1 BOG T . -24.45 -9.38 -10.07
H2'2 BOG T . -25.78 -8.62 -9.65
H3'1 BOG T . -25.59 -10.73 -11.54
H3'2 BOG T . -26.98 -10.36 -10.91
H4'1 BOG T . -27.16 -8.53 -12.12
H4'2 BOG T . -25.63 -8.17 -11.92
H5'1 BOG T . -26.24 -10.33 -13.61
H5'2 BOG T . -25.00 -9.34 -13.73
H6'1 BOG T . -27.42 -8.07 -14.11
H6'2 BOG T . -26.11 -7.94 -15.00
H7'1 BOG T . -26.83 -9.41 -16.45
H7'2 BOG T . -27.42 -10.35 -15.32
H8'1 BOG T . -29.23 -9.51 -16.52
H8'2 BOG T . -29.25 -8.81 -15.09
H8'3 BOG T . -28.69 -8.03 -16.35
C1 BOG U . -26.87 -0.39 -2.77
O1 BOG U . -25.60 -0.89 -2.89
C2 BOG U . -27.88 -1.29 -3.53
O2 BOG U . -27.62 -1.45 -4.94
C3 BOG U . -29.24 -0.73 -3.40
O3 BOG U . -30.19 -1.69 -3.94
C4 BOG U . -29.58 -0.49 -1.97
O4 BOG U . -30.78 0.26 -1.92
C5 BOG U . -28.56 0.37 -1.25
O5 BOG U . -27.25 -0.28 -1.31
C6 BOG U . -29.04 0.70 0.15
O6 BOG U . -29.60 -0.37 0.88
C1' BOG U . -24.55 -0.18 -2.25
C2' BOG U . -23.26 -1.06 -2.18
C3' BOG U . -22.75 -1.41 -3.60
C4' BOG U . -21.48 -2.29 -3.56
C5' BOG U . -20.31 -1.63 -2.80
C6' BOG U . -19.94 -0.26 -3.41
C7' BOG U . -18.75 0.34 -2.68
C8' BOG U . -18.37 1.71 -3.24
H1 BOG U . -26.90 0.49 -3.16
H2 BOG U . -27.87 -2.17 -3.12
HO2 BOG U . -26.80 -1.60 -5.07
H3 BOG U . -29.29 0.11 -3.89
HO3 BOG U . -30.19 -1.64 -4.79
H4 BOG U . -29.70 -1.33 -1.51
HO4 BOG U . -31.42 -0.20 -2.24
H5 BOG U . -28.49 1.20 -1.73
H61 BOG U . -28.29 1.04 0.65
H62 BOG U . -29.71 1.39 0.08
HO6 BOG U . -29.39 -0.29 1.70
H1'1 BOG U . -24.83 0.06 -1.34
H1'2 BOG U . -24.35 0.63 -2.74
H2'1 BOG U . -23.47 -1.88 -1.70
H2'2 BOG U . -22.58 -0.58 -1.70
H3'1 BOG U . -22.55 -0.60 -4.07
H3'2 BOG U . -23.45 -1.89 -4.08
H4'1 BOG U . -21.19 -2.47 -4.47
H4'2 BOG U . -21.69 -3.13 -3.13
H5'1 BOG U . -19.54 -2.21 -2.83
H5'2 BOG U . -20.57 -1.50 -1.87
H6'1 BOG U . -19.70 -0.39 -4.35
H6'2 BOG U . -20.70 0.33 -3.35
H7'1 BOG U . -18.98 0.44 -1.74
H7'2 BOG U . -17.99 -0.26 -2.75
H8'1 BOG U . -18.23 1.63 -4.21
H8'2 BOG U . -17.54 2.01 -2.84
H8'3 BOG U . -19.07 2.35 -3.06
C1 BOG V . -44.67 -22.06 2.82
O1 BOG V . -44.06 -20.99 2.24
C2 BOG V . -44.06 -22.36 4.20
O2 BOG V . -42.67 -22.76 4.23
C3 BOG V . -44.68 -23.51 4.82
O3 BOG V . -43.81 -23.68 5.98
C4 BOG V . -46.12 -23.20 5.06
O4 BOG V . -46.73 -24.28 5.78
C5 BOG V . -46.77 -22.97 3.68
O5 BOG V . -46.14 -21.80 3.02
C6 BOG V . -48.25 -22.80 3.78
O6 BOG V . -48.75 -22.10 2.66
C1' BOG V . -44.68 -20.60 1.04
C2' BOG V . -43.85 -19.59 0.22
C3' BOG V . -42.49 -20.27 -0.05
C4' BOG V . -41.93 -20.01 -1.47
C5' BOG V . -42.96 -20.08 -2.62
C6' BOG V . -43.43 -18.68 -3.06
C7' BOG V . -43.53 -18.49 -4.58
C8' BOG V . -42.66 -17.31 -5.04
H1 BOG V . -44.56 -22.83 2.26
H2 BOG V . -44.17 -21.58 4.78
HO2 BOG V . -42.19 -22.09 4.38
H3 BOG V . -44.60 -24.28 4.24
HO3 BOG V . -43.48 -24.46 5.97
H4 BOG V . -46.19 -22.39 5.59
HO4 BOG V . -46.73 -24.11 6.61
H5 BOG V . -46.59 -23.74 3.14
H61 BOG V . -48.67 -23.67 3.82
H62 BOG V . -48.46 -22.29 4.59
HO6 BOG V . -49.56 -22.31 2.55
H1'1 BOG V . -44.82 -21.40 0.50
H1'2 BOG V . -45.54 -20.20 1.24
H2'1 BOG V . -43.72 -18.78 0.72
H2'2 BOG V . -44.30 -19.39 -0.61
H3'1 BOG V . -42.59 -21.22 0.07
H3'2 BOG V . -41.85 -19.94 0.59
H4'1 BOG V . -41.53 -19.12 -1.48
H4'2 BOG V . -41.24 -20.66 -1.64
H5'1 BOG V . -43.73 -20.60 -2.32
H5'2 BOG V . -42.56 -20.53 -3.38
H6'1 BOG V . -42.81 -18.02 -2.71
H6'2 BOG V . -44.31 -18.50 -2.67
H7'1 BOG V . -43.22 -19.31 -5.02
H7'2 BOG V . -44.45 -18.33 -4.82
H8'1 BOG V . -42.88 -16.53 -4.52
H8'2 BOG V . -41.72 -17.54 -4.92
H8'3 BOG V . -42.82 -17.14 -5.99
C1 BOG W . 28.17 22.88 -11.56
O1 BOG W . 27.40 21.98 -10.86
C2 BOG W . 28.86 23.81 -10.55
O2 BOG W . 29.97 24.58 -11.10
C3 BOG W . 29.34 22.93 -9.48
O3 BOG W . 28.15 22.65 -8.70
C4 BOG W . 29.99 21.71 -10.09
O4 BOG W . 31.17 21.41 -9.33
C5 BOG W . 30.36 21.90 -11.59
O5 BOG W . 29.16 22.16 -12.43
C6 BOG W . 31.10 20.71 -12.09
O6 BOG W . 31.64 21.04 -13.33
C1' BOG W . 26.61 21.19 -11.73
C2' BOG W . 25.45 20.43 -11.04
C3' BOG W . 24.33 21.45 -10.78
C4' BOG W . 22.99 20.78 -10.56
C5' BOG W . 22.02 21.90 -10.17
C6' BOG W . 20.60 21.38 -9.99
C7' BOG W . 19.66 22.55 -9.80
C8' BOG W . 18.40 21.95 -9.17
H1 BOG W . 27.59 23.42 -12.14
H2 BOG W . 28.21 24.42 -10.18
HO2 BOG W . 29.74 25.38 -11.19
H3 BOG W . 30.00 23.41 -8.93
HO3 BOG W . 27.85 23.37 -8.35
H4 BOG W . 29.36 20.96 -10.02
HO4 BOG W . 30.98 21.39 -8.50
H5 BOG W . 30.95 22.68 -11.65
H61 BOG W . 31.81 20.47 -11.46
H62 BOG W . 30.49 19.97 -12.19
HO6 BOG W . 31.93 21.84 -13.30
H1'1 BOG W . 26.23 21.76 -12.40
H1'2 BOG W . 27.19 20.54 -12.15
H2'1 BOG W . 25.13 19.72 -11.62
H2'2 BOG W . 25.76 20.06 -10.19
H3'1 BOG W . 24.27 22.04 -11.55
H3'2 BOG W . 24.56 21.98 -10.00
H4'1 BOG W . 23.05 20.12 -9.84
H4'2 BOG W . 22.68 20.35 -11.38
H5'1 BOG W . 22.32 22.28 -9.33
H5'2 BOG W . 22.03 22.57 -10.86
H6'1 BOG W . 20.34 20.88 -10.78
H6'2 BOG W . 20.57 20.80 -9.22
H7'1 BOG W . 19.45 22.95 -10.65
H7'2 BOG W . 20.05 23.20 -9.20
H8'1 BOG W . 18.09 21.22 -9.72
H8'2 BOG W . 17.71 22.63 -9.13
H8'3 BOG W . 18.61 21.64 -8.28
C1 BOG X . 28.05 15.65 -9.56
O1 BOG X . 27.57 15.25 -10.80
C2 BOG X . 29.01 14.52 -9.17
O2 BOG X . 28.20 13.35 -8.95
C3 BOG X . 29.80 14.92 -7.96
O3 BOG X . 30.66 13.81 -7.50
C4 BOG X . 30.59 16.18 -8.26
O4 BOG X . 31.40 16.47 -7.11
C5 BOG X . 29.71 17.40 -8.61
O5 BOG X . 28.60 17.10 -9.54
C6 BOG X . 30.56 18.43 -9.27
O6 BOG X . 31.35 19.09 -8.31
C1' BOG X . 26.68 16.20 -11.32
C2' BOG X . 25.83 15.73 -12.51
C3' BOG X . 25.01 17.01 -12.75
C4' BOG X . 23.97 16.79 -13.80
C5' BOG X . 23.29 18.14 -13.90
C6' BOG X . 22.58 17.96 -15.19
C7' BOG X . 21.81 19.18 -15.57
C8' BOG X . 21.19 18.68 -16.86
H1 BOG X . 27.31 15.63 -8.94
H2 BOG X . 29.62 14.36 -9.90
HO2 BOG X . 27.58 13.32 -9.53
H3 BOG X . 29.17 15.12 -7.25
HO3 BOG X . 30.21 13.10 -7.45
H4 BOG X . 31.18 15.99 -9.01
HO4 BOG X . 32.07 15.92 -7.09
H5 BOG X . 29.34 17.76 -7.79
H61 BOG X . 30.00 19.07 -9.72
H62 BOG X . 31.15 18.00 -9.92
HO6 BOG X . 31.05 18.90 -7.54
H1'1 BOG X . 26.07 16.47 -10.61
H1'2 BOG X . 27.17 16.98 -11.60
H2'1 BOG X . 26.38 15.51 -13.28
H2'2 BOG X . 25.25 14.99 -12.26
H3'1 BOG X . 25.61 17.72 -13.05
H3'2 BOG X . 24.59 17.28 -11.93
H4'1 BOG X . 23.34 16.11 -13.53
H4'2 BOG X . 24.38 16.55 -14.65
H5'1 BOG X . 23.94 18.86 -13.96
H5'2 BOG X . 22.67 18.28 -13.18
H6'1 BOG X . 21.97 17.20 -15.12
H6'2 BOG X . 23.23 17.76 -15.89
H7'1 BOG X . 22.40 19.93 -15.72
H7'2 BOG X . 21.13 19.38 -14.91
H8'1 BOG X . 21.90 18.34 -17.43
H8'2 BOG X . 20.57 17.98 -16.66
H8'3 BOG X . 20.75 19.41 -17.30
C1 BOG Y . -14.40 28.97 -19.63
O1 BOG Y . -13.20 28.83 -19.02
C2 BOG Y . -15.13 30.25 -19.24
O2 BOG Y . -15.18 30.42 -17.80
C3 BOG Y . -16.52 30.18 -19.79
O3 BOG Y . -17.24 31.40 -19.43
C4 BOG Y . -16.56 29.95 -21.28
O4 BOG Y . -17.91 29.58 -21.65
C5 BOG Y . -15.58 28.80 -21.71
O5 BOG Y . -14.24 28.98 -21.13
C6 BOG Y . -15.42 28.64 -23.20
O6 BOG Y . -14.53 27.60 -23.51
C1' BOG Y . -12.37 27.85 -19.64
C2' BOG Y . -11.01 27.92 -18.92
C3' BOG Y . -9.97 26.88 -19.45
C4' BOG Y . -8.50 27.31 -19.18
C5' BOG Y . -8.26 27.94 -17.78
C6' BOG Y . -8.09 26.84 -16.73
C7' BOG Y . -9.42 26.16 -16.42
C8' BOG Y . -9.27 25.14 -15.30
H1 BOG Y . -14.96 28.22 -19.39
H2 BOG Y . -14.67 31.01 -19.64
HO2 BOG Y . -14.41 30.58 -17.51
H3 BOG Y . -16.96 29.42 -19.37
HO3 BOG Y . -17.28 31.46 -18.57
H4 BOG Y . -16.31 30.76 -21.74
HO4 BOG Y . -18.42 30.24 -21.49
H5 BOG Y . -15.94 27.97 -21.36
H61 BOG Y . -15.08 29.48 -23.58
H62 BOG Y . -16.28 28.45 -23.60
HO6 BOG Y . -14.69 27.30 -24.28
H1'1 BOG Y . -12.27 28.06 -20.58
H1'2 BOG Y . -12.77 26.97 -19.52
H2'1 BOG Y . -10.64 28.81 -19.04
H2'2 BOG Y . -11.14 27.76 -17.98
H3'1 BOG Y . -10.13 26.03 -19.03
H3'2 BOG Y . -10.09 26.78 -20.42
H4'1 BOG Y . -8.23 27.96 -19.84
H4'2 BOG Y . -7.93 26.53 -19.26
H5'1 BOG Y . -9.02 28.49 -17.55
H5'2 BOG Y . -7.47 28.48 -17.82
H6'1 BOG Y . -7.73 27.23 -15.92
H6'2 BOG Y . -7.47 26.18 -17.06
H7'1 BOG Y . -10.06 26.84 -16.15
H7'2 BOG Y . -9.74 25.71 -17.22
H8'1 BOG Y . -10.10 24.64 -15.20
H8'2 BOG Y . -9.07 25.60 -14.46
H8'3 BOG Y . -8.55 24.52 -15.51
C1 BOG Z . 9.14 11.04 -23.98
O1 BOG Z . 9.20 10.53 -22.67
C2 BOG Z . 10.00 10.27 -24.99
O2 BOG Z . 11.31 9.95 -24.46
C3 BOG Z . 10.14 11.12 -26.22
O3 BOG Z . 10.92 10.41 -27.22
C4 BOG Z . 8.83 11.59 -26.80
O4 BOG Z . 9.07 12.76 -27.61
C5 BOG Z . 7.81 12.04 -25.74
O5 BOG Z . 7.77 11.11 -24.59
C6 BOG Z . 6.48 12.20 -26.39
O6 BOG Z . 5.58 12.72 -25.45
C1' BOG Z . 8.30 11.11 -21.72
C2' BOG Z . 8.96 12.03 -20.64
C3' BOG Z . 7.88 12.62 -19.69
C4' BOG Z . 8.31 13.99 -19.07
C5' BOG Z . 7.10 14.86 -18.61
C6' BOG Z . 7.58 16.08 -17.79
C7' BOG Z . 6.67 17.31 -17.97
C8' BOG Z . 7.02 18.47 -17.01
H1 BOG Z . 9.49 11.95 -23.95
H2 BOG Z . 9.54 9.45 -25.23
HO2 BOG Z . 11.35 9.11 -24.32
H3 BOG Z . 10.65 11.91 -25.96
HO3 BOG Z . 11.56 10.91 -27.49
H4 BOG Z . 8.45 10.89 -27.33
HO4 BOG Z . 8.87 12.58 -28.43
H5 BOG Z . 8.09 12.91 -25.40
H61 BOG Z . 6.15 11.33 -26.70
H62 BOG Z . 6.55 12.80 -27.14
HO6 BOG Z . 4.78 12.60 -25.72
H1'1 BOG Z . 7.64 11.63 -22.20
H1'2 BOG Z . 7.85 10.38 -21.26
H2'1 BOG Z . 9.44 12.75 -21.09
H2'2 BOG Z . 9.59 11.50 -20.12
H3'1 BOG Z . 7.07 12.76 -20.18
H3'2 BOG Z . 7.72 12.00 -18.97
H4'1 BOG Z . 8.88 13.81 -18.30
H4'2 BOG Z . 8.82 14.48 -19.72
H5'1 BOG Z . 6.52 14.32 -18.05
H5'2 BOG Z . 6.62 15.17 -19.38
H6'1 BOG Z . 8.48 16.32 -18.07
H6'2 BOG Z . 7.60 15.85 -16.84
H7'1 BOG Z . 6.75 17.63 -18.88
H7'2 BOG Z . 5.76 17.05 -17.81
H8'1 BOG Z . 7.89 18.83 -17.25
H8'2 BOG Z . 7.05 18.14 -16.10
H8'3 BOG Z . 6.35 19.16 -17.08
#